data_1ROW
# 
_entry.id   1ROW 
# 
_audit_conform.dict_name       mmcif_pdbx.dic 
_audit_conform.dict_version    5.376 
_audit_conform.dict_location   http://mmcif.pdb.org/dictionaries/ascii/mmcif_pdbx.dic 
# 
loop_
_database_2.database_id 
_database_2.database_code 
_database_2.pdbx_database_accession 
_database_2.pdbx_DOI 
PDB   1ROW         pdb_00001row 10.2210/pdb1row/pdb 
RCSB  RCSB020919   ?            ?                   
WWPDB D_1000020919 ?            ?                   
# 
loop_
_pdbx_database_related.db_name 
_pdbx_database_related.db_id 
_pdbx_database_related.details 
_pdbx_database_related.content_type 
PDB      1M1S    'Structure of WR4, a C. elegans MSP family member' unspecified 
TargetDB C55C2.2 .                                                  unspecified 
# 
_pdbx_database_status.status_code                     REL 
_pdbx_database_status.entry_id                        1ROW 
_pdbx_database_status.recvd_initial_deposition_date   2003-12-02 
_pdbx_database_status.deposit_site                    RCSB 
_pdbx_database_status.process_site                    RCSB 
_pdbx_database_status.SG_entry                        Y 
_pdbx_database_status.status_code_sf                  REL 
_pdbx_database_status.pdb_format_compatible           Y 
_pdbx_database_status.status_code_mr                  ? 
_pdbx_database_status.status_code_cs                  ? 
_pdbx_database_status.methods_development_category    ? 
_pdbx_database_status.status_code_nmr_data            ? 
# 
loop_
_audit_author.name 
_audit_author.pdbx_ordinal 
'Schormann, N.'                                           1  
'Symersky, J.'                                            2  
'Carson, M.'                                              3  
'Luo, M.'                                                 4  
'Lin, G.'                                                 5  
'Li, S.'                                                  6  
'Qiu, S.'                                                 7  
'Arabashi, A.'                                            8  
'Bunzel, B.'                                              9  
'Luo, D.'                                                 10 
'Nagy, L.'                                                11 
'Gray, R.'                                                12 
'Luan, C.-H.'                                             13 
'Zhang, J.'                                               14 
'Lu, S.'                                                  15 
'DeLucas, L.'                                             16 
'Southeast Collaboratory for Structural Genomics (SECSG)' 17 
# 
_citation.id                        primary 
_citation.title                     'Structure of sperm-specific protein SSP-19 from Caenorhabditis elegans.' 
_citation.journal_abbrev            'Acta Crystallogr.,Sect.D' 
_citation.journal_volume            60 
_citation.page_first                1840 
_citation.page_last                 1845 
_citation.year                      2004 
_citation.journal_id_ASTM           ABCRE6 
_citation.country                   DK 
_citation.journal_id_ISSN           0907-4449 
_citation.journal_id_CSD            0766 
_citation.book_publisher            ? 
_citation.pdbx_database_id_PubMed   15388931 
_citation.pdbx_database_id_DOI      10.1107/S0907444904017846 
# 
loop_
_citation_author.citation_id 
_citation_author.name 
_citation_author.ordinal 
_citation_author.identifier_ORCID 
primary 'Schormann, N.' 1 ? 
primary 'Symersky, J.'  2 ? 
primary 'Luo, M.'       3 ? 
# 
_cell.entry_id           1ROW 
_cell.length_a           52.354 
_cell.length_b           31.848 
_cell.length_c           55.577 
_cell.angle_alpha        90.00 
_cell.angle_beta         97.67 
_cell.angle_gamma        90.00 
_cell.Z_PDB              4 
_cell.pdbx_unique_axis   ? 
# 
_symmetry.entry_id                         1ROW 
_symmetry.space_group_name_H-M             'P 1 21 1' 
_symmetry.cell_setting                     monoclinic 
_symmetry.pdbx_full_space_group_name_H-M   ? 
_symmetry.Int_Tables_number                4 
_symmetry.space_group_name_Hall            ? 
# 
loop_
_entity.id 
_entity.type 
_entity.src_method 
_entity.pdbx_description 
_entity.formula_weight 
_entity.pdbx_number_of_molecules 
_entity.pdbx_ec 
_entity.pdbx_mutation 
_entity.pdbx_fragment 
_entity.details 
1 polymer man 'MSP-domain protein like family member' 11022.486 2   ? ? ? ? 
2 water   nat water                                   18.015    157 ? ? ? ? 
# 
_entity_name_com.entity_id   1 
_entity_name_com.name        'SSP-19; Sperm-Specific family, class P SSP-19; hypothetical protein C55C2.2' 
# 
_entity_poly.entity_id                      1 
_entity_poly.type                           'polypeptide(L)' 
_entity_poly.nstd_linkage                   no 
_entity_poly.nstd_monomer                   no 
_entity_poly.pdbx_seq_one_letter_code       
;MSLTADPPACTVPAAGVSSTHKLVNGGAEKIVFKIKSSNNNEYRIAPVFGFVDPSGSKDVVITRTAGAPKEDKLVVHFAS
APADATDAQAAFVAVAPAGTVTIPMSATA
;
_entity_poly.pdbx_seq_one_letter_code_can   
;MSLTADPPACTVPAAGVSSTHKLVNGGAEKIVFKIKSSNNNEYRIAPVFGFVDPSGSKDVVITRTAGAPKEDKLVVHFAS
APADATDAQAAFVAVAPAGTVTIPMSATA
;
_entity_poly.pdbx_strand_id                 A,B 
_entity_poly.pdbx_target_identifier         C55C2.2 
# 
loop_
_entity_poly_seq.entity_id 
_entity_poly_seq.num 
_entity_poly_seq.mon_id 
_entity_poly_seq.hetero 
1 1   MET n 
1 2   SER n 
1 3   LEU n 
1 4   THR n 
1 5   ALA n 
1 6   ASP n 
1 7   PRO n 
1 8   PRO n 
1 9   ALA n 
1 10  CYS n 
1 11  THR n 
1 12  VAL n 
1 13  PRO n 
1 14  ALA n 
1 15  ALA n 
1 16  GLY n 
1 17  VAL n 
1 18  SER n 
1 19  SER n 
1 20  THR n 
1 21  HIS n 
1 22  LYS n 
1 23  LEU n 
1 24  VAL n 
1 25  ASN n 
1 26  GLY n 
1 27  GLY n 
1 28  ALA n 
1 29  GLU n 
1 30  LYS n 
1 31  ILE n 
1 32  VAL n 
1 33  PHE n 
1 34  LYS n 
1 35  ILE n 
1 36  LYS n 
1 37  SER n 
1 38  SER n 
1 39  ASN n 
1 40  ASN n 
1 41  ASN n 
1 42  GLU n 
1 43  TYR n 
1 44  ARG n 
1 45  ILE n 
1 46  ALA n 
1 47  PRO n 
1 48  VAL n 
1 49  PHE n 
1 50  GLY n 
1 51  PHE n 
1 52  VAL n 
1 53  ASP n 
1 54  PRO n 
1 55  SER n 
1 56  GLY n 
1 57  SER n 
1 58  LYS n 
1 59  ASP n 
1 60  VAL n 
1 61  VAL n 
1 62  ILE n 
1 63  THR n 
1 64  ARG n 
1 65  THR n 
1 66  ALA n 
1 67  GLY n 
1 68  ALA n 
1 69  PRO n 
1 70  LYS n 
1 71  GLU n 
1 72  ASP n 
1 73  LYS n 
1 74  LEU n 
1 75  VAL n 
1 76  VAL n 
1 77  HIS n 
1 78  PHE n 
1 79  ALA n 
1 80  SER n 
1 81  ALA n 
1 82  PRO n 
1 83  ALA n 
1 84  ASP n 
1 85  ALA n 
1 86  THR n 
1 87  ASP n 
1 88  ALA n 
1 89  GLN n 
1 90  ALA n 
1 91  ALA n 
1 92  PHE n 
1 93  VAL n 
1 94  ALA n 
1 95  VAL n 
1 96  ALA n 
1 97  PRO n 
1 98  ALA n 
1 99  GLY n 
1 100 THR n 
1 101 VAL n 
1 102 THR n 
1 103 ILE n 
1 104 PRO n 
1 105 MET n 
1 106 SER n 
1 107 ALA n 
1 108 THR n 
1 109 ALA n 
# 
_entity_src_gen.entity_id                          1 
_entity_src_gen.pdbx_src_id                        1 
_entity_src_gen.pdbx_alt_source_flag               sample 
_entity_src_gen.pdbx_seq_type                      ? 
_entity_src_gen.pdbx_beg_seq_num                   ? 
_entity_src_gen.pdbx_end_seq_num                   ? 
_entity_src_gen.gene_src_common_name               ? 
_entity_src_gen.gene_src_genus                     Caenorhabditis 
_entity_src_gen.pdbx_gene_src_gene                 SSP-19 
_entity_src_gen.gene_src_species                   ? 
_entity_src_gen.gene_src_strain                    'BRISTOL N2 (Clone C55C2)' 
_entity_src_gen.gene_src_tissue                    ? 
_entity_src_gen.gene_src_tissue_fraction           ? 
_entity_src_gen.gene_src_details                   ? 
_entity_src_gen.pdbx_gene_src_fragment             ? 
_entity_src_gen.pdbx_gene_src_scientific_name      'Caenorhabditis elegans' 
_entity_src_gen.pdbx_gene_src_ncbi_taxonomy_id     6239 
_entity_src_gen.pdbx_gene_src_variant              ? 
_entity_src_gen.pdbx_gene_src_cell_line            ? 
_entity_src_gen.pdbx_gene_src_atcc                 ? 
_entity_src_gen.pdbx_gene_src_organ                ? 
_entity_src_gen.pdbx_gene_src_organelle            ? 
_entity_src_gen.pdbx_gene_src_cell                 SPERM 
_entity_src_gen.pdbx_gene_src_cellular_location    ? 
_entity_src_gen.host_org_common_name               ? 
_entity_src_gen.pdbx_host_org_scientific_name      'Escherichia coli BL21(DE3)' 
_entity_src_gen.pdbx_host_org_ncbi_taxonomy_id     469008 
_entity_src_gen.host_org_genus                     Escherichia 
_entity_src_gen.pdbx_host_org_gene                 ? 
_entity_src_gen.pdbx_host_org_organ                ? 
_entity_src_gen.host_org_species                   'Escherichia coli' 
_entity_src_gen.pdbx_host_org_tissue               ? 
_entity_src_gen.pdbx_host_org_tissue_fraction      ? 
_entity_src_gen.pdbx_host_org_strain               'BL21(DE3)' 
_entity_src_gen.pdbx_host_org_variant              ? 
_entity_src_gen.pdbx_host_org_cell_line            ? 
_entity_src_gen.pdbx_host_org_atcc                 ? 
_entity_src_gen.pdbx_host_org_culture_collection   ? 
_entity_src_gen.pdbx_host_org_cell                 ? 
_entity_src_gen.pdbx_host_org_organelle            ? 
_entity_src_gen.pdbx_host_org_cellular_location    ? 
_entity_src_gen.pdbx_host_org_vector_type          PLASMID 
_entity_src_gen.pdbx_host_org_vector               ? 
_entity_src_gen.host_org_details                   ? 
_entity_src_gen.expression_system_id               ? 
_entity_src_gen.plasmid_name                       pET28B 
_entity_src_gen.plasmid_details                    ? 
_entity_src_gen.pdbx_description                   ? 
# 
_struct_ref.id                         1 
_struct_ref.entity_id                  1 
_struct_ref.db_name                    UNP 
_struct_ref.db_code                    O01829_CAEEL 
_struct_ref.pdbx_db_accession          O01829 
_struct_ref.pdbx_align_begin           1 
_struct_ref.pdbx_seq_one_letter_code   
;MSLTADPPACTVPAAGVSSTHKLVNGGAEKIVFKIKSSNNNEYRIAPVFGFVDPSGSKDVVITRTAGAPKEDKLVVHFAS
APADATDAQAAFVAVAPAGTVTIPMSATA
;
_struct_ref.pdbx_db_isoform            ? 
# 
loop_
_struct_ref_seq.align_id 
_struct_ref_seq.ref_id 
_struct_ref_seq.pdbx_PDB_id_code 
_struct_ref_seq.pdbx_strand_id 
_struct_ref_seq.seq_align_beg 
_struct_ref_seq.pdbx_seq_align_beg_ins_code 
_struct_ref_seq.seq_align_end 
_struct_ref_seq.pdbx_seq_align_end_ins_code 
_struct_ref_seq.pdbx_db_accession 
_struct_ref_seq.db_align_beg 
_struct_ref_seq.pdbx_db_align_beg_ins_code 
_struct_ref_seq.db_align_end 
_struct_ref_seq.pdbx_db_align_end_ins_code 
_struct_ref_seq.pdbx_auth_seq_align_beg 
_struct_ref_seq.pdbx_auth_seq_align_end 
1 1 1ROW A 1 ? 109 ? O01829 1 ? 109 ? 1 109 
2 1 1ROW B 1 ? 109 ? O01829 1 ? 109 ? 1 109 
# 
loop_
_chem_comp.id 
_chem_comp.type 
_chem_comp.mon_nstd_flag 
_chem_comp.name 
_chem_comp.pdbx_synonyms 
_chem_comp.formula 
_chem_comp.formula_weight 
ALA 'L-peptide linking' y ALANINE         ? 'C3 H7 N O2'     89.093  
ARG 'L-peptide linking' y ARGININE        ? 'C6 H15 N4 O2 1' 175.209 
ASN 'L-peptide linking' y ASPARAGINE      ? 'C4 H8 N2 O3'    132.118 
ASP 'L-peptide linking' y 'ASPARTIC ACID' ? 'C4 H7 N O4'     133.103 
CYS 'L-peptide linking' y CYSTEINE        ? 'C3 H7 N O2 S'   121.158 
GLN 'L-peptide linking' y GLUTAMINE       ? 'C5 H10 N2 O3'   146.144 
GLU 'L-peptide linking' y 'GLUTAMIC ACID' ? 'C5 H9 N O4'     147.129 
GLY 'peptide linking'   y GLYCINE         ? 'C2 H5 N O2'     75.067  
HIS 'L-peptide linking' y HISTIDINE       ? 'C6 H10 N3 O2 1' 156.162 
HOH non-polymer         . WATER           ? 'H2 O'           18.015  
ILE 'L-peptide linking' y ISOLEUCINE      ? 'C6 H13 N O2'    131.173 
LEU 'L-peptide linking' y LEUCINE         ? 'C6 H13 N O2'    131.173 
LYS 'L-peptide linking' y LYSINE          ? 'C6 H15 N2 O2 1' 147.195 
MET 'L-peptide linking' y METHIONINE      ? 'C5 H11 N O2 S'  149.211 
PHE 'L-peptide linking' y PHENYLALANINE   ? 'C9 H11 N O2'    165.189 
PRO 'L-peptide linking' y PROLINE         ? 'C5 H9 N O2'     115.130 
SER 'L-peptide linking' y SERINE          ? 'C3 H7 N O3'     105.093 
THR 'L-peptide linking' y THREONINE       ? 'C4 H9 N O3'     119.119 
TYR 'L-peptide linking' y TYROSINE        ? 'C9 H11 N O3'    181.189 
VAL 'L-peptide linking' y VALINE          ? 'C5 H11 N O2'    117.146 
# 
_exptl.entry_id          1ROW 
_exptl.method            'X-RAY DIFFRACTION' 
_exptl.crystals_number   1 
# 
_exptl_crystal.id                    1 
_exptl_crystal.density_percent_sol   36.8 
_exptl_crystal.density_Matthews      1.96 
_exptl_crystal.density_meas          ? 
_exptl_crystal.description           ? 
_exptl_crystal.F_000                 ? 
_exptl_crystal.preparation           ? 
# 
_exptl_crystal_grow.crystal_id      1 
_exptl_crystal_grow.method          'VAPOR DIFFUSION, HANGING DROP' 
_exptl_crystal_grow.temp            295 
_exptl_crystal_grow.pH              5.6 
_exptl_crystal_grow.pdbx_details    
'1.7M lithium sulfate, 0.05M Mes, 0.1M magnesium chloride, pH 5.6, VAPOR DIFFUSION, HANGING DROP, temperature 295K' 
_exptl_crystal_grow.temp_details    ? 
_exptl_crystal_grow.pdbx_pH_range   . 
# 
_diffrn.id                     1 
_diffrn.ambient_temp           100 
_diffrn.ambient_temp_details   ? 
_diffrn.crystal_id             1 
# 
_diffrn_detector.diffrn_id              1 
_diffrn_detector.detector               'IMAGE PLATE' 
_diffrn_detector.type                   'RIGAKU RAXIS IV' 
_diffrn_detector.pdbx_collection_date   2003-10-24 
_diffrn_detector.details                'OSMIC MIRRORS' 
# 
_diffrn_radiation.diffrn_id                        1 
_diffrn_radiation.wavelength_id                    1 
_diffrn_radiation.pdbx_monochromatic_or_laue_m_l   M 
_diffrn_radiation.monochromator                    Graphite 
_diffrn_radiation.pdbx_diffrn_protocol             'SINGLE WAVELENGTH' 
_diffrn_radiation.pdbx_scattering_type             x-ray 
# 
_diffrn_radiation_wavelength.id           1 
_diffrn_radiation_wavelength.wavelength   1.5418 
_diffrn_radiation_wavelength.wt           1.0 
# 
_diffrn_source.diffrn_id                   1 
_diffrn_source.source                      'ROTATING ANODE' 
_diffrn_source.type                        'RIGAKU RU200' 
_diffrn_source.pdbx_synchrotron_site       ? 
_diffrn_source.pdbx_synchrotron_beamline   ? 
_diffrn_source.pdbx_wavelength             ? 
_diffrn_source.pdbx_wavelength_list        1.5418 
# 
_reflns.entry_id                     1ROW 
_reflns.observed_criterion_sigma_I   0.5 
_reflns.observed_criterion_sigma_F   ? 
_reflns.d_resolution_low             50.00 
_reflns.d_resolution_high            2.00 
_reflns.number_obs                   11037 
_reflns.number_all                   11037 
_reflns.percent_possible_obs         88.2 
_reflns.pdbx_Rmerge_I_obs            0.048 
_reflns.pdbx_Rsym_value              0.048 
_reflns.pdbx_netI_over_sigmaI        33.9 
_reflns.B_iso_Wilson_estimate        25.3 
_reflns.pdbx_redundancy              3.3 
_reflns.R_free_details               ? 
_reflns.limit_h_max                  ? 
_reflns.limit_h_min                  ? 
_reflns.limit_k_max                  ? 
_reflns.limit_k_min                  ? 
_reflns.limit_l_max                  ? 
_reflns.limit_l_min                  ? 
_reflns.observed_criterion_F_max     ? 
_reflns.observed_criterion_F_min     ? 
_reflns.pdbx_chi_squared             ? 
_reflns.pdbx_scaling_rejects         ? 
_reflns.pdbx_diffrn_id               1 
_reflns.pdbx_ordinal                 1 
# 
_reflns_shell.d_res_high             2.00 
_reflns_shell.d_res_low              2.07 
_reflns_shell.percent_possible_all   60.5 
_reflns_shell.Rmerge_I_obs           0.066 
_reflns_shell.pdbx_Rsym_value        0.066 
_reflns_shell.meanI_over_sigI_obs    ? 
_reflns_shell.pdbx_redundancy        2.5 
_reflns_shell.percent_possible_obs   ? 
_reflns_shell.number_unique_all      747 
_reflns_shell.number_measured_all    ? 
_reflns_shell.number_measured_obs    ? 
_reflns_shell.number_unique_obs      ? 
_reflns_shell.pdbx_chi_squared       ? 
_reflns_shell.pdbx_diffrn_id         ? 
_reflns_shell.pdbx_ordinal           1 
# 
_refine.entry_id                                 1ROW 
_refine.ls_number_reflns_obs                     11037 
_refine.ls_number_reflns_all                     11037 
_refine.pdbx_ls_sigma_I                          ? 
_refine.pdbx_ls_sigma_F                          1.0 
_refine.pdbx_data_cutoff_high_absF               525587.12 
_refine.pdbx_data_cutoff_low_absF                0.000000 
_refine.pdbx_data_cutoff_high_rms_absF           ? 
_refine.ls_d_res_low                             19.56 
_refine.ls_d_res_high                            2.00 
_refine.ls_percent_reflns_obs                    85.9 
_refine.ls_R_factor_obs                          0.225 
_refine.ls_R_factor_all                          0.238 
_refine.ls_R_factor_R_work                       0.225 
_refine.ls_R_factor_R_free                       0.274 
_refine.ls_R_factor_R_free_error                 0.012 
_refine.ls_R_factor_R_free_error_details         ? 
_refine.ls_percent_reflns_R_free                 5.2 
_refine.ls_number_reflns_R_free                  560 
_refine.ls_number_parameters                     ? 
_refine.ls_number_restraints                     ? 
_refine.occupancy_min                            ? 
_refine.occupancy_max                            ? 
_refine.correlation_coeff_Fo_to_Fc               ? 
_refine.correlation_coeff_Fo_to_Fc_free          ? 
_refine.B_iso_mean                               26.9 
_refine.aniso_B[1][1]                            -8.10 
_refine.aniso_B[2][2]                            -8.84 
_refine.aniso_B[3][3]                            16.94 
_refine.aniso_B[1][2]                            0.00 
_refine.aniso_B[1][3]                            -4.09 
_refine.aniso_B[2][3]                            0.00 
_refine.solvent_model_details                    'FLAT MODEL' 
_refine.solvent_model_param_ksol                 0.363445 
_refine.solvent_model_param_bsol                 53.6843 
_refine.pdbx_solvent_vdw_probe_radii             ? 
_refine.pdbx_solvent_ion_probe_radii             ? 
_refine.pdbx_solvent_shrinkage_radii             ? 
_refine.pdbx_ls_cross_valid_method               THROUGHOUT 
_refine.details                                  
'In initial stages restrained NCS was used, but later the two monomers were refined independently' 
_refine.pdbx_starting_model                      'Homology model (Swiss Model)based on PDB Entry 1M1S' 
_refine.pdbx_method_to_determine_struct          'MOLECULAR REPLACEMENT' 
_refine.pdbx_isotropic_thermal_model             RESTRAINED 
_refine.pdbx_stereochemistry_target_values       'Engh & Huber' 
_refine.pdbx_stereochem_target_val_spec_case     ? 
_refine.pdbx_R_Free_selection_details            RANDOM 
_refine.pdbx_overall_ESU_R                       ? 
_refine.pdbx_overall_ESU_R_Free                  ? 
_refine.overall_SU_ML                            ? 
_refine.overall_SU_B                             ? 
_refine.ls_redundancy_reflns_obs                 ? 
_refine.B_iso_min                                ? 
_refine.B_iso_max                                ? 
_refine.overall_SU_R_Cruickshank_DPI             ? 
_refine.overall_SU_R_free                        ? 
_refine.ls_wR_factor_R_free                      ? 
_refine.ls_wR_factor_R_work                      ? 
_refine.overall_FOM_free_R_set                   ? 
_refine.overall_FOM_work_R_set                   ? 
_refine.pdbx_refine_id                           'X-RAY DIFFRACTION' 
_refine.pdbx_diffrn_id                           1 
_refine.pdbx_TLS_residual_ADP_flag               ? 
_refine.pdbx_overall_phase_error                 ? 
_refine.pdbx_overall_SU_R_free_Cruickshank_DPI   ? 
_refine.pdbx_overall_SU_R_Blow_DPI               ? 
_refine.pdbx_overall_SU_R_free_Blow_DPI          ? 
# 
_refine_analyze.entry_id                        1ROW 
_refine_analyze.Luzzati_coordinate_error_obs    0.25 
_refine_analyze.Luzzati_sigma_a_obs             0.13 
_refine_analyze.Luzzati_d_res_low_obs           5.00 
_refine_analyze.Luzzati_coordinate_error_free   0.31 
_refine_analyze.Luzzati_sigma_a_free            0.26 
_refine_analyze.Luzzati_d_res_low_free          ? 
_refine_analyze.number_disordered_residues      ? 
_refine_analyze.occupancy_sum_hydrogen          ? 
_refine_analyze.occupancy_sum_non_hydrogen      ? 
_refine_analyze.pdbx_Luzzati_d_res_high_obs     ? 
_refine_analyze.pdbx_refine_id                  'X-RAY DIFFRACTION' 
# 
_refine_hist.pdbx_refine_id                   'X-RAY DIFFRACTION' 
_refine_hist.cycle_id                         LAST 
_refine_hist.pdbx_number_atoms_protein        1514 
_refine_hist.pdbx_number_atoms_nucleic_acid   0 
_refine_hist.pdbx_number_atoms_ligand         0 
_refine_hist.number_atoms_solvent             157 
_refine_hist.number_atoms_total               1671 
_refine_hist.d_res_high                       2.00 
_refine_hist.d_res_low                        19.56 
# 
loop_
_refine_ls_restr.type 
_refine_ls_restr.dev_ideal 
_refine_ls_restr.dev_ideal_target 
_refine_ls_restr.weight 
_refine_ls_restr.number 
_refine_ls_restr.pdbx_refine_id 
_refine_ls_restr.pdbx_restraint_function 
c_bond_d           0.006 ?    ? ? 'X-RAY DIFFRACTION' ? 
c_angle_deg        1.4   ?    ? ? 'X-RAY DIFFRACTION' ? 
c_dihedral_angle_d 28.3  ?    ? ? 'X-RAY DIFFRACTION' ? 
c_improper_angle_d 0.98  ?    ? ? 'X-RAY DIFFRACTION' ? 
c_mcbond_it        1.26  1.50 ? ? 'X-RAY DIFFRACTION' ? 
c_mcangle_it       1.73  2.00 ? ? 'X-RAY DIFFRACTION' ? 
c_scbond_it        2.12  2.00 ? ? 'X-RAY DIFFRACTION' ? 
c_scangle_it       2.81  2.50 ? ? 'X-RAY DIFFRACTION' ? 
# 
_refine_ls_shell.pdbx_total_number_of_bins_used   6 
_refine_ls_shell.d_res_high                       2.00 
_refine_ls_shell.d_res_low                        2.13 
_refine_ls_shell.number_reflns_R_work             1214 
_refine_ls_shell.R_factor_R_work                  0.237 
_refine_ls_shell.percent_reflns_obs               65.8 
_refine_ls_shell.R_factor_R_free                  0.315 
_refine_ls_shell.R_factor_R_free_error            0.042 
_refine_ls_shell.percent_reflns_R_free            4.4 
_refine_ls_shell.number_reflns_R_free             56 
_refine_ls_shell.number_reflns_obs                1214 
_refine_ls_shell.redundancy_reflns_obs            ? 
_refine_ls_shell.number_reflns_all                ? 
_refine_ls_shell.pdbx_refine_id                   'X-RAY DIFFRACTION' 
_refine_ls_shell.R_factor_all                     ? 
# 
loop_
_pdbx_xplor_file.serial_no 
_pdbx_xplor_file.param_file 
_pdbx_xplor_file.topol_file 
_pdbx_xplor_file.pdbx_refine_id 
1 PROTEIN_REP.PARAM PROTEIN.TOP 'X-RAY DIFFRACTION' 
2 WATER_REP.PARAM   WATER.TOP   'X-RAY DIFFRACTION' 
# 
_struct.entry_id                  1ROW 
_struct.title                     'Structure of SSP-19, an MSP-domain protein like family member in Caenorhabditis elegans' 
_struct.pdbx_model_details        ? 
_struct.pdbx_CASP_flag            ? 
_struct.pdbx_model_type_details   ? 
# 
_struct_keywords.entry_id        1ROW 
_struct_keywords.pdbx_keywords   'STRUCTURAL PROTEIN' 
_struct_keywords.text            
;BETA BARREL, Structural Genomics, PSI, Protein Structure Initiative, Southeast Collaboratory for Structural Genomics, SECSG, STRUCTURAL PROTEIN
;
# 
loop_
_struct_asym.id 
_struct_asym.pdbx_blank_PDB_chainid_flag 
_struct_asym.pdbx_modified 
_struct_asym.entity_id 
_struct_asym.details 
A N N 1 ? 
B N N 1 ? 
C N N 2 ? 
D N N 2 ? 
# 
loop_
_struct_biol.id 
_struct_biol.details 
_struct_biol.pdbx_parent_biol_id 
1 'The biological unit is a monomer' ? 
2 ?                                  ? 
# 
loop_
_struct_conf.conf_type_id 
_struct_conf.id 
_struct_conf.pdbx_PDB_helix_id 
_struct_conf.beg_label_comp_id 
_struct_conf.beg_label_asym_id 
_struct_conf.beg_label_seq_id 
_struct_conf.pdbx_beg_PDB_ins_code 
_struct_conf.end_label_comp_id 
_struct_conf.end_label_asym_id 
_struct_conf.end_label_seq_id 
_struct_conf.pdbx_end_PDB_ins_code 
_struct_conf.beg_auth_comp_id 
_struct_conf.beg_auth_asym_id 
_struct_conf.beg_auth_seq_id 
_struct_conf.end_auth_comp_id 
_struct_conf.end_auth_asym_id 
_struct_conf.end_auth_seq_id 
_struct_conf.pdbx_PDB_helix_class 
_struct_conf.details 
_struct_conf.pdbx_PDB_helix_length 
HELX_P HELX_P1 1 ASP A 87 ? VAL A 93 ? ASP A 87 VAL A 93 1 ? 7 
HELX_P HELX_P2 2 ASP B 87 ? ALA B 94 ? ASP B 87 ALA B 94 1 ? 8 
# 
_struct_conf_type.id          HELX_P 
_struct_conf_type.criteria    ? 
_struct_conf_type.reference   ? 
# 
loop_
_struct_mon_prot_cis.pdbx_id 
_struct_mon_prot_cis.label_comp_id 
_struct_mon_prot_cis.label_seq_id 
_struct_mon_prot_cis.label_asym_id 
_struct_mon_prot_cis.label_alt_id 
_struct_mon_prot_cis.pdbx_PDB_ins_code 
_struct_mon_prot_cis.auth_comp_id 
_struct_mon_prot_cis.auth_seq_id 
_struct_mon_prot_cis.auth_asym_id 
_struct_mon_prot_cis.pdbx_label_comp_id_2 
_struct_mon_prot_cis.pdbx_label_seq_id_2 
_struct_mon_prot_cis.pdbx_label_asym_id_2 
_struct_mon_prot_cis.pdbx_PDB_ins_code_2 
_struct_mon_prot_cis.pdbx_auth_comp_id_2 
_struct_mon_prot_cis.pdbx_auth_seq_id_2 
_struct_mon_prot_cis.pdbx_auth_asym_id_2 
_struct_mon_prot_cis.pdbx_PDB_model_num 
_struct_mon_prot_cis.pdbx_omega_angle 
1 ASP 6  A . ? ASP 6  A PRO 7  A ? PRO 7  A 1 0.00  
2 ALA 46 A . ? ALA 46 A PRO 47 A ? PRO 47 A 1 -0.13 
3 ASP 6  B . ? ASP 6  B PRO 7  B ? PRO 7  B 1 0.06  
4 ALA 46 B . ? ALA 46 B PRO 47 B ? PRO 47 B 1 0.07  
# 
loop_
_struct_sheet.id 
_struct_sheet.type 
_struct_sheet.number_strands 
_struct_sheet.details 
A ? 4 ? 
B ? 5 ? 
C ? 4 ? 
D ? 5 ? 
# 
loop_
_struct_sheet_order.sheet_id 
_struct_sheet_order.range_id_1 
_struct_sheet_order.range_id_2 
_struct_sheet_order.offset 
_struct_sheet_order.sense 
A 1 2 ? anti-parallel 
A 2 3 ? anti-parallel 
A 3 4 ? anti-parallel 
B 1 2 ? parallel      
B 2 3 ? anti-parallel 
B 3 4 ? anti-parallel 
B 4 5 ? anti-parallel 
C 1 2 ? anti-parallel 
C 2 3 ? anti-parallel 
C 3 4 ? anti-parallel 
D 1 2 ? parallel      
D 2 3 ? anti-parallel 
D 3 4 ? anti-parallel 
D 4 5 ? anti-parallel 
# 
loop_
_struct_sheet_range.sheet_id 
_struct_sheet_range.id 
_struct_sheet_range.beg_label_comp_id 
_struct_sheet_range.beg_label_asym_id 
_struct_sheet_range.beg_label_seq_id 
_struct_sheet_range.pdbx_beg_PDB_ins_code 
_struct_sheet_range.end_label_comp_id 
_struct_sheet_range.end_label_asym_id 
_struct_sheet_range.end_label_seq_id 
_struct_sheet_range.pdbx_end_PDB_ins_code 
_struct_sheet_range.beg_auth_comp_id 
_struct_sheet_range.beg_auth_asym_id 
_struct_sheet_range.beg_auth_seq_id 
_struct_sheet_range.end_auth_comp_id 
_struct_sheet_range.end_auth_asym_id 
_struct_sheet_range.end_auth_seq_id 
A 1 THR A 4  ? ASP A 6   ? THR A 4  ASP A 6   
A 2 VAL A 17 ? ASN A 25  ? VAL A 17 ASN A 25  
A 3 GLY A 56 ? ARG A 64  ? GLY A 56 ARG A 64  
A 4 TYR A 43 ? ALA A 46  ? TYR A 43 ALA A 46  
B 1 CYS A 10 ? PRO A 13  ? CYS A 10 PRO A 13  
B 2 GLY A 99 ? THR A 108 ? GLY A 99 THR A 108 
B 3 LYS A 70 ? SER A 80  ? LYS A 70 SER A 80  
B 4 ILE A 31 ? SER A 37  ? ILE A 31 SER A 37  
B 5 PHE A 49 ? VAL A 52  ? PHE A 49 VAL A 52  
C 1 THR B 4  ? ASP B 6   ? THR B 4  ASP B 6   
C 2 VAL B 17 ? VAL B 24  ? VAL B 17 VAL B 24  
C 3 SER B 57 ? ARG B 64  ? SER B 57 ARG B 64  
C 4 TYR B 43 ? ALA B 46  ? TYR B 43 ALA B 46  
D 1 CYS B 10 ? PRO B 13  ? CYS B 10 PRO B 13  
D 2 GLY B 99 ? THR B 108 ? GLY B 99 THR B 108 
D 3 LYS B 70 ? SER B 80  ? LYS B 70 SER B 80  
D 4 ILE B 31 ? SER B 37  ? ILE B 31 SER B 37  
D 5 PHE B 49 ? VAL B 52  ? PHE B 49 VAL B 52  
# 
loop_
_pdbx_struct_sheet_hbond.sheet_id 
_pdbx_struct_sheet_hbond.range_id_1 
_pdbx_struct_sheet_hbond.range_id_2 
_pdbx_struct_sheet_hbond.range_1_label_atom_id 
_pdbx_struct_sheet_hbond.range_1_label_comp_id 
_pdbx_struct_sheet_hbond.range_1_label_asym_id 
_pdbx_struct_sheet_hbond.range_1_label_seq_id 
_pdbx_struct_sheet_hbond.range_1_PDB_ins_code 
_pdbx_struct_sheet_hbond.range_1_auth_atom_id 
_pdbx_struct_sheet_hbond.range_1_auth_comp_id 
_pdbx_struct_sheet_hbond.range_1_auth_asym_id 
_pdbx_struct_sheet_hbond.range_1_auth_seq_id 
_pdbx_struct_sheet_hbond.range_2_label_atom_id 
_pdbx_struct_sheet_hbond.range_2_label_comp_id 
_pdbx_struct_sheet_hbond.range_2_label_asym_id 
_pdbx_struct_sheet_hbond.range_2_label_seq_id 
_pdbx_struct_sheet_hbond.range_2_PDB_ins_code 
_pdbx_struct_sheet_hbond.range_2_auth_atom_id 
_pdbx_struct_sheet_hbond.range_2_auth_comp_id 
_pdbx_struct_sheet_hbond.range_2_auth_asym_id 
_pdbx_struct_sheet_hbond.range_2_auth_seq_id 
A 1 2 N THR A 4   ? N THR A 4   O VAL A 24  ? O VAL A 24  
A 2 3 N SER A 19  ? N SER A 19  O ILE A 62  ? O ILE A 62  
A 3 4 O VAL A 61  ? O VAL A 61  N ALA A 46  ? N ALA A 46  
B 1 2 N CYS A 10  ? N CYS A 10  O PRO A 104 ? O PRO A 104 
B 2 3 O ILE A 103 ? O ILE A 103 N LEU A 74  ? N LEU A 74  
B 3 4 O VAL A 75  ? O VAL A 75  N LYS A 36  ? N LYS A 36  
B 4 5 N PHE A 33  ? N PHE A 33  O GLY A 50  ? O GLY A 50  
C 1 2 N THR B 4   ? N THR B 4   O VAL B 24  ? O VAL B 24  
C 2 3 N SER B 19  ? N SER B 19  O ILE B 62  ? O ILE B 62  
C 3 4 O VAL B 61  ? O VAL B 61  N ALA B 46  ? N ALA B 46  
D 1 2 N CYS B 10  ? N CYS B 10  O SER B 106 ? O SER B 106 
D 2 3 O MET B 105 ? O MET B 105 N ASP B 72  ? N ASP B 72  
D 3 4 O VAL B 75  ? O VAL B 75  N LYS B 36  ? N LYS B 36  
D 4 5 N ILE B 31  ? N ILE B 31  O VAL B 52  ? O VAL B 52  
# 
_atom_sites.entry_id                    1ROW 
_atom_sites.fract_transf_matrix[1][1]   0.00105115 
_atom_sites.fract_transf_matrix[1][2]   0.00363022 
_atom_sites.fract_transf_matrix[1][3]   -0.01889921 
_atom_sites.fract_transf_matrix[2][1]   0.02268043 
_atom_sites.fract_transf_matrix[2][2]   -0.02152307 
_atom_sites.fract_transf_matrix[2][3]   -0.00287277 
_atom_sites.fract_transf_matrix[3][1]   -0.01227188 
_atom_sites.fract_transf_matrix[3][2]   -0.01219817 
_atom_sites.fract_transf_matrix[3][3]   -0.00549633 
_atom_sites.fract_transf_vector[1]      0.259553 
_atom_sites.fract_transf_vector[2]      -0.031262 
_atom_sites.fract_transf_vector[3]      0.335992 
# 
loop_
_atom_type.symbol 
C 
N 
O 
S 
# 
loop_
_atom_site.group_PDB 
_atom_site.id 
_atom_site.type_symbol 
_atom_site.label_atom_id 
_atom_site.label_alt_id 
_atom_site.label_comp_id 
_atom_site.label_asym_id 
_atom_site.label_entity_id 
_atom_site.label_seq_id 
_atom_site.pdbx_PDB_ins_code 
_atom_site.Cartn_x 
_atom_site.Cartn_y 
_atom_site.Cartn_z 
_atom_site.occupancy 
_atom_site.B_iso_or_equiv 
_atom_site.pdbx_formal_charge 
_atom_site.auth_seq_id 
_atom_site.auth_comp_id 
_atom_site.auth_asym_id 
_atom_site.auth_atom_id 
_atom_site.pdbx_PDB_model_num 
ATOM   1    N N   . LEU A 1 3   ? 13.154  17.835  -8.570  1.00 31.92 ? 3   LEU A N   1 
ATOM   2    C CA  . LEU A 1 3   ? 12.848  17.227  -7.241  1.00 29.67 ? 3   LEU A CA  1 
ATOM   3    C C   . LEU A 1 3   ? 14.110  16.802  -6.501  1.00 28.27 ? 3   LEU A C   1 
ATOM   4    O O   . LEU A 1 3   ? 14.814  15.894  -6.929  1.00 28.82 ? 3   LEU A O   1 
ATOM   5    C CB  . LEU A 1 3   ? 11.945  16.009  -7.410  1.00 31.13 ? 3   LEU A CB  1 
ATOM   6    C CG  . LEU A 1 3   ? 11.578  15.299  -6.106  1.00 29.48 ? 3   LEU A CG  1 
ATOM   7    C CD1 . LEU A 1 3   ? 10.951  16.286  -5.137  1.00 30.51 ? 3   LEU A CD1 1 
ATOM   8    C CD2 . LEU A 1 3   ? 10.620  14.162  -6.409  1.00 33.31 ? 3   LEU A CD2 1 
ATOM   9    N N   . THR A 1 4   ? 14.386  17.457  -5.380  1.00 25.26 ? 4   THR A N   1 
ATOM   10   C CA  . THR A 1 4   ? 15.563  17.135  -4.596  1.00 23.21 ? 4   THR A CA  1 
ATOM   11   C C   . THR A 1 4   ? 15.199  16.725  -3.172  1.00 22.74 ? 4   THR A C   1 
ATOM   12   O O   . THR A 1 4   ? 14.066  16.881  -2.735  1.00 21.27 ? 4   THR A O   1 
ATOM   13   C CB  . THR A 1 4   ? 16.530  18.341  -4.531  1.00 22.02 ? 4   THR A CB  1 
ATOM   14   O OG1 . THR A 1 4   ? 15.834  19.482  -4.023  1.00 21.46 ? 4   THR A OG1 1 
ATOM   15   C CG2 . THR A 1 4   ? 17.067  18.674  -5.910  1.00 22.52 ? 4   THR A CG2 1 
ATOM   16   N N   . ALA A 1 5   ? 16.176  16.180  -2.458  1.00 22.68 ? 5   ALA A N   1 
ATOM   17   C CA  . ALA A 1 5   ? 15.985  15.777  -1.076  1.00 22.09 ? 5   ALA A CA  1 
ATOM   18   C C   . ALA A 1 5   ? 17.169  16.338  -0.303  1.00 23.14 ? 5   ALA A C   1 
ATOM   19   O O   . ALA A 1 5   ? 18.324  16.091  -0.649  1.00 23.12 ? 5   ALA A O   1 
ATOM   20   C CB  . ALA A 1 5   ? 15.947  14.269  -0.956  1.00 21.27 ? 5   ALA A CB  1 
ATOM   21   N N   . ASP A 1 6   ? 16.866  17.107  0.734   1.00 23.11 ? 6   ASP A N   1 
ATOM   22   C CA  . ASP A 1 6   ? 17.886  17.722  1.568   1.00 25.67 ? 6   ASP A CA  1 
ATOM   23   C C   . ASP A 1 6   ? 17.786  17.188  2.992   1.00 23.65 ? 6   ASP A C   1 
ATOM   24   O O   . ASP A 1 6   ? 16.840  17.503  3.711   1.00 23.00 ? 6   ASP A O   1 
ATOM   25   C CB  . ASP A 1 6   ? 17.703  19.238  1.560   1.00 28.68 ? 6   ASP A CB  1 
ATOM   26   C CG  . ASP A 1 6   ? 18.621  19.941  2.538   1.00 34.30 ? 6   ASP A CG  1 
ATOM   27   O OD1 . ASP A 1 6   ? 19.851  19.723  2.469   1.00 32.97 ? 6   ASP A OD1 1 
ATOM   28   O OD2 . ASP A 1 6   ? 18.105  20.715  3.373   1.00 37.23 ? 6   ASP A OD2 1 
ATOM   29   N N   . PRO A 1 7   ? 18.760  16.368  3.418   1.00 22.41 ? 7   PRO A N   1 
ATOM   30   C CA  . PRO A 1 7   ? 19.936  15.904  2.678   1.00 22.68 ? 7   PRO A CA  1 
ATOM   31   C C   . PRO A 1 7   ? 19.587  14.777  1.722   1.00 23.79 ? 7   PRO A C   1 
ATOM   32   O O   . PRO A 1 7   ? 18.557  14.118  1.872   1.00 22.54 ? 7   PRO A O   1 
ATOM   33   C CB  . PRO A 1 7   ? 20.879  15.399  3.775   1.00 23.92 ? 7   PRO A CB  1 
ATOM   34   C CG  . PRO A 1 7   ? 20.283  15.877  5.049   1.00 26.36 ? 7   PRO A CG  1 
ATOM   35   C CD  . PRO A 1 7   ? 18.806  15.847  4.785   1.00 22.41 ? 7   PRO A CD  1 
ATOM   36   N N   . PRO A 1 8   ? 20.461  14.532  0.737   1.00 24.13 ? 8   PRO A N   1 
ATOM   37   C CA  . PRO A 1 8   ? 20.325  13.498  -0.288  1.00 24.42 ? 8   PRO A CA  1 
ATOM   38   C C   . PRO A 1 8   ? 20.740  12.104  0.185   1.00 23.70 ? 8   PRO A C   1 
ATOM   39   O O   . PRO A 1 8   ? 20.582  11.127  -0.543  1.00 23.28 ? 8   PRO A O   1 
ATOM   40   C CB  . PRO A 1 8   ? 21.227  14.015  -1.398  1.00 24.70 ? 8   PRO A CB  1 
ATOM   41   C CG  . PRO A 1 8   ? 22.355  14.611  -0.613  1.00 23.72 ? 8   PRO A CG  1 
ATOM   42   C CD  . PRO A 1 8   ? 21.619  15.399  0.446   1.00 24.11 ? 8   PRO A CD  1 
ATOM   43   N N   . ALA A 1 9   ? 21.289  12.016  1.395   1.00 23.34 ? 9   ALA A N   1 
ATOM   44   C CA  . ALA A 1 9   ? 21.698  10.727  1.954   1.00 22.69 ? 9   ALA A CA  1 
ATOM   45   C C   . ALA A 1 9   ? 21.363  10.664  3.437   1.00 22.52 ? 9   ALA A C   1 
ATOM   46   O O   . ALA A 1 9   ? 21.357  11.684  4.119   1.00 23.31 ? 9   ALA A O   1 
ATOM   47   C CB  . ALA A 1 9   ? 23.192  10.502  1.744   1.00 20.99 ? 9   ALA A CB  1 
ATOM   48   N N   . CYS A 1 10  ? 21.078  9.460   3.928   1.00 21.94 ? 10  CYS A N   1 
ATOM   49   C CA  . CYS A 1 10  ? 20.732  9.250   5.333   1.00 19.97 ? 10  CYS A CA  1 
ATOM   50   C C   . CYS A 1 10  ? 21.780  8.416   6.068   1.00 20.30 ? 10  CYS A C   1 
ATOM   51   O O   . CYS A 1 10  ? 22.272  7.421   5.539   1.00 21.29 ? 10  CYS A O   1 
ATOM   52   C CB  . CYS A 1 10  ? 19.372  8.550   5.437   1.00 20.61 ? 10  CYS A CB  1 
ATOM   53   S SG  . CYS A 1 10  ? 19.001  7.855   7.081   1.00 23.59 ? 10  CYS A SG  1 
ATOM   54   N N   . THR A 1 11  ? 22.125  8.826   7.287   1.00 20.92 ? 11  THR A N   1 
ATOM   55   C CA  . THR A 1 11  ? 23.095  8.085   8.101   1.00 21.59 ? 11  THR A CA  1 
ATOM   56   C C   . THR A 1 11  ? 22.561  8.049   9.527   1.00 21.99 ? 11  THR A C   1 
ATOM   57   O O   . THR A 1 11  ? 22.472  9.081   10.189  1.00 22.80 ? 11  THR A O   1 
ATOM   58   C CB  . THR A 1 11  ? 24.492  8.760   8.120   1.00 23.00 ? 11  THR A CB  1 
ATOM   59   O OG1 . THR A 1 11  ? 24.386  10.069  8.697   1.00 26.01 ? 11  THR A OG1 1 
ATOM   60   C CG2 . THR A 1 11  ? 25.057  8.865   6.712   1.00 23.33 ? 11  THR A CG2 1 
ATOM   61   N N   . VAL A 1 12  ? 22.202  6.865   10.002  1.00 23.72 ? 12  VAL A N   1 
ATOM   62   C CA  . VAL A 1 12  ? 21.661  6.738   11.349  1.00 21.69 ? 12  VAL A CA  1 
ATOM   63   C C   . VAL A 1 12  ? 22.363  5.675   12.174  1.00 22.07 ? 12  VAL A C   1 
ATOM   64   O O   . VAL A 1 12  ? 23.027  4.789   11.639  1.00 23.42 ? 12  VAL A O   1 
ATOM   65   C CB  . VAL A 1 12  ? 20.172  6.365   11.313  1.00 23.28 ? 12  VAL A CB  1 
ATOM   66   C CG1 . VAL A 1 12  ? 19.347  7.527   10.774  1.00 23.83 ? 12  VAL A CG1 1 
ATOM   67   C CG2 . VAL A 1 12  ? 19.981  5.116   10.454  1.00 22.26 ? 12  VAL A CG2 1 
ATOM   68   N N   . PRO A 1 13  ? 22.239  5.760   13.504  1.00 22.10 ? 13  PRO A N   1 
ATOM   69   C CA  . PRO A 1 13  ? 22.884  4.748   14.339  1.00 21.41 ? 13  PRO A CA  1 
ATOM   70   C C   . PRO A 1 13  ? 22.115  3.435   14.130  1.00 21.96 ? 13  PRO A C   1 
ATOM   71   O O   . PRO A 1 13  ? 20.883  3.432   14.105  1.00 19.38 ? 13  PRO A O   1 
ATOM   72   C CB  . PRO A 1 13  ? 22.709  5.300   15.751  1.00 22.63 ? 13  PRO A CB  1 
ATOM   73   C CG  . PRO A 1 13  ? 22.633  6.815   15.529  1.00 22.56 ? 13  PRO A CG  1 
ATOM   74   C CD  . PRO A 1 13  ? 21.742  6.888   14.315  1.00 20.62 ? 13  PRO A CD  1 
ATOM   75   N N   . ALA A 1 14  ? 22.844  2.338   13.964  1.00 20.15 ? 14  ALA A N   1 
ATOM   76   C CA  . ALA A 1 14  ? 22.233  1.035   13.756  1.00 21.43 ? 14  ALA A CA  1 
ATOM   77   C C   . ALA A 1 14  ? 21.349  0.643   14.932  1.00 21.46 ? 14  ALA A C   1 
ATOM   78   O O   . ALA A 1 14  ? 20.351  -0.057  14.760  1.00 20.42 ? 14  ALA A O   1 
ATOM   79   C CB  . ALA A 1 14  ? 23.313  -0.018  13.541  1.00 21.58 ? 14  ALA A CB  1 
ATOM   80   N N   . ALA A 1 15  ? 21.715  1.100   16.129  1.00 20.51 ? 15  ALA A N   1 
ATOM   81   C CA  . ALA A 1 15  ? 20.946  0.792   17.332  1.00 20.75 ? 15  ALA A CA  1 
ATOM   82   C C   . ALA A 1 15  ? 19.622  1.550   17.414  1.00 20.59 ? 15  ALA A C   1 
ATOM   83   O O   . ALA A 1 15  ? 18.754  1.200   18.211  1.00 23.57 ? 15  ALA A O   1 
ATOM   84   C CB  . ALA A 1 15  ? 21.784  1.077   18.582  1.00 21.39 ? 15  ALA A CB  1 
ATOM   85   N N   . GLY A 1 16  ? 19.464  2.583   16.595  1.00 20.64 ? 16  GLY A N   1 
ATOM   86   C CA  . GLY A 1 16  ? 18.229  3.345   16.627  1.00 19.88 ? 16  GLY A CA  1 
ATOM   87   C C   . GLY A 1 16  ? 18.417  4.826   16.385  1.00 20.80 ? 16  GLY A C   1 
ATOM   88   O O   . GLY A 1 16  ? 19.453  5.396   16.741  1.00 19.94 ? 16  GLY A O   1 
ATOM   89   N N   . VAL A 1 17  ? 17.412  5.455   15.779  1.00 20.17 ? 17  VAL A N   1 
ATOM   90   C CA  . VAL A 1 17  ? 17.505  6.875   15.511  1.00 20.21 ? 17  VAL A CA  1 
ATOM   91   C C   . VAL A 1 17  ? 16.400  7.424   14.632  1.00 20.91 ? 17  VAL A C   1 
ATOM   92   O O   . VAL A 1 17  ? 15.408  6.747   14.343  1.00 17.90 ? 17  VAL A O   1 
ATOM   93   N N   . SER A 1 18  ? 16.585  8.668   14.202  1.00 17.82 ? 18  SER A N   1 
ATOM   94   C CA  . SER A 1 18  ? 15.614  9.348   13.358  1.00 16.61 ? 18  SER A CA  1 
ATOM   95   C C   . SER A 1 18  ? 16.346  10.317  12.431  1.00 18.22 ? 18  SER A C   1 
ATOM   96   O O   . SER A 1 18  ? 17.356  10.927  12.820  1.00 18.16 ? 18  SER A O   1 
ATOM   97   C CB  . SER A 1 18  ? 14.604  10.095  14.235  1.00 15.76 ? 18  SER A CB  1 
ATOM   98   O OG  . SER A 1 18  ? 13.713  10.876  13.459  1.00 17.87 ? 18  SER A OG  1 
ATOM   99   N N   . SER A 1 19  ? 15.839  10.451  11.207  1.00 17.36 ? 19  SER A N   1 
ATOM   100  C CA  . SER A 1 19  ? 16.437  11.334  10.211  1.00 19.10 ? 19  SER A CA  1 
ATOM   101  C C   . SER A 1 19  ? 15.342  12.018  9.395   1.00 19.83 ? 19  SER A C   1 
ATOM   102  O O   . SER A 1 19  ? 14.412  11.366  8.911   1.00 18.47 ? 19  SER A O   1 
ATOM   103  C CB  . SER A 1 19  ? 17.361  10.523  9.288   1.00 19.81 ? 19  SER A CB  1 
ATOM   104  O OG  . SER A 1 19  ? 18.007  11.341  8.327   1.00 21.50 ? 19  SER A OG  1 
ATOM   105  N N   . THR A 1 20  ? 15.454  13.336  9.254   1.00 19.15 ? 20  THR A N   1 
ATOM   106  C CA  . THR A 1 20  ? 14.470  14.121  8.514   1.00 19.11 ? 20  THR A CA  1 
ATOM   107  C C   . THR A 1 20  ? 15.026  14.659  7.206   1.00 20.85 ? 20  THR A C   1 
ATOM   108  O O   . THR A 1 20  ? 16.068  15.319  7.173   1.00 20.31 ? 20  THR A O   1 
ATOM   109  C CB  . THR A 1 20  ? 13.978  15.314  9.341   1.00 18.64 ? 20  THR A CB  1 
ATOM   110  O OG1 . THR A 1 20  ? 13.482  14.847  10.598  1.00 21.77 ? 20  THR A OG1 1 
ATOM   111  C CG2 . THR A 1 20  ? 12.874  16.061  8.600   1.00 20.21 ? 20  THR A CG2 1 
ATOM   112  N N   . HIS A 1 21  ? 14.311  14.388  6.124   1.00 19.79 ? 21  HIS A N   1 
ATOM   113  C CA  . HIS A 1 21  ? 14.731  14.835  4.809   1.00 21.07 ? 21  HIS A CA  1 
ATOM   114  C C   . HIS A 1 21  ? 13.637  15.687  4.186   1.00 22.19 ? 21  HIS A C   1 
ATOM   115  O O   . HIS A 1 21  ? 12.462  15.315  4.197   1.00 22.70 ? 21  HIS A O   1 
ATOM   116  C CB  . HIS A 1 21  ? 15.052  13.610  3.952   1.00 19.98 ? 21  HIS A CB  1 
ATOM   117  C CG  . HIS A 1 21  ? 16.113  12.740  4.550   1.00 19.73 ? 21  HIS A CG  1 
ATOM   118  N ND1 . HIS A 1 21  ? 17.423  12.764  4.124   1.00 18.80 ? 21  HIS A ND1 1 
ATOM   119  C CD2 . HIS A 1 21  ? 16.079  11.899  5.611   1.00 19.36 ? 21  HIS A CD2 1 
ATOM   120  C CE1 . HIS A 1 21  ? 18.151  11.979  4.899   1.00 20.60 ? 21  HIS A CE1 1 
ATOM   121  N NE2 . HIS A 1 21  ? 17.359  11.444  5.810   1.00 20.74 ? 21  HIS A NE2 1 
ATOM   122  N N   . LYS A 1 22  ? 14.025  16.844  3.660   1.00 23.69 ? 22  LYS A N   1 
ATOM   123  C CA  . LYS A 1 22  ? 13.068  17.756  3.044   1.00 26.71 ? 22  LYS A CA  1 
ATOM   124  C C   . LYS A 1 22  ? 13.005  17.577  1.534   1.00 26.87 ? 22  LYS A C   1 
ATOM   125  O O   . LYS A 1 22  ? 13.973  17.879  0.831   1.00 26.06 ? 22  LYS A O   1 
ATOM   126  C CB  . LYS A 1 22  ? 13.436  19.215  3.346   1.00 30.00 ? 22  LYS A CB  1 
ATOM   127  C CG  . LYS A 1 22  ? 13.564  19.562  4.818   1.00 36.73 ? 22  LYS A CG  1 
ATOM   128  C CD  . LYS A 1 22  ? 14.049  21.006  5.000   1.00 40.92 ? 22  LYS A CD  1 
ATOM   129  C CE  . LYS A 1 22  ? 14.341  21.328  6.466   1.00 43.25 ? 22  LYS A CE  1 
ATOM   130  N NZ  . LYS A 1 22  ? 14.873  22.719  6.649   1.00 44.71 ? 22  LYS A NZ  1 
ATOM   131  N N   . LEU A 1 23  ? 11.874  17.079  1.036   1.00 24.97 ? 23  LEU A N   1 
ATOM   132  C CA  . LEU A 1 23  ? 11.705  16.914  -0.403  1.00 24.63 ? 23  LEU A CA  1 
ATOM   133  C C   . LEU A 1 23  ? 11.423  18.307  -0.958  1.00 24.90 ? 23  LEU A C   1 
ATOM   134  O O   . LEU A 1 23  ? 10.527  19.009  -0.478  1.00 24.48 ? 23  LEU A O   1 
ATOM   135  C CB  . LEU A 1 23  ? 10.534  15.977  -0.715  1.00 26.64 ? 23  LEU A CB  1 
ATOM   136  C CG  . LEU A 1 23  ? 10.698  14.512  -0.292  1.00 27.56 ? 23  LEU A CG  1 
ATOM   137  C CD1 . LEU A 1 23  ? 9.516   13.700  -0.801  1.00 27.29 ? 23  LEU A CD1 1 
ATOM   138  C CD2 . LEU A 1 23  ? 11.998  13.957  -0.856  1.00 27.69 ? 23  LEU A CD2 1 
ATOM   139  N N   . VAL A 1 24  ? 12.199  18.718  -1.952  1.00 22.75 ? 24  VAL A N   1 
ATOM   140  C CA  . VAL A 1 24  ? 12.020  20.037  -2.535  1.00 21.56 ? 24  VAL A CA  1 
ATOM   141  C C   . VAL A 1 24  ? 11.631  19.969  -3.997  1.00 19.93 ? 24  VAL A C   1 
ATOM   142  O O   . VAL A 1 24  ? 12.306  19.317  -4.800  1.00 19.12 ? 24  VAL A O   1 
ATOM   143  C CB  . VAL A 1 24  ? 13.305  20.877  -2.413  1.00 23.18 ? 24  VAL A CB  1 
ATOM   144  C CG1 . VAL A 1 24  ? 13.094  22.249  -3.051  1.00 23.33 ? 24  VAL A CG1 1 
ATOM   145  C CG2 . VAL A 1 24  ? 13.684  21.020  -0.949  1.00 24.38 ? 24  VAL A CG2 1 
ATOM   146  N N   . ASN A 1 25  ? 10.538  20.642  -4.333  1.00 18.44 ? 25  ASN A N   1 
ATOM   147  C CA  . ASN A 1 25  ? 10.055  20.681  -5.703  1.00 20.70 ? 25  ASN A CA  1 
ATOM   148  C C   . ASN A 1 25  ? 10.300  22.067  -6.286  1.00 19.66 ? 25  ASN A C   1 
ATOM   149  O O   . ASN A 1 25  ? 9.601   23.029  -5.952  1.00 18.39 ? 25  ASN A O   1 
ATOM   150  C CB  . ASN A 1 25  ? 8.557   20.350  -5.758  1.00 17.55 ? 25  ASN A CB  1 
ATOM   151  C CG  . ASN A 1 25  ? 7.980   20.473  -7.159  1.00 20.05 ? 25  ASN A CG  1 
ATOM   152  O OD1 . ASN A 1 25  ? 8.713   20.656  -8.134  1.00 19.69 ? 25  ASN A OD1 1 
ATOM   153  N ND2 . ASN A 1 25  ? 6.654   20.356  -7.269  1.00 20.20 ? 25  ASN A ND2 1 
ATOM   154  N N   . GLY A 1 26  ? 11.297  22.158  -7.158  1.00 20.44 ? 26  GLY A N   1 
ATOM   155  C CA  . GLY A 1 26  ? 11.624  23.426  -7.781  1.00 22.67 ? 26  GLY A CA  1 
ATOM   156  C C   . GLY A 1 26  ? 10.951  23.597  -9.128  1.00 23.92 ? 26  GLY A C   1 
ATOM   157  O O   . GLY A 1 26  ? 11.205  24.581  -9.831  1.00 21.30 ? 26  GLY A O   1 
ATOM   158  N N   . GLY A 1 27  ? 10.092  22.638  -9.482  1.00 23.35 ? 27  GLY A N   1 
ATOM   159  C CA  . GLY A 1 27  ? 9.384   22.680  -10.750 1.00 22.09 ? 27  GLY A CA  1 
ATOM   160  C C   . GLY A 1 27  ? 8.179   23.595  -10.704 1.00 23.52 ? 27  GLY A C   1 
ATOM   161  O O   . GLY A 1 27  ? 7.897   24.190  -9.664  1.00 25.22 ? 27  GLY A O   1 
ATOM   162  N N   . ALA A 1 28  ? 7.453   23.689  -11.818 1.00 22.73 ? 28  ALA A N   1 
ATOM   163  C CA  . ALA A 1 28  ? 6.290   24.568  -11.913 1.00 22.42 ? 28  ALA A CA  1 
ATOM   164  C C   . ALA A 1 28  ? 4.942   23.869  -11.792 1.00 23.45 ? 28  ALA A C   1 
ATOM   165  O O   . ALA A 1 28  ? 3.908   24.458  -12.108 1.00 23.56 ? 28  ALA A O   1 
ATOM   166  C CB  . ALA A 1 28  ? 6.345   25.350  -13.214 1.00 23.66 ? 28  ALA A CB  1 
ATOM   167  N N   . GLU A 1 29  ? 4.954   22.616  -11.347 1.00 23.08 ? 29  GLU A N   1 
ATOM   168  C CA  . GLU A 1 29  ? 3.713   21.865  -11.164 1.00 24.94 ? 29  GLU A CA  1 
ATOM   169  C C   . GLU A 1 29  ? 3.797   21.051  -9.876  1.00 24.57 ? 29  GLU A C   1 
ATOM   170  O O   . GLU A 1 29  ? 4.883   20.712  -9.417  1.00 22.87 ? 29  GLU A O   1 
ATOM   171  C CB  . GLU A 1 29  ? 3.441   20.936  -12.363 1.00 25.03 ? 29  GLU A CB  1 
ATOM   172  C CG  . GLU A 1 29  ? 4.425   19.777  -12.535 1.00 28.91 ? 29  GLU A CG  1 
ATOM   173  C CD  . GLU A 1 29  ? 4.054   18.858  -13.698 1.00 32.44 ? 29  GLU A CD  1 
ATOM   174  O OE1 . GLU A 1 29  ? 2.869   18.480  -13.807 1.00 30.85 ? 29  GLU A OE1 1 
ATOM   175  O OE2 . GLU A 1 29  ? 4.947   18.509  -14.499 1.00 34.60 ? 29  GLU A OE2 1 
ATOM   176  N N   . LYS A 1 30  ? 2.646   20.763  -9.282  1.00 25.56 ? 30  LYS A N   1 
ATOM   177  C CA  . LYS A 1 30  ? 2.606   19.981  -8.055  1.00 25.59 ? 30  LYS A CA  1 
ATOM   178  C C   . LYS A 1 30  ? 3.048   18.564  -8.383  1.00 27.45 ? 30  LYS A C   1 
ATOM   179  O O   . LYS A 1 30  ? 2.786   18.060  -9.473  1.00 26.76 ? 30  LYS A O   1 
ATOM   180  C CB  . LYS A 1 30  ? 1.182   19.955  -7.495  1.00 26.12 ? 30  LYS A CB  1 
ATOM   181  C CG  . LYS A 1 30  ? 1.022   19.205  -6.177  1.00 27.91 ? 30  LYS A CG  1 
ATOM   182  C CD  . LYS A 1 30  ? -0.447  19.176  -5.727  1.00 31.69 ? 30  LYS A CD  1 
ATOM   183  C CE  . LYS A 1 30  ? -1.011  20.586  -5.560  1.00 34.04 ? 30  LYS A CE  1 
ATOM   184  N NZ  . LYS A 1 30  ? -2.480  20.586  -5.296  1.00 34.70 ? 30  LYS A NZ  1 
ATOM   185  N N   . ILE A 1 31  ? 3.737   17.923  -7.449  1.00 27.79 ? 31  ILE A N   1 
ATOM   186  C CA  . ILE A 1 31  ? 4.165   16.550  -7.673  1.00 29.13 ? 31  ILE A CA  1 
ATOM   187  C C   . ILE A 1 31  ? 3.553   15.638  -6.619  1.00 27.49 ? 31  ILE A C   1 
ATOM   188  O O   . ILE A 1 31  ? 3.283   16.059  -5.494  1.00 27.07 ? 31  ILE A O   1 
ATOM   189  C CB  . ILE A 1 31  ? 5.705   16.408  -7.620  1.00 30.66 ? 31  ILE A CB  1 
ATOM   190  C CG1 . ILE A 1 31  ? 6.222   16.871  -6.259  1.00 34.34 ? 31  ILE A CG1 1 
ATOM   191  C CG2 . ILE A 1 31  ? 6.342   17.201  -8.757  1.00 32.27 ? 31  ILE A CG2 1 
ATOM   192  C CD1 . ILE A 1 31  ? 7.736   16.893  -6.142  1.00 38.50 ? 31  ILE A CD1 1 
ATOM   193  N N   . VAL A 1 32  ? 3.307   14.395  -7.013  1.00 26.88 ? 32  VAL A N   1 
ATOM   194  C CA  . VAL A 1 32  ? 2.767   13.385  -6.119  1.00 24.68 ? 32  VAL A CA  1 
ATOM   195  C C   . VAL A 1 32  ? 3.920   12.394  -5.962  1.00 24.22 ? 32  VAL A C   1 
ATOM   196  O O   . VAL A 1 32  ? 4.668   12.168  -6.915  1.00 23.45 ? 32  VAL A O   1 
ATOM   197  C CB  . VAL A 1 32  ? 1.536   12.669  -6.748  1.00 25.31 ? 32  VAL A CB  1 
ATOM   198  C CG1 . VAL A 1 32  ? 1.951   11.899  -7.987  1.00 25.19 ? 32  VAL A CG1 1 
ATOM   199  C CG2 . VAL A 1 32  ? 0.895   11.739  -5.736  1.00 26.49 ? 32  VAL A CG2 1 
ATOM   200  N N   . PHE A 1 33  ? 4.079   11.817  -4.774  1.00 22.91 ? 33  PHE A N   1 
ATOM   201  C CA  . PHE A 1 33  ? 5.159   10.862  -4.554  1.00 23.11 ? 33  PHE A CA  1 
ATOM   202  C C   . PHE A 1 33  ? 4.724   9.684   -3.683  1.00 23.29 ? 33  PHE A C   1 
ATOM   203  O O   . PHE A 1 33  ? 3.755   9.782   -2.929  1.00 20.20 ? 33  PHE A O   1 
ATOM   204  C CB  . PHE A 1 33  ? 6.358   11.566  -3.901  1.00 20.80 ? 33  PHE A CB  1 
ATOM   205  C CG  . PHE A 1 33  ? 6.114   12.002  -2.480  1.00 20.33 ? 33  PHE A CG  1 
ATOM   206  C CD1 . PHE A 1 33  ? 6.191   11.088  -1.429  1.00 22.64 ? 33  PHE A CD1 1 
ATOM   207  C CD2 . PHE A 1 33  ? 5.801   13.322  -2.189  1.00 21.05 ? 33  PHE A CD2 1 
ATOM   208  C CE1 . PHE A 1 33  ? 5.962   11.485  -0.112  1.00 22.51 ? 33  PHE A CE1 1 
ATOM   209  C CE2 . PHE A 1 33  ? 5.569   13.733  -0.870  1.00 21.29 ? 33  PHE A CE2 1 
ATOM   210  C CZ  . PHE A 1 33  ? 5.650   12.812  0.168   1.00 20.34 ? 33  PHE A CZ  1 
ATOM   211  N N   . LYS A 1 34  ? 5.450   8.575   -3.815  1.00 24.07 ? 34  LYS A N   1 
ATOM   212  C CA  . LYS A 1 34  ? 5.218   7.358   -3.042  1.00 24.16 ? 34  LYS A CA  1 
ATOM   213  C C   . LYS A 1 34  ? 6.592   6.820   -2.653  1.00 25.62 ? 34  LYS A C   1 
ATOM   214  O O   . LYS A 1 34  ? 7.478   6.694   -3.497  1.00 25.24 ? 34  LYS A O   1 
ATOM   215  C CB  . LYS A 1 34  ? 4.486   6.298   -3.865  1.00 26.45 ? 34  LYS A CB  1 
ATOM   216  C CG  . LYS A 1 34  ? 4.275   5.011   -3.081  1.00 29.73 ? 34  LYS A CG  1 
ATOM   217  C CD  . LYS A 1 34  ? 3.648   3.903   -3.921  1.00 34.31 ? 34  LYS A CD  1 
ATOM   218  C CE  . LYS A 1 34  ? 3.249   2.730   -3.034  1.00 36.86 ? 34  LYS A CE  1 
ATOM   219  N NZ  . LYS A 1 34  ? 4.375   2.251   -2.170  1.00 38.09 ? 34  LYS A NZ  1 
ATOM   220  N N   . ILE A 1 35  ? 6.764   6.473   -1.387  1.00 23.72 ? 35  ILE A N   1 
ATOM   221  C CA  . ILE A 1 35  ? 8.062   6.000   -0.935  1.00 25.62 ? 35  ILE A CA  1 
ATOM   222  C C   . ILE A 1 35  ? 8.112   4.534   -0.544  1.00 24.34 ? 35  ILE A C   1 
ATOM   223  O O   . ILE A 1 35  ? 7.250   4.042   0.171   1.00 23.17 ? 35  ILE A O   1 
ATOM   224  C CB  . ILE A 1 35  ? 8.550   6.843   0.259   1.00 23.80 ? 35  ILE A CB  1 
ATOM   225  C CG1 . ILE A 1 35  ? 8.495   8.325   -0.112  1.00 23.97 ? 35  ILE A CG1 1 
ATOM   226  C CG2 . ILE A 1 35  ? 9.960   6.433   0.644   1.00 26.26 ? 35  ILE A CG2 1 
ATOM   227  C CD1 . ILE A 1 35  ? 9.007   9.264   0.958   1.00 25.47 ? 35  ILE A CD1 1 
ATOM   228  N N   . LYS A 1 36  ? 9.138   3.846   -1.028  1.00 25.79 ? 36  LYS A N   1 
ATOM   229  C CA  . LYS A 1 36  ? 9.343   2.440   -0.713  1.00 27.59 ? 36  LYS A CA  1 
ATOM   230  C C   . LYS A 1 36  ? 10.752  2.268   -0.149  1.00 27.23 ? 36  LYS A C   1 
ATOM   231  O O   . LYS A 1 36  ? 11.713  2.819   -0.680  1.00 27.06 ? 36  LYS A O   1 
ATOM   232  C CB  . LYS A 1 36  ? 9.169   1.571   -1.960  1.00 29.54 ? 36  LYS A CB  1 
ATOM   233  C CG  . LYS A 1 36  ? 7.742   1.078   -2.182  1.00 35.41 ? 36  LYS A CG  1 
ATOM   234  C CD  . LYS A 1 36  ? 7.728   -0.172  -3.064  1.00 39.40 ? 36  LYS A CD  1 
ATOM   235  C CE  . LYS A 1 36  ? 6.349   -0.826  -3.095  1.00 42.80 ? 36  LYS A CE  1 
ATOM   236  N NZ  . LYS A 1 36  ? 6.355   -2.126  -3.837  1.00 43.43 ? 36  LYS A NZ  1 
ATOM   237  N N   . SER A 1 37  ? 10.857  1.514   0.939   1.00 25.86 ? 37  SER A N   1 
ATOM   238  C CA  . SER A 1 37  ? 12.130  1.255   1.599   1.00 25.07 ? 37  SER A CA  1 
ATOM   239  C C   . SER A 1 37  ? 12.620  -0.156  1.291   1.00 26.38 ? 37  SER A C   1 
ATOM   240  O O   . SER A 1 37  ? 11.825  -1.091  1.225   1.00 24.69 ? 37  SER A O   1 
ATOM   241  C CB  . SER A 1 37  ? 11.975  1.412   3.118   1.00 24.55 ? 37  SER A CB  1 
ATOM   242  O OG  . SER A 1 37  ? 13.108  0.904   3.809   1.00 19.60 ? 37  SER A OG  1 
ATOM   243  N N   . SER A 1 38  ? 13.927  -0.309  1.108   1.00 23.61 ? 38  SER A N   1 
ATOM   244  C CA  . SER A 1 38  ? 14.497  -1.622  0.828   1.00 24.05 ? 38  SER A CA  1 
ATOM   245  C C   . SER A 1 38  ? 14.522  -2.444  2.113   1.00 23.22 ? 38  SER A C   1 
ATOM   246  O O   . SER A 1 38  ? 14.819  -3.629  2.086   1.00 24.03 ? 38  SER A O   1 
ATOM   247  C CB  . SER A 1 38  ? 15.930  -1.487  0.303   1.00 24.44 ? 38  SER A CB  1 
ATOM   248  O OG  . SER A 1 38  ? 16.795  -0.986  1.318   1.00 25.43 ? 38  SER A OG  1 
ATOM   249  N N   . ASN A 1 39  ? 14.216  -1.805  3.238   1.00 23.55 ? 39  ASN A N   1 
ATOM   250  C CA  . ASN A 1 39  ? 14.228  -2.474  4.541   1.00 25.79 ? 39  ASN A CA  1 
ATOM   251  C C   . ASN A 1 39  ? 13.030  -2.014  5.375   1.00 25.64 ? 39  ASN A C   1 
ATOM   252  O O   . ASN A 1 39  ? 13.029  -0.905  5.912   1.00 24.48 ? 39  ASN A O   1 
ATOM   253  C CB  . ASN A 1 39  ? 15.535  -2.136  5.288   1.00 23.47 ? 39  ASN A CB  1 
ATOM   254  C CG  . ASN A 1 39  ? 15.643  -2.828  6.645   1.00 25.06 ? 39  ASN A CG  1 
ATOM   255  O OD1 . ASN A 1 39  ? 14.642  -3.206  7.256   1.00 23.96 ? 39  ASN A OD1 1 
ATOM   256  N ND2 . ASN A 1 39  ? 16.869  -2.978  7.129   1.00 25.40 ? 39  ASN A ND2 1 
ATOM   257  N N   . ASN A 1 40  ? 12.016  -2.867  5.478   1.00 26.26 ? 40  ASN A N   1 
ATOM   258  C CA  . ASN A 1 40  ? 10.823  -2.550  6.250   1.00 25.69 ? 40  ASN A CA  1 
ATOM   259  C C   . ASN A 1 40  ? 10.867  -3.196  7.630   1.00 27.51 ? 40  ASN A C   1 
ATOM   260  O O   . ASN A 1 40  ? 9.871   -3.211  8.357   1.00 27.44 ? 40  ASN A O   1 
ATOM   261  C CB  . ASN A 1 40  ? 9.575   -3.007  5.494   1.00 27.33 ? 40  ASN A CB  1 
ATOM   262  C CG  . ASN A 1 40  ? 9.346   -2.211  4.227   1.00 27.49 ? 40  ASN A CG  1 
ATOM   263  O OD1 . ASN A 1 40  ? 9.208   -0.991  4.270   1.00 28.47 ? 40  ASN A OD1 1 
ATOM   264  N ND2 . ASN A 1 40  ? 9.309   -2.895  3.091   1.00 28.55 ? 40  ASN A ND2 1 
ATOM   265  N N   . ASN A 1 41  ? 12.032  -3.732  7.981   1.00 27.19 ? 41  ASN A N   1 
ATOM   266  C CA  . ASN A 1 41  ? 12.235  -4.370  9.278   1.00 26.03 ? 41  ASN A CA  1 
ATOM   267  C C   . ASN A 1 41  ? 12.694  -3.359  10.336  1.00 25.90 ? 41  ASN A C   1 
ATOM   268  O O   . ASN A 1 41  ? 12.064  -3.216  11.382  1.00 25.07 ? 41  ASN A O   1 
ATOM   269  C CB  . ASN A 1 41  ? 13.276  -5.488  9.160   1.00 25.72 ? 41  ASN A CB  1 
ATOM   270  C CG  . ASN A 1 41  ? 12.762  -6.688  8.395   1.00 29.12 ? 41  ASN A CG  1 
ATOM   271  O OD1 . ASN A 1 41  ? 11.649  -7.167  8.644   1.00 26.82 ? 41  ASN A OD1 1 
ATOM   272  N ND2 . ASN A 1 41  ? 13.570  -7.193  7.463   1.00 26.90 ? 41  ASN A ND2 1 
ATOM   273  N N   . GLU A 1 42  ? 13.790  -2.657  10.057  1.00 25.36 ? 42  GLU A N   1 
ATOM   274  C CA  . GLU A 1 42  ? 14.327  -1.676  10.994  1.00 25.08 ? 42  GLU A CA  1 
ATOM   275  C C   . GLU A 1 42  ? 14.009  -0.223  10.631  1.00 25.35 ? 42  GLU A C   1 
ATOM   276  O O   . GLU A 1 42  ? 14.577  0.698   11.219  1.00 25.07 ? 42  GLU A O   1 
ATOM   277  C CB  . GLU A 1 42  ? 15.850  -1.825  11.113  1.00 26.43 ? 42  GLU A CB  1 
ATOM   278  C CG  . GLU A 1 42  ? 16.343  -3.116  11.757  1.00 27.32 ? 42  GLU A CG  1 
ATOM   279  C CD  . GLU A 1 42  ? 16.520  -4.254  10.763  1.00 28.57 ? 42  GLU A CD  1 
ATOM   280  O OE1 . GLU A 1 42  ? 17.062  -4.011  9.662   1.00 24.79 ? 42  GLU A OE1 1 
ATOM   281  O OE2 . GLU A 1 42  ? 16.129  -5.394  11.091  1.00 32.18 ? 42  GLU A OE2 1 
ATOM   282  N N   . TYR A 1 43  ? 13.116  -0.014  9.671   1.00 23.96 ? 43  TYR A N   1 
ATOM   283  C CA  . TYR A 1 43  ? 12.755  1.339   9.254   1.00 22.85 ? 43  TYR A CA  1 
ATOM   284  C C   . TYR A 1 43  ? 11.253  1.593   9.138   1.00 25.01 ? 43  TYR A C   1 
ATOM   285  O O   . TYR A 1 43  ? 10.478  0.728   8.701   1.00 22.15 ? 43  TYR A O   1 
ATOM   286  C CB  . TYR A 1 43  ? 13.378  1.669   7.896   1.00 21.51 ? 43  TYR A CB  1 
ATOM   287  C CG  . TYR A 1 43  ? 14.870  1.881   7.904   1.00 19.16 ? 43  TYR A CG  1 
ATOM   288  C CD1 . TYR A 1 43  ? 15.423  3.095   8.314   1.00 18.29 ? 43  TYR A CD1 1 
ATOM   289  C CD2 . TYR A 1 43  ? 15.733  0.878   7.463   1.00 17.41 ? 43  TYR A CD2 1 
ATOM   290  C CE1 . TYR A 1 43  ? 16.807  3.306   8.275   1.00 16.68 ? 43  TYR A CE1 1 
ATOM   291  C CE2 . TYR A 1 43  ? 17.109  1.079   7.424   1.00 17.55 ? 43  TYR A CE2 1 
ATOM   292  C CZ  . TYR A 1 43  ? 17.636  2.295   7.829   1.00 17.10 ? 43  TYR A CZ  1 
ATOM   293  O OH  . TYR A 1 43  ? 18.994  2.489   7.767   1.00 19.87 ? 43  TYR A OH  1 
ATOM   294  N N   . ARG A 1 44  ? 10.863  2.803   9.517   1.00 24.04 ? 44  ARG A N   1 
ATOM   295  C CA  . ARG A 1 44  ? 9.486   3.259   9.426   1.00 25.41 ? 44  ARG A CA  1 
ATOM   296  C C   . ARG A 1 44  ? 9.576   4.627   8.754   1.00 25.17 ? 44  ARG A C   1 
ATOM   297  O O   . ARG A 1 44  ? 10.359  5.487   9.178   1.00 24.45 ? 44  ARG A O   1 
ATOM   298  C CB  . ARG A 1 44  ? 8.860   3.377   10.818  1.00 27.59 ? 44  ARG A CB  1 
ATOM   299  C CG  . ARG A 1 44  ? 8.593   2.027   11.484  1.00 30.80 ? 44  ARG A CG  1 
ATOM   300  C CD  . ARG A 1 44  ? 7.530   1.238   10.728  1.00 34.62 ? 44  ARG A CD  1 
ATOM   301  N NE  . ARG A 1 44  ? 7.224   -0.040  11.374  1.00 38.35 ? 44  ARG A NE  1 
ATOM   302  C CZ  . ARG A 1 44  ? 8.005   -1.115  11.325  1.00 39.45 ? 44  ARG A CZ  1 
ATOM   303  N NH1 . ARG A 1 44  ? 7.644   -2.230  11.951  1.00 39.57 ? 44  ARG A NH1 1 
ATOM   304  N NH2 . ARG A 1 44  ? 9.139   -1.086  10.638  1.00 39.45 ? 44  ARG A NH2 1 
ATOM   305  N N   . ILE A 1 45  ? 8.790   4.823   7.702   1.00 23.25 ? 45  ILE A N   1 
ATOM   306  C CA  . ILE A 1 45  ? 8.818   6.082   6.972   1.00 25.03 ? 45  ILE A CA  1 
ATOM   307  C C   . ILE A 1 45  ? 7.505   6.845   7.096   1.00 25.55 ? 45  ILE A C   1 
ATOM   308  O O   . ILE A 1 45  ? 6.417   6.276   6.946   1.00 24.43 ? 45  ILE A O   1 
ATOM   309  C CB  . ILE A 1 45  ? 9.139   5.844   5.475   1.00 28.02 ? 45  ILE A CB  1 
ATOM   310  C CG1 . ILE A 1 45  ? 9.284   7.182   4.757   1.00 27.97 ? 45  ILE A CG1 1 
ATOM   311  C CG2 . ILE A 1 45  ? 8.055   5.004   4.824   1.00 31.29 ? 45  ILE A CG2 1 
ATOM   312  C CD1 . ILE A 1 45  ? 10.482  7.973   5.224   1.00 35.02 ? 45  ILE A CD1 1 
ATOM   313  N N   . ALA A 1 46  ? 7.615   8.139   7.374   1.00 21.82 ? 46  ALA A N   1 
ATOM   314  C CA  . ALA A 1 46  ? 6.448   8.996   7.528   1.00 21.77 ? 46  ALA A CA  1 
ATOM   315  C C   . ALA A 1 46  ? 6.643   10.332  6.820   1.00 21.96 ? 46  ALA A C   1 
ATOM   316  O O   . ALA A 1 46  ? 7.509   11.121  7.197   1.00 24.12 ? 46  ALA A O   1 
ATOM   317  C CB  . ALA A 1 46  ? 6.177   9.230   9.010   1.00 20.47 ? 46  ALA A CB  1 
ATOM   318  N N   . PRO A 1 47  ? 5.834   10.609  5.786   1.00 23.78 ? 47  PRO A N   1 
ATOM   319  C CA  . PRO A 1 47  ? 4.763   9.756   5.246   1.00 22.93 ? 47  PRO A CA  1 
ATOM   320  C C   . PRO A 1 47  ? 5.231   8.902   4.062   1.00 24.48 ? 47  PRO A C   1 
ATOM   321  O O   . PRO A 1 47  ? 6.319   9.108   3.526   1.00 24.72 ? 47  PRO A O   1 
ATOM   322  C CB  . PRO A 1 47  ? 3.718   10.773  4.822   1.00 24.05 ? 47  PRO A CB  1 
ATOM   323  C CG  . PRO A 1 47  ? 4.589   11.867  4.244   1.00 23.35 ? 47  PRO A CG  1 
ATOM   324  C CD  . PRO A 1 47  ? 5.705   11.988  5.278   1.00 20.78 ? 47  PRO A CD  1 
ATOM   325  N N   . VAL A 1 48  ? 4.405   7.944   3.656   1.00 24.58 ? 48  VAL A N   1 
ATOM   326  C CA  . VAL A 1 48  ? 4.741   7.082   2.529   1.00 26.37 ? 48  VAL A CA  1 
ATOM   327  C C   . VAL A 1 48  ? 4.180   7.693   1.244   1.00 26.24 ? 48  VAL A C   1 
ATOM   328  O O   . VAL A 1 48  ? 4.735   7.500   0.161   1.00 26.76 ? 48  VAL A O   1 
ATOM   329  C CB  . VAL A 1 48  ? 4.174   5.647   2.727   1.00 25.34 ? 48  VAL A CB  1 
ATOM   330  C CG1 . VAL A 1 48  ? 2.693   5.707   2.997   1.00 29.16 ? 48  VAL A CG1 1 
ATOM   331  C CG2 . VAL A 1 48  ? 4.445   4.799   1.493   1.00 29.36 ? 48  VAL A CG2 1 
ATOM   332  N N   . PHE A 1 49  ? 3.077   8.424   1.370   1.00 25.94 ? 49  PHE A N   1 
ATOM   333  C CA  . PHE A 1 49  ? 2.451   9.094   0.227   1.00 26.58 ? 49  PHE A CA  1 
ATOM   334  C C   . PHE A 1 49  ? 2.341   10.582  0.525   1.00 25.42 ? 49  PHE A C   1 
ATOM   335  O O   . PHE A 1 49  ? 2.237   10.981  1.685   1.00 24.90 ? 49  PHE A O   1 
ATOM   336  C CB  . PHE A 1 49  ? 1.034   8.577   -0.034  1.00 27.55 ? 49  PHE A CB  1 
ATOM   337  C CG  . PHE A 1 49  ? 0.975   7.186   -0.585  1.00 27.42 ? 49  PHE A CG  1 
ATOM   338  C CD1 . PHE A 1 49  ? 0.931   6.086   0.263   1.00 28.55 ? 49  PHE A CD1 1 
ATOM   339  C CD2 . PHE A 1 49  ? 0.934   6.975   -1.959  1.00 28.15 ? 49  PHE A CD2 1 
ATOM   340  C CE1 . PHE A 1 49  ? 0.843   4.790   -0.250  1.00 27.31 ? 49  PHE A CE1 1 
ATOM   341  C CE2 . PHE A 1 49  ? 0.848   5.684   -2.486  1.00 27.23 ? 49  PHE A CE2 1 
ATOM   342  C CZ  . PHE A 1 49  ? 0.801   4.591   -1.627  1.00 27.01 ? 49  PHE A CZ  1 
ATOM   343  N N   . GLY A 1 50  ? 2.343   11.401  -0.520  1.00 24.34 ? 50  GLY A N   1 
ATOM   344  C CA  . GLY A 1 50  ? 2.215   12.829  -0.302  1.00 25.65 ? 50  GLY A CA  1 
ATOM   345  C C   . GLY A 1 50  ? 2.343   13.682  -1.545  1.00 25.38 ? 50  GLY A C   1 
ATOM   346  O O   . GLY A 1 50  ? 2.520   13.174  -2.649  1.00 23.83 ? 50  GLY A O   1 
ATOM   347  N N   . PHE A 1 51  ? 2.251   14.992  -1.344  1.00 26.00 ? 51  PHE A N   1 
ATOM   348  C CA  . PHE A 1 51  ? 2.362   15.968  -2.420  1.00 26.56 ? 51  PHE A CA  1 
ATOM   349  C C   . PHE A 1 51  ? 3.490   16.941  -2.093  1.00 25.35 ? 51  PHE A C   1 
ATOM   350  O O   . PHE A 1 51  ? 3.877   17.087  -0.936  1.00 24.98 ? 51  PHE A O   1 
ATOM   351  C CB  . PHE A 1 51  ? 1.079   16.803  -2.531  1.00 27.74 ? 51  PHE A CB  1 
ATOM   352  C CG  . PHE A 1 51  ? -0.145  16.018  -2.904  1.00 31.73 ? 51  PHE A CG  1 
ATOM   353  C CD1 . PHE A 1 51  ? -0.273  15.459  -4.172  1.00 32.52 ? 51  PHE A CD1 1 
ATOM   354  C CD2 . PHE A 1 51  ? -1.198  15.886  -2.004  1.00 31.76 ? 51  PHE A CD2 1 
ATOM   355  C CE1 . PHE A 1 51  ? -1.435  14.784  -4.541  1.00 34.36 ? 51  PHE A CE1 1 
ATOM   356  C CE2 . PHE A 1 51  ? -2.368  15.213  -2.362  1.00 33.64 ? 51  PHE A CE2 1 
ATOM   357  C CZ  . PHE A 1 51  ? -2.486  14.663  -3.633  1.00 34.02 ? 51  PHE A CZ  1 
ATOM   358  N N   . VAL A 1 52  ? 4.021   17.595  -3.118  1.00 23.95 ? 52  VAL A N   1 
ATOM   359  C CA  . VAL A 1 52  ? 5.036   18.624  -2.921  1.00 23.04 ? 52  VAL A CA  1 
ATOM   360  C C   . VAL A 1 52  ? 4.631   19.717  -3.905  1.00 24.18 ? 52  VAL A C   1 
ATOM   361  O O   . VAL A 1 52  ? 4.658   19.512  -5.116  1.00 24.97 ? 52  VAL A O   1 
ATOM   362  C CB  . VAL A 1 52  ? 6.469   18.150  -3.238  1.00 22.18 ? 52  VAL A CB  1 
ATOM   363  C CG1 . VAL A 1 52  ? 7.461   19.185  -2.726  1.00 24.49 ? 52  VAL A CG1 1 
ATOM   364  C CG2 . VAL A 1 52  ? 6.750   16.794  -2.600  1.00 22.53 ? 52  VAL A CG2 1 
ATOM   365  N N   . ASP A 1 53  ? 4.225   20.867  -3.377  1.00 23.79 ? 53  ASP A N   1 
ATOM   366  C CA  . ASP A 1 53  ? 3.789   21.982  -4.203  1.00 25.17 ? 53  ASP A CA  1 
ATOM   367  C C   . ASP A 1 53  ? 4.924   22.629  -4.989  1.00 25.50 ? 53  ASP A C   1 
ATOM   368  O O   . ASP A 1 53  ? 6.094   22.473  -4.650  1.00 24.73 ? 53  ASP A O   1 
ATOM   369  C CB  . ASP A 1 53  ? 3.123   23.049  -3.328  1.00 27.06 ? 53  ASP A CB  1 
ATOM   370  C CG  . ASP A 1 53  ? 1.915   22.527  -2.589  1.00 28.34 ? 53  ASP A CG  1 
ATOM   371  O OD1 . ASP A 1 53  ? 1.070   21.867  -3.229  1.00 30.22 ? 53  ASP A OD1 1 
ATOM   372  O OD2 . ASP A 1 53  ? 1.806   22.784  -1.374  1.00 30.45 ? 53  ASP A OD2 1 
ATOM   373  N N   . PRO A 1 54  ? 4.588   23.354  -6.066  1.00 26.26 ? 54  PRO A N   1 
ATOM   374  C CA  . PRO A 1 54  ? 5.618   24.019  -6.866  1.00 25.98 ? 54  PRO A CA  1 
ATOM   375  C C   . PRO A 1 54  ? 6.384   24.951  -5.925  1.00 25.71 ? 54  PRO A C   1 
ATOM   376  O O   . PRO A 1 54  ? 5.772   25.697  -5.161  1.00 25.39 ? 54  PRO A O   1 
ATOM   377  C CB  . PRO A 1 54  ? 4.802   24.796  -7.900  1.00 25.86 ? 54  PRO A CB  1 
ATOM   378  C CG  . PRO A 1 54  ? 3.579   23.959  -8.060  1.00 27.43 ? 54  PRO A CG  1 
ATOM   379  C CD  . PRO A 1 54  ? 3.250   23.557  -6.649  1.00 26.58 ? 54  PRO A CD  1 
ATOM   380  N N   . SER A 1 55  ? 7.711   24.897  -5.978  1.00 26.25 ? 55  SER A N   1 
ATOM   381  C CA  . SER A 1 55  ? 8.572   25.706  -5.108  1.00 27.37 ? 55  SER A CA  1 
ATOM   382  C C   . SER A 1 55  ? 8.241   25.467  -3.633  1.00 26.06 ? 55  SER A C   1 
ATOM   383  O O   . SER A 1 55  ? 8.510   26.304  -2.771  1.00 26.42 ? 55  SER A O   1 
ATOM   384  C CB  . SER A 1 55  ? 8.449   27.201  -5.438  1.00 28.36 ? 55  SER A CB  1 
ATOM   385  O OG  . SER A 1 55  ? 7.203   27.729  -5.031  1.00 35.45 ? 55  SER A OG  1 
ATOM   386  N N   . GLY A 1 56  ? 7.662   24.307  -3.353  1.00 23.75 ? 56  GLY A N   1 
ATOM   387  C CA  . GLY A 1 56  ? 7.307   23.973  -1.992  1.00 22.95 ? 56  GLY A CA  1 
ATOM   388  C C   . GLY A 1 56  ? 8.123   22.798  -1.498  1.00 21.04 ? 56  GLY A C   1 
ATOM   389  O O   . GLY A 1 56  ? 8.933   22.240  -2.240  1.00 21.97 ? 56  GLY A O   1 
ATOM   390  N N   . SER A 1 57  ? 7.902   22.404  -0.250  1.00 21.33 ? 57  SER A N   1 
ATOM   391  C CA  . SER A 1 57  ? 8.645   21.290  0.323   1.00 22.88 ? 57  SER A CA  1 
ATOM   392  C C   . SER A 1 57  ? 7.789   20.389  1.198   1.00 23.06 ? 57  SER A C   1 
ATOM   393  O O   . SER A 1 57  ? 6.739   20.793  1.697   1.00 24.76 ? 57  SER A O   1 
ATOM   394  C CB  . SER A 1 57  ? 9.828   21.825  1.140   1.00 23.02 ? 57  SER A CB  1 
ATOM   395  O OG  . SER A 1 57  ? 9.379   22.759  2.105   1.00 22.46 ? 57  SER A OG  1 
ATOM   396  N N   . LYS A 1 58  ? 8.254   19.161  1.383   1.00 23.45 ? 58  LYS A N   1 
ATOM   397  C CA  . LYS A 1 58  ? 7.551   18.191  2.210   1.00 24.65 ? 58  LYS A CA  1 
ATOM   398  C C   . LYS A 1 58  ? 8.564   17.422  3.038   1.00 24.08 ? 58  LYS A C   1 
ATOM   399  O O   . LYS A 1 58  ? 9.508   16.850  2.499   1.00 22.51 ? 58  LYS A O   1 
ATOM   400  C CB  . LYS A 1 58  ? 6.771   17.210  1.334   1.00 26.64 ? 58  LYS A CB  1 
ATOM   401  C CG  . LYS A 1 58  ? 6.075   16.092  2.097   1.00 30.40 ? 58  LYS A CG  1 
ATOM   402  C CD  . LYS A 1 58  ? 4.890   16.597  2.908   1.00 32.60 ? 58  LYS A CD  1 
ATOM   403  C CE  . LYS A 1 58  ? 4.099   15.431  3.491   1.00 34.91 ? 58  LYS A CE  1 
ATOM   404  N NZ  . LYS A 1 58  ? 2.885   15.874  4.244   1.00 36.09 ? 58  LYS A NZ  1 
ATOM   405  N N   . ASP A 1 59  ? 8.369   17.416  4.351   1.00 24.28 ? 59  ASP A N   1 
ATOM   406  C CA  . ASP A 1 59  ? 9.268   16.697  5.240   1.00 25.56 ? 59  ASP A CA  1 
ATOM   407  C C   . ASP A 1 59  ? 8.932   15.223  5.291   1.00 24.99 ? 59  ASP A C   1 
ATOM   408  O O   . ASP A 1 59  ? 7.769   14.849  5.398   1.00 25.98 ? 59  ASP A O   1 
ATOM   409  C CB  . ASP A 1 59  ? 9.200   17.264  6.658   1.00 26.29 ? 59  ASP A CB  1 
ATOM   410  C CG  . ASP A 1 59  ? 10.095  18.464  6.842   1.00 28.07 ? 59  ASP A CG  1 
ATOM   411  O OD1 . ASP A 1 59  ? 10.783  18.840  5.870   1.00 28.24 ? 59  ASP A OD1 1 
ATOM   412  O OD2 . ASP A 1 59  ? 10.112  19.025  7.955   1.00 27.58 ? 59  ASP A OD2 1 
ATOM   413  N N   . VAL A 1 60  ? 9.966   14.395  5.212   1.00 24.51 ? 60  VAL A N   1 
ATOM   414  C CA  . VAL A 1 60  ? 9.816   12.954  5.273   1.00 26.79 ? 60  VAL A CA  1 
ATOM   415  C C   . VAL A 1 60  ? 10.722  12.467  6.403   1.00 25.73 ? 60  VAL A C   1 
ATOM   416  O O   . VAL A 1 60  ? 11.941  12.646  6.363   1.00 27.02 ? 60  VAL A O   1 
ATOM   417  C CB  . VAL A 1 60  ? 10.219  12.298  3.926   1.00 28.54 ? 60  VAL A CB  1 
ATOM   418  C CG1 . VAL A 1 60  ? 11.639  12.694  3.555   1.00 31.66 ? 60  VAL A CG1 1 
ATOM   419  C CG2 . VAL A 1 60  ? 10.105  10.798  4.024   1.00 26.98 ? 60  VAL A CG2 1 
ATOM   420  N N   . VAL A 1 61  ? 10.120  11.879  7.429   1.00 23.48 ? 61  VAL A N   1 
ATOM   421  C CA  . VAL A 1 61  ? 10.881  11.395  8.569   1.00 20.64 ? 61  VAL A CA  1 
ATOM   422  C C   . VAL A 1 61  ? 11.167  9.906   8.484   1.00 21.87 ? 61  VAL A C   1 
ATOM   423  O O   . VAL A 1 61  ? 10.255  9.091   8.285   1.00 19.54 ? 61  VAL A O   1 
ATOM   424  C CB  . VAL A 1 61  ? 10.141  11.664  9.900   1.00 20.07 ? 61  VAL A CB  1 
ATOM   425  C CG1 . VAL A 1 61  ? 10.950  11.115  11.070  1.00 20.45 ? 61  VAL A CG1 1 
ATOM   426  C CG2 . VAL A 1 61  ? 9.913   13.155  10.075  1.00 21.44 ? 61  VAL A CG2 1 
ATOM   427  N N   . ILE A 1 62  ? 12.444  9.575   8.635   1.00 19.00 ? 62  ILE A N   1 
ATOM   428  C CA  . ILE A 1 62  ? 12.917  8.201   8.613   1.00 20.36 ? 62  ILE A CA  1 
ATOM   429  C C   . ILE A 1 62  ? 13.196  7.814   10.057  1.00 20.14 ? 62  ILE A C   1 
ATOM   430  O O   . ILE A 1 62  ? 14.070  8.406   10.707  1.00 20.09 ? 62  ILE A O   1 
ATOM   431  C CB  . ILE A 1 62  ? 14.247  8.065   7.827   1.00 21.52 ? 62  ILE A CB  1 
ATOM   432  C CG1 . ILE A 1 62  ? 14.059  8.484   6.372   1.00 21.01 ? 62  ILE A CG1 1 
ATOM   433  C CG2 . ILE A 1 62  ? 14.744  6.627   7.876   1.00 22.52 ? 62  ILE A CG2 1 
ATOM   434  C CD1 . ILE A 1 62  ? 15.376  8.566   5.606   1.00 22.80 ? 62  ILE A CD1 1 
ATOM   435  N N   . THR A 1 63  ? 12.442  6.848   10.569  1.00 17.05 ? 63  THR A N   1 
ATOM   436  C CA  . THR A 1 63  ? 12.650  6.369   11.928  1.00 17.14 ? 63  THR A CA  1 
ATOM   437  C C   . THR A 1 63  ? 13.327  5.009   11.842  1.00 18.48 ? 63  THR A C   1 
ATOM   438  O O   . THR A 1 63  ? 12.852  4.112   11.127  1.00 16.19 ? 63  THR A O   1 
ATOM   439  C CB  . THR A 1 63  ? 11.320  6.207   12.704  1.00 17.25 ? 63  THR A CB  1 
ATOM   440  O OG1 . THR A 1 63  ? 10.599  7.442   12.688  1.00 20.40 ? 63  THR A OG1 1 
ATOM   441  C CG2 . THR A 1 63  ? 11.598  5.823   14.153  1.00 17.61 ? 63  THR A CG2 1 
ATOM   442  N N   . ARG A 1 64  ? 14.436  4.858   12.567  1.00 17.81 ? 64  ARG A N   1 
ATOM   443  C CA  . ARG A 1 64  ? 15.199  3.605   12.585  1.00 19.24 ? 64  ARG A CA  1 
ATOM   444  C C   . ARG A 1 64  ? 15.175  2.899   13.940  1.00 20.21 ? 64  ARG A C   1 
ATOM   445  O O   . ARG A 1 64  ? 15.428  3.524   14.974  1.00 21.33 ? 64  ARG A O   1 
ATOM   446  C CB  . ARG A 1 64  ? 16.659  3.881   12.201  1.00 19.59 ? 64  ARG A CB  1 
ATOM   447  C CG  . ARG A 1 64  ? 17.663  2.825   12.675  1.00 20.13 ? 64  ARG A CG  1 
ATOM   448  C CD  . ARG A 1 64  ? 17.850  1.708   11.662  1.00 20.97 ? 64  ARG A CD  1 
ATOM   449  N NE  . ARG A 1 64  ? 18.702  0.642   12.179  1.00 18.97 ? 64  ARG A NE  1 
ATOM   450  C CZ  . ARG A 1 64  ? 19.232  -0.325  11.437  1.00 18.82 ? 64  ARG A CZ  1 
ATOM   451  N NH1 . ARG A 1 64  ? 19.002  -0.362  10.127  1.00 17.52 ? 64  ARG A NH1 1 
ATOM   452  N NH2 . ARG A 1 64  ? 19.992  -1.259  12.007  1.00 16.11 ? 64  ARG A NH2 1 
ATOM   453  N N   . THR A 1 65  ? 14.883  1.596   13.933  1.00 20.35 ? 65  THR A N   1 
ATOM   454  C CA  . THR A 1 65  ? 14.885  0.817   15.162  1.00 18.57 ? 65  THR A CA  1 
ATOM   455  C C   . THR A 1 65  ? 16.137  -0.048  15.175  1.00 21.05 ? 65  THR A C   1 
ATOM   456  O O   . THR A 1 65  ? 16.853  -0.131  14.177  1.00 22.05 ? 65  THR A O   1 
ATOM   457  C CB  . THR A 1 65  ? 13.619  -0.072  15.322  1.00 21.33 ? 65  THR A CB  1 
ATOM   458  O OG1 . THR A 1 65  ? 13.433  -0.887  14.156  1.00 20.99 ? 65  THR A OG1 1 
ATOM   459  C CG2 . THR A 1 65  ? 12.389  0.802   15.563  1.00 21.50 ? 65  THR A CG2 1 
ATOM   460  N N   . ALA A 1 66  ? 16.401  -0.684  16.309  1.00 21.92 ? 66  ALA A N   1 
ATOM   461  C CA  . ALA A 1 66  ? 17.598  -1.496  16.490  1.00 22.13 ? 66  ALA A CA  1 
ATOM   462  C C   . ALA A 1 66  ? 17.745  -2.690  15.559  1.00 23.67 ? 66  ALA A C   1 
ATOM   463  O O   . ALA A 1 66  ? 16.822  -3.485  15.389  1.00 22.78 ? 66  ALA A O   1 
ATOM   464  C CB  . ALA A 1 66  ? 17.695  -1.953  17.944  1.00 20.52 ? 66  ALA A CB  1 
ATOM   465  N N   . GLY A 1 67  ? 18.934  -2.799  14.973  1.00 23.49 ? 67  GLY A N   1 
ATOM   466  C CA  . GLY A 1 67  ? 19.245  -3.887  14.065  1.00 23.33 ? 67  GLY A CA  1 
ATOM   467  C C   . GLY A 1 67  ? 20.719  -3.865  13.700  1.00 22.44 ? 67  GLY A C   1 
ATOM   468  O O   . GLY A 1 67  ? 21.471  -3.028  14.189  1.00 21.63 ? 67  GLY A O   1 
ATOM   469  N N   . ALA A 1 68  ? 21.128  -4.775  12.825  1.00 22.15 ? 68  ALA A N   1 
ATOM   470  C CA  . ALA A 1 68  ? 22.514  -4.858  12.403  1.00 21.67 ? 68  ALA A CA  1 
ATOM   471  C C   . ALA A 1 68  ? 22.878  -3.729  11.456  1.00 22.92 ? 68  ALA A C   1 
ATOM   472  O O   . ALA A 1 68  ? 22.061  -3.298  10.642  1.00 23.57 ? 68  ALA A O   1 
ATOM   473  C CB  . ALA A 1 68  ? 22.767  -6.196  11.726  1.00 23.18 ? 68  ALA A CB  1 
ATOM   474  N N   . PRO A 1 69  ? 24.105  -3.201  11.576  1.00 23.86 ? 69  PRO A N   1 
ATOM   475  C CA  . PRO A 1 69  ? 24.463  -2.124  10.654  1.00 23.48 ? 69  PRO A CA  1 
ATOM   476  C C   . PRO A 1 69  ? 24.313  -2.673  9.246   1.00 24.63 ? 69  PRO A C   1 
ATOM   477  O O   . PRO A 1 69  ? 24.584  -3.855  8.996   1.00 24.64 ? 69  PRO A O   1 
ATOM   478  C CB  . PRO A 1 69  ? 25.914  -1.793  11.027  1.00 25.01 ? 69  PRO A CB  1 
ATOM   479  C CG  . PRO A 1 69  ? 26.347  -2.900  11.942  1.00 24.47 ? 69  PRO A CG  1 
ATOM   480  C CD  . PRO A 1 69  ? 25.107  -3.343  12.641  1.00 22.84 ? 69  PRO A CD  1 
ATOM   481  N N   . LYS A 1 70  ? 23.863  -1.827  8.332   1.00 23.55 ? 70  LYS A N   1 
ATOM   482  C CA  . LYS A 1 70  ? 23.645  -2.265  6.966   1.00 23.77 ? 70  LYS A CA  1 
ATOM   483  C C   . LYS A 1 70  ? 23.344  -1.078  6.072   1.00 22.26 ? 70  LYS A C   1 
ATOM   484  O O   . LYS A 1 70  ? 22.934  -0.014  6.543   1.00 21.18 ? 70  LYS A O   1 
ATOM   485  C CB  . LYS A 1 70  ? 22.465  -3.246  6.933   1.00 23.89 ? 70  LYS A CB  1 
ATOM   486  C CG  . LYS A 1 70  ? 22.099  -3.773  5.556   1.00 25.74 ? 70  LYS A CG  1 
ATOM   487  C CD  . LYS A 1 70  ? 20.936  -4.754  5.642   1.00 28.26 ? 70  LYS A CD  1 
ATOM   488  C CE  . LYS A 1 70  ? 20.600  -5.323  4.275   1.00 30.64 ? 70  LYS A CE  1 
ATOM   489  N NZ  . LYS A 1 70  ? 19.642  -6.460  4.363   1.00 33.08 ? 70  LYS A NZ  1 
ATOM   490  N N   . GLU A 1 71  ? 23.560  -1.268  4.778   1.00 21.59 ? 71  GLU A N   1 
ATOM   491  C CA  . GLU A 1 71  ? 23.292  -0.226  3.802   1.00 22.69 ? 71  GLU A CA  1 
ATOM   492  C C   . GLU A 1 71  ? 21.959  -0.574  3.159   1.00 23.09 ? 71  GLU A C   1 
ATOM   493  O O   . GLU A 1 71  ? 21.756  -1.709  2.730   1.00 22.41 ? 71  GLU A O   1 
ATOM   494  C CB  . GLU A 1 71  ? 24.394  -0.186  2.741   1.00 22.69 ? 71  GLU A CB  1 
ATOM   495  C CG  . GLU A 1 71  ? 25.773  0.182   3.279   1.00 24.95 ? 71  GLU A CG  1 
ATOM   496  C CD  . GLU A 1 71  ? 25.825  1.588   3.863   1.00 26.98 ? 71  GLU A CD  1 
ATOM   497  O OE1 . GLU A 1 71  ? 25.398  2.536   3.176   1.00 25.64 ? 71  GLU A OE1 1 
ATOM   498  O OE2 . GLU A 1 71  ? 26.300  1.749   5.007   1.00 28.73 ? 71  GLU A OE2 1 
ATOM   499  N N   . ASP A 1 72  ? 21.048  0.397   3.127   1.00 22.11 ? 72  ASP A N   1 
ATOM   500  C CA  . ASP A 1 72  ? 19.734  0.209   2.537   1.00 21.62 ? 72  ASP A CA  1 
ATOM   501  C C   . ASP A 1 72  ? 19.401  1.387   1.634   1.00 22.85 ? 72  ASP A C   1 
ATOM   502  O O   . ASP A 1 72  ? 20.215  2.292   1.466   1.00 21.42 ? 72  ASP A O   1 
ATOM   503  C CB  . ASP A 1 72  ? 18.673  0.052   3.630   1.00 20.60 ? 72  ASP A CB  1 
ATOM   504  C CG  . ASP A 1 72  ? 18.621  -1.359  4.191   1.00 19.89 ? 72  ASP A CG  1 
ATOM   505  O OD1 . ASP A 1 72  ? 18.409  -2.294  3.393   1.00 20.90 ? 72  ASP A OD1 1 
ATOM   506  O OD2 . ASP A 1 72  ? 18.785  -1.541  5.418   1.00 18.81 ? 72  ASP A OD2 1 
ATOM   507  N N   . LYS A 1 73  ? 18.211  1.373   1.044   1.00 22.10 ? 73  LYS A N   1 
ATOM   508  C CA  . LYS A 1 73  ? 17.812  2.447   0.144   1.00 23.88 ? 73  LYS A CA  1 
ATOM   509  C C   . LYS A 1 73  ? 16.366  2.857   0.307   1.00 24.54 ? 73  LYS A C   1 
ATOM   510  O O   . LYS A 1 73  ? 15.493  2.025   0.567   1.00 23.43 ? 73  LYS A O   1 
ATOM   511  C CB  . LYS A 1 73  ? 18.027  2.036   -1.322  1.00 26.64 ? 73  LYS A CB  1 
ATOM   512  C CG  . LYS A 1 73  ? 19.466  1.699   -1.688  1.00 31.27 ? 73  LYS A CG  1 
ATOM   513  C CD  . LYS A 1 73  ? 19.598  1.373   -3.168  1.00 34.03 ? 73  LYS A CD  1 
ATOM   514  C CE  . LYS A 1 73  ? 21.053  1.147   -3.548  1.00 35.91 ? 73  LYS A CE  1 
ATOM   515  N NZ  . LYS A 1 73  ? 21.202  0.934   -5.012  1.00 38.80 ? 73  LYS A NZ  1 
ATOM   516  N N   . LEU A 1 74  ? 16.126  4.150   0.149   1.00 23.29 ? 74  LEU A N   1 
ATOM   517  C CA  . LEU A 1 74  ? 14.788  4.700   0.226   1.00 24.54 ? 74  LEU A CA  1 
ATOM   518  C C   . LEU A 1 74  ? 14.514  5.193   -1.184  1.00 23.98 ? 74  LEU A C   1 
ATOM   519  O O   . LEU A 1 74  ? 15.198  6.083   -1.685  1.00 24.28 ? 74  LEU A O   1 
ATOM   520  C CB  . LEU A 1 74  ? 14.738  5.863   1.216   1.00 25.85 ? 74  LEU A CB  1 
ATOM   521  C CG  . LEU A 1 74  ? 13.347  6.341   1.633   1.00 24.17 ? 74  LEU A CG  1 
ATOM   522  C CD1 . LEU A 1 74  ? 12.621  5.222   2.382   1.00 25.54 ? 74  LEU A CD1 1 
ATOM   523  C CD2 . LEU A 1 74  ? 13.481  7.576   2.511   1.00 23.46 ? 74  LEU A CD2 1 
ATOM   524  N N   . VAL A 1 75  ? 13.531  4.590   -1.839  1.00 24.26 ? 75  VAL A N   1 
ATOM   525  C CA  . VAL A 1 75  ? 13.200  4.979   -3.198  1.00 23.31 ? 75  VAL A CA  1 
ATOM   526  C C   . VAL A 1 75  ? 11.937  5.818   -3.229  1.00 22.83 ? 75  VAL A C   1 
ATOM   527  O O   . VAL A 1 75  ? 10.882  5.418   -2.719  1.00 20.30 ? 75  VAL A O   1 
ATOM   528  C CB  . VAL A 1 75  ? 13.013  3.745   -4.102  1.00 24.89 ? 75  VAL A CB  1 
ATOM   529  C CG1 . VAL A 1 75  ? 12.720  4.183   -5.530  1.00 23.52 ? 75  VAL A CG1 1 
ATOM   530  C CG2 . VAL A 1 75  ? 14.268  2.886   -4.058  1.00 26.66 ? 75  VAL A CG2 1 
ATOM   531  N N   . VAL A 1 76  ? 12.058  6.993   -3.829  1.00 19.61 ? 76  VAL A N   1 
ATOM   532  C CA  . VAL A 1 76  ? 10.943  7.906   -3.940  1.00 21.16 ? 76  VAL A CA  1 
ATOM   533  C C   . VAL A 1 76  ? 10.436  7.942   -5.380  1.00 23.26 ? 76  VAL A C   1 
ATOM   534  O O   . VAL A 1 76  ? 11.111  8.439   -6.282  1.00 23.79 ? 76  VAL A O   1 
ATOM   535  C CB  . VAL A 1 76  ? 11.351  9.323   -3.492  1.00 21.42 ? 76  VAL A CB  1 
ATOM   536  C CG1 . VAL A 1 76  ? 10.139  10.237  -3.508  1.00 22.83 ? 76  VAL A CG1 1 
ATOM   537  C CG2 . VAL A 1 76  ? 11.954  9.272   -2.088  1.00 20.80 ? 76  VAL A CG2 1 
ATOM   538  N N   . HIS A 1 77  ? 9.254   7.376   -5.587  1.00 23.84 ? 77  HIS A N   1 
ATOM   539  C CA  . HIS A 1 77  ? 8.615   7.342   -6.898  1.00 23.61 ? 77  HIS A CA  1 
ATOM   540  C C   . HIS A 1 77  ? 7.735   8.586   -6.985  1.00 24.31 ? 77  HIS A C   1 
ATOM   541  O O   . HIS A 1 77  ? 6.937   8.850   -6.082  1.00 24.86 ? 77  HIS A O   1 
ATOM   542  C CB  . HIS A 1 77  ? 7.759   6.075   -7.021  1.00 22.77 ? 77  HIS A CB  1 
ATOM   543  C CG  . HIS A 1 77  ? 8.549   4.806   -6.929  1.00 22.32 ? 77  HIS A CG  1 
ATOM   544  N ND1 . HIS A 1 77  ? 9.087   4.185   -8.034  1.00 24.19 ? 77  HIS A ND1 1 
ATOM   545  C CD2 . HIS A 1 77  ? 8.954   4.082   -5.859  1.00 21.86 ? 77  HIS A CD2 1 
ATOM   546  C CE1 . HIS A 1 77  ? 9.793   3.137   -7.650  1.00 21.08 ? 77  HIS A CE1 1 
ATOM   547  N NE2 . HIS A 1 77  ? 9.729   3.053   -6.334  1.00 24.44 ? 77  HIS A NE2 1 
ATOM   548  N N   . PHE A 1 78  ? 7.875   9.355   -8.059  1.00 23.46 ? 78  PHE A N   1 
ATOM   549  C CA  . PHE A 1 78  ? 7.085   10.570  -8.193  1.00 25.16 ? 78  PHE A CA  1 
ATOM   550  C C   . PHE A 1 78  ? 6.505   10.771  -9.584  1.00 24.59 ? 78  PHE A C   1 
ATOM   551  O O   . PHE A 1 78  ? 6.906   10.115  -10.549 1.00 23.22 ? 78  PHE A O   1 
ATOM   552  C CB  . PHE A 1 78  ? 7.941   11.783  -7.817  1.00 25.10 ? 78  PHE A CB  1 
ATOM   553  C CG  . PHE A 1 78  ? 9.168   11.927  -8.656  1.00 26.49 ? 78  PHE A CG  1 
ATOM   554  C CD1 . PHE A 1 78  ? 9.103   12.529  -9.908  1.00 27.93 ? 78  PHE A CD1 1 
ATOM   555  C CD2 . PHE A 1 78  ? 10.386  11.421  -8.216  1.00 27.14 ? 78  PHE A CD2 1 
ATOM   556  C CE1 . PHE A 1 78  ? 10.237  12.628  -10.714 1.00 28.50 ? 78  PHE A CE1 1 
ATOM   557  C CE2 . PHE A 1 78  ? 11.529  11.512  -9.011  1.00 25.78 ? 78  PHE A CE2 1 
ATOM   558  C CZ  . PHE A 1 78  ? 11.454  12.115  -10.262 1.00 28.19 ? 78  PHE A CZ  1 
ATOM   559  N N   . ALA A 1 79  ? 5.559   11.698  -9.670  1.00 25.28 ? 79  ALA A N   1 
ATOM   560  C CA  . ALA A 1 79  ? 4.904   12.020  -10.925 1.00 27.36 ? 79  ALA A CA  1 
ATOM   561  C C   . ALA A 1 79  ? 4.129   13.318  -10.806 1.00 28.96 ? 79  ALA A C   1 
ATOM   562  O O   . ALA A 1 79  ? 3.909   13.840  -9.713  1.00 28.30 ? 79  ALA A O   1 
ATOM   563  C CB  . ALA A 1 79  ? 3.950   10.891  -11.330 1.00 27.70 ? 79  ALA A CB  1 
ATOM   564  N N   . SER A 1 80  ? 3.705   13.832  -11.952 1.00 32.40 ? 80  SER A N   1 
ATOM   565  C CA  . SER A 1 80  ? 2.925   15.049  -11.985 1.00 33.47 ? 80  SER A CA  1 
ATOM   566  C C   . SER A 1 80  ? 1.647   14.796  -11.195 1.00 33.53 ? 80  SER A C   1 
ATOM   567  O O   . SER A 1 80  ? 1.002   13.763  -11.362 1.00 32.45 ? 80  SER A O   1 
ATOM   568  C CB  . SER A 1 80  ? 2.583   15.396  -13.432 1.00 34.28 ? 80  SER A CB  1 
ATOM   569  O OG  . SER A 1 80  ? 1.611   16.422  -13.482 1.00 39.12 ? 80  SER A OG  1 
ATOM   570  N N   . ALA A 1 81  ? 1.287   15.735  -10.326 1.00 33.76 ? 81  ALA A N   1 
ATOM   571  C CA  . ALA A 1 81  ? 0.074   15.593  -9.532  1.00 34.83 ? 81  ALA A CA  1 
ATOM   572  C C   . ALA A 1 81  ? -1.134  15.849  -10.423 1.00 37.49 ? 81  ALA A C   1 
ATOM   573  O O   . ALA A 1 81  ? -1.218  16.882  -11.091 1.00 35.77 ? 81  ALA A O   1 
ATOM   574  C CB  . ALA A 1 81  ? 0.089   16.570  -8.378  1.00 35.35 ? 81  ALA A CB  1 
ATOM   575  N N   . PRO A 1 82  ? -2.089  14.908  -10.445 1.00 39.45 ? 82  PRO A N   1 
ATOM   576  C CA  . PRO A 1 82  ? -3.279  15.080  -11.280 1.00 41.77 ? 82  PRO A CA  1 
ATOM   577  C C   . PRO A 1 82  ? -4.298  16.147  -10.857 1.00 43.98 ? 82  PRO A C   1 
ATOM   578  O O   . PRO A 1 82  ? -4.503  16.421  -9.673  1.00 45.03 ? 82  PRO A O   1 
ATOM   579  C CB  . PRO A 1 82  ? -3.877  13.674  -11.314 1.00 41.50 ? 82  PRO A CB  1 
ATOM   580  C CG  . PRO A 1 82  ? -3.486  13.117  -9.990  1.00 41.75 ? 82  PRO A CG  1 
ATOM   581  C CD  . PRO A 1 82  ? -2.039  13.548  -9.883  1.00 39.91 ? 82  PRO A CD  1 
ATOM   582  N N   . ALA A 1 83  ? -4.920  16.734  -11.875 1.00 46.34 ? 83  ALA A N   1 
ATOM   583  C CA  . ALA A 1 83  ? -5.948  17.769  -11.772 1.00 47.52 ? 83  ALA A CA  1 
ATOM   584  C C   . ALA A 1 83  ? -6.163  18.407  -10.406 1.00 47.94 ? 83  ALA A C   1 
ATOM   585  O O   . ALA A 1 83  ? -5.534  19.411  -10.070 1.00 48.91 ? 83  ALA A O   1 
ATOM   586  C CB  . ALA A 1 83  ? -7.279  17.211  -12.299 1.00 49.20 ? 83  ALA A CB  1 
ATOM   587  N N   . ASP A 1 84  ? -7.052  17.823  -9.615  1.00 47.02 ? 84  ASP A N   1 
ATOM   588  C CA  . ASP A 1 84  ? -7.357  18.365  -8.295  1.00 46.80 ? 84  ASP A CA  1 
ATOM   589  C C   . ASP A 1 84  ? -7.241  17.347  -7.168  1.00 44.69 ? 84  ASP A C   1 
ATOM   590  O O   . ASP A 1 84  ? -8.035  17.379  -6.232  1.00 44.72 ? 84  ASP A O   1 
ATOM   591  C CB  . ASP A 1 84  ? -8.777  18.930  -8.285  1.00 49.25 ? 84  ASP A CB  1 
ATOM   592  C CG  . ASP A 1 84  ? -8.860  20.320  -8.869  1.00 52.52 ? 84  ASP A CG  1 
ATOM   593  O OD1 . ASP A 1 84  ? -9.858  20.610  -9.554  1.00 53.76 ? 84  ASP A OD1 1 
ATOM   594  O OD2 . ASP A 1 84  ? -7.942  21.136  -8.634  1.00 54.88 ? 84  ASP A OD2 1 
ATOM   595  N N   . ALA A 1 85  ? -6.256  16.461  -7.241  1.00 42.92 ? 85  ALA A N   1 
ATOM   596  C CA  . ALA A 1 85  ? -6.074  15.446  -6.206  1.00 42.60 ? 85  ALA A CA  1 
ATOM   597  C C   . ALA A 1 85  ? -5.914  16.076  -4.824  1.00 41.96 ? 85  ALA A C   1 
ATOM   598  O O   . ALA A 1 85  ? -5.184  17.057  -4.666  1.00 42.23 ? 85  ALA A O   1 
ATOM   599  C CB  . ALA A 1 85  ? -4.855  14.589  -6.529  1.00 43.01 ? 85  ALA A CB  1 
ATOM   600  N N   . THR A 1 86  ? -6.601  15.514  -3.831  1.00 40.61 ? 86  THR A N   1 
ATOM   601  C CA  . THR A 1 86  ? -6.515  16.017  -2.458  1.00 40.31 ? 86  THR A CA  1 
ATOM   602  C C   . THR A 1 86  ? -5.747  15.052  -1.566  1.00 39.76 ? 86  THR A C   1 
ATOM   603  O O   . THR A 1 86  ? -5.314  15.419  -0.474  1.00 41.93 ? 86  THR A O   1 
ATOM   604  C CB  . THR A 1 86  ? -7.902  16.276  -1.847  1.00 39.69 ? 86  THR A CB  1 
ATOM   605  O OG1 . THR A 1 86  ? -8.760  15.159  -2.110  1.00 38.89 ? 86  THR A OG1 1 
ATOM   606  C CG2 . THR A 1 86  ? -8.509  17.535  -2.432  1.00 40.67 ? 86  THR A CG2 1 
ATOM   607  N N   . ASP A 1 87  ? -5.595  13.810  -2.015  1.00 38.87 ? 87  ASP A N   1 
ATOM   608  C CA  . ASP A 1 87  ? -4.806  12.845  -1.261  1.00 38.75 ? 87  ASP A CA  1 
ATOM   609  C C   . ASP A 1 87  ? -4.044  11.963  -2.241  1.00 37.50 ? 87  ASP A C   1 
ATOM   610  O O   . ASP A 1 87  ? -4.627  11.242  -3.063  1.00 35.77 ? 87  ASP A O   1 
ATOM   611  C CB  . ASP A 1 87  ? -5.671  12.017  -0.309  1.00 40.29 ? 87  ASP A CB  1 
ATOM   612  C CG  . ASP A 1 87  ? -6.548  11.040  -1.018  1.00 40.03 ? 87  ASP A CG  1 
ATOM   613  O OD1 . ASP A 1 87  ? -7.330  11.476  -1.883  1.00 43.59 ? 87  ASP A OD1 1 
ATOM   614  O OD2 . ASP A 1 87  ? -6.457  9.836   -0.701  1.00 42.44 ? 87  ASP A OD2 1 
ATOM   615  N N   . ALA A 1 88  ? -2.722  12.065  -2.142  1.00 36.05 ? 88  ALA A N   1 
ATOM   616  C CA  . ALA A 1 88  ? -1.771  11.363  -2.994  1.00 35.17 ? 88  ALA A CA  1 
ATOM   617  C C   . ALA A 1 88  ? -1.958  9.863   -3.182  1.00 33.96 ? 88  ALA A C   1 
ATOM   618  O O   . ALA A 1 88  ? -1.843  9.358   -4.297  1.00 33.16 ? 88  ALA A O   1 
ATOM   619  C CB  . ALA A 1 88  ? -0.350  11.642  -2.498  1.00 34.18 ? 88  ALA A CB  1 
ATOM   620  N N   . GLN A 1 89  ? -2.231  9.140   -2.104  1.00 33.93 ? 89  GLN A N   1 
ATOM   621  C CA  . GLN A 1 89  ? -2.384  7.701   -2.232  1.00 34.07 ? 89  GLN A CA  1 
ATOM   622  C C   . GLN A 1 89  ? -3.546  7.362   -3.147  1.00 33.01 ? 89  GLN A C   1 
ATOM   623  O O   . GLN A 1 89  ? -3.438  6.491   -4.007  1.00 34.17 ? 89  GLN A O   1 
ATOM   624  C CB  . GLN A 1 89  ? -2.582  7.051   -0.863  1.00 36.08 ? 89  GLN A CB  1 
ATOM   625  C CG  . GLN A 1 89  ? -2.420  5.535   -0.902  1.00 37.95 ? 89  GLN A CG  1 
ATOM   626  C CD  . GLN A 1 89  ? -2.319  4.916   0.477   1.00 39.70 ? 89  GLN A CD  1 
ATOM   627  O OE1 . GLN A 1 89  ? -2.102  3.711   0.614   1.00 41.38 ? 89  GLN A OE1 1 
ATOM   628  N NE2 . GLN A 1 89  ? -2.477  5.736   1.508   1.00 39.41 ? 89  GLN A NE2 1 
ATOM   629  N N   . ALA A 1 90  ? -4.658  8.060   -2.962  1.00 32.32 ? 90  ALA A N   1 
ATOM   630  C CA  . ALA A 1 90  ? -5.832  7.832   -3.786  1.00 31.05 ? 90  ALA A CA  1 
ATOM   631  C C   . ALA A 1 90  ? -5.493  8.132   -5.241  1.00 31.13 ? 90  ALA A C   1 
ATOM   632  O O   . ALA A 1 90  ? -5.829  7.356   -6.136  1.00 31.42 ? 90  ALA A O   1 
ATOM   633  C CB  . ALA A 1 90  ? -6.970  8.722   -3.325  1.00 29.75 ? 90  ALA A CB  1 
ATOM   634  N N   . ALA A 1 91  ? -4.814  9.254   -5.468  1.00 28.37 ? 91  ALA A N   1 
ATOM   635  C CA  . ALA A 1 91  ? -4.446  9.667   -6.816  1.00 28.35 ? 91  ALA A CA  1 
ATOM   636  C C   . ALA A 1 91  ? -3.348  8.804   -7.436  1.00 28.93 ? 91  ALA A C   1 
ATOM   637  O O   . ALA A 1 91  ? -3.355  8.562   -8.645  1.00 27.37 ? 91  ALA A O   1 
ATOM   638  C CB  . ALA A 1 91  ? -4.016  11.130  -6.808  1.00 27.95 ? 91  ALA A CB  1 
ATOM   639  N N   . PHE A 1 92  ? -2.408  8.345   -6.614  1.00 29.33 ? 92  PHE A N   1 
ATOM   640  C CA  . PHE A 1 92  ? -1.311  7.514   -7.101  1.00 30.15 ? 92  PHE A CA  1 
ATOM   641  C C   . PHE A 1 92  ? -1.858  6.217   -7.691  1.00 30.30 ? 92  PHE A C   1 
ATOM   642  O O   . PHE A 1 92  ? -1.166  5.491   -8.408  1.00 29.13 ? 92  PHE A O   1 
ATOM   643  C CB  . PHE A 1 92  ? -0.350  7.200   -5.957  1.00 32.56 ? 92  PHE A CB  1 
ATOM   644  C CG  . PHE A 1 92  ? 1.093   7.235   -6.359  1.00 35.55 ? 92  PHE A CG  1 
ATOM   645  C CD1 . PHE A 1 92  ? 1.675   6.158   -7.016  1.00 37.03 ? 92  PHE A CD1 1 
ATOM   646  C CD2 . PHE A 1 92  ? 1.866   8.365   -6.103  1.00 36.12 ? 92  PHE A CD2 1 
ATOM   647  C CE1 . PHE A 1 92  ? 3.012   6.203   -7.415  1.00 38.99 ? 92  PHE A CE1 1 
ATOM   648  C CE2 . PHE A 1 92  ? 3.199   8.423   -6.496  1.00 36.62 ? 92  PHE A CE2 1 
ATOM   649  C CZ  . PHE A 1 92  ? 3.775   7.341   -7.154  1.00 39.44 ? 92  PHE A CZ  1 
ATOM   650  N N   . VAL A 1 93  ? -3.117  5.941   -7.384  1.00 29.65 ? 93  VAL A N   1 
ATOM   651  C CA  . VAL A 1 93  ? -3.786  4.745   -7.861  1.00 30.42 ? 93  VAL A CA  1 
ATOM   652  C C   . VAL A 1 93  ? -3.991  4.729   -9.378  1.00 30.37 ? 93  VAL A C   1 
ATOM   653  O O   . VAL A 1 93  ? -4.147  3.660   -9.978  1.00 30.25 ? 93  VAL A O   1 
ATOM   654  C CB  . VAL A 1 93  ? -5.156  4.602   -7.167  1.00 29.91 ? 93  VAL A CB  1 
ATOM   655  C CG1 . VAL A 1 93  ? -5.913  3.424   -7.731  1.00 34.64 ? 93  VAL A CG1 1 
ATOM   656  C CG2 . VAL A 1 93  ? -4.958  4.439   -5.668  1.00 34.48 ? 93  VAL A CG2 1 
ATOM   657  N N   . ALA A 1 94  ? -3.989  5.904   -10.000 1.00 29.69 ? 94  ALA A N   1 
ATOM   658  C CA  . ALA A 1 94  ? -4.206  5.983   -11.444 1.00 32.02 ? 94  ALA A CA  1 
ATOM   659  C C   . ALA A 1 94  ? -3.018  6.528   -12.224 1.00 33.07 ? 94  ALA A C   1 
ATOM   660  O O   . ALA A 1 94  ? -3.059  6.598   -13.451 1.00 35.95 ? 94  ALA A O   1 
ATOM   661  C CB  . ALA A 1 94  ? -5.440  6.833   -11.738 1.00 31.90 ? 94  ALA A CB  1 
ATOM   662  N N   . VAL A 1 95  ? -1.961  6.910   -11.522 1.00 32.12 ? 95  VAL A N   1 
ATOM   663  C CA  . VAL A 1 95  ? -0.796  7.451   -12.201 1.00 31.90 ? 95  VAL A CA  1 
ATOM   664  C C   . VAL A 1 95  ? 0.421   6.545   -12.151 1.00 28.71 ? 95  VAL A C   1 
ATOM   665  O O   . VAL A 1 95  ? 0.714   5.930   -11.128 1.00 28.75 ? 95  VAL A O   1 
ATOM   666  C CB  . VAL A 1 95  ? -0.416  8.831   -11.621 1.00 33.23 ? 95  VAL A CB  1 
ATOM   667  C CG1 . VAL A 1 95  ? 0.923   9.289   -12.182 1.00 35.42 ? 95  VAL A CG1 1 
ATOM   668  C CG2 . VAL A 1 95  ? -1.498  9.841   -11.963 1.00 35.85 ? 95  VAL A CG2 1 
ATOM   669  N N   . ALA A 1 96  ? 1.110   6.453   -13.281 1.00 26.55 ? 96  ALA A N   1 
ATOM   670  C CA  . ALA A 1 96  ? 2.323   5.664   -13.379 1.00 26.87 ? 96  ALA A CA  1 
ATOM   671  C C   . ALA A 1 96  ? 3.457   6.650   -13.084 1.00 26.77 ? 96  ALA A C   1 
ATOM   672  O O   . ALA A 1 96  ? 3.529   7.722   -13.684 1.00 23.48 ? 96  ALA A O   1 
ATOM   673  C CB  . ALA A 1 96  ? 2.462   5.084   -14.782 1.00 26.79 ? 96  ALA A CB  1 
ATOM   674  N N   . PRO A 1 97  ? 4.341   6.311   -12.133 1.00 26.46 ? 97  PRO A N   1 
ATOM   675  C CA  . PRO A 1 97  ? 5.454   7.201   -11.786 1.00 27.44 ? 97  PRO A CA  1 
ATOM   676  C C   . PRO A 1 97  ? 6.226   7.700   -13.008 1.00 28.87 ? 97  PRO A C   1 
ATOM   677  O O   . PRO A 1 97  ? 6.406   6.965   -13.980 1.00 29.21 ? 97  PRO A O   1 
ATOM   678  C CB  . PRO A 1 97  ? 6.311   6.330   -10.876 1.00 27.59 ? 97  PRO A CB  1 
ATOM   679  C CG  . PRO A 1 97  ? 5.290   5.487   -10.172 1.00 26.74 ? 97  PRO A CG  1 
ATOM   680  C CD  . PRO A 1 97  ? 4.353   5.098   -11.296 1.00 27.35 ? 97  PRO A CD  1 
ATOM   681  N N   . ALA A 1 98  ? 6.679   8.950   -12.962 1.00 29.34 ? 98  ALA A N   1 
ATOM   682  C CA  . ALA A 1 98  ? 7.438   9.511   -14.079 1.00 29.88 ? 98  ALA A CA  1 
ATOM   683  C C   . ALA A 1 98  ? 8.936   9.382   -13.825 1.00 28.98 ? 98  ALA A C   1 
ATOM   684  O O   . ALA A 1 98  ? 9.727   9.336   -14.765 1.00 30.32 ? 98  ALA A O   1 
ATOM   685  C CB  . ALA A 1 98  ? 7.073   10.979  -14.290 1.00 28.31 ? 98  ALA A CB  1 
ATOM   686  N N   . GLY A 1 99  ? 9.316   9.331   -12.552 1.00 29.24 ? 99  GLY A N   1 
ATOM   687  C CA  . GLY A 1 99  ? 10.721  9.209   -12.203 1.00 26.38 ? 99  GLY A CA  1 
ATOM   688  C C   . GLY A 1 99  ? 10.934  8.809   -10.755 1.00 26.18 ? 99  GLY A C   1 
ATOM   689  O O   . GLY A 1 99  ? 9.985   8.720   -9.975  1.00 25.24 ? 99  GLY A O   1 
ATOM   690  N N   . THR A 1 100 ? 12.185  8.550   -10.391 1.00 26.03 ? 100 THR A N   1 
ATOM   691  C CA  . THR A 1 100 ? 12.499  8.167   -9.021  1.00 25.28 ? 100 THR A CA  1 
ATOM   692  C C   . THR A 1 100 ? 13.834  8.742   -8.564  1.00 24.42 ? 100 THR A C   1 
ATOM   693  O O   . THR A 1 100 ? 14.757  8.908   -9.363  1.00 22.85 ? 100 THR A O   1 
ATOM   694  C CB  . THR A 1 100 ? 12.587  6.627   -8.852  1.00 26.21 ? 100 THR A CB  1 
ATOM   695  O OG1 . THR A 1 100 ? 13.835  6.159   -9.380  1.00 29.62 ? 100 THR A OG1 1 
ATOM   696  C CG2 . THR A 1 100 ? 11.443  5.925   -9.589  1.00 27.69 ? 100 THR A CG2 1 
ATOM   697  N N   . VAL A 1 101 ? 13.915  9.057   -7.275  1.00 22.97 ? 101 VAL A N   1 
ATOM   698  C CA  . VAL A 1 101 ? 15.146  9.549   -6.672  1.00 26.43 ? 101 VAL A CA  1 
ATOM   699  C C   . VAL A 1 101 ? 15.415  8.615   -5.501  1.00 27.06 ? 101 VAL A C   1 
ATOM   700  O O   . VAL A 1 101 ? 14.504  8.274   -4.745  1.00 26.48 ? 101 VAL A O   1 
ATOM   701  C CB  . VAL A 1 101 ? 15.029  11.002  -6.157  1.00 25.73 ? 101 VAL A CB  1 
ATOM   702  C CG1 . VAL A 1 101 ? 14.939  11.958  -7.329  1.00 25.19 ? 101 VAL A CG1 1 
ATOM   703  C CG2 . VAL A 1 101 ? 13.824  11.144  -5.258  1.00 27.71 ? 101 VAL A CG2 1 
ATOM   704  N N   . THR A 1 102 ? 16.661  8.183   -5.365  1.00 26.34 ? 102 THR A N   1 
ATOM   705  C CA  . THR A 1 102 ? 17.023  7.268   -4.297  1.00 26.07 ? 102 THR A CA  1 
ATOM   706  C C   . THR A 1 102 ? 17.895  7.926   -3.241  1.00 25.96 ? 102 THR A C   1 
ATOM   707  O O   . THR A 1 102 ? 18.880  8.598   -3.557  1.00 25.13 ? 102 THR A O   1 
ATOM   708  C CB  . THR A 1 102 ? 17.746  6.039   -4.865  1.00 27.46 ? 102 THR A CB  1 
ATOM   709  O OG1 . THR A 1 102 ? 16.865  5.352   -5.764  1.00 28.71 ? 102 THR A OG1 1 
ATOM   710  C CG2 . THR A 1 102 ? 18.163  5.092   -3.752  1.00 28.31 ? 102 THR A CG2 1 
ATOM   711  N N   . ILE A 1 103 ? 17.495  7.741   -1.988  1.00 24.92 ? 103 ILE A N   1 
ATOM   712  C CA  . ILE A 1 103 ? 18.209  8.279   -0.839  1.00 23.72 ? 103 ILE A CA  1 
ATOM   713  C C   . ILE A 1 103 ? 18.823  7.073   -0.139  1.00 24.30 ? 103 ILE A C   1 
ATOM   714  O O   . ILE A 1 103 ? 18.101  6.194   0.350   1.00 23.21 ? 103 ILE A O   1 
ATOM   715  C CB  . ILE A 1 103 ? 17.245  8.982   0.155   1.00 22.57 ? 103 ILE A CB  1 
ATOM   716  C CG1 . ILE A 1 103 ? 16.612  10.208  -0.500  1.00 22.19 ? 103 ILE A CG1 1 
ATOM   717  C CG2 . ILE A 1 103 ? 17.989  9.384   1.423   1.00 22.96 ? 103 ILE A CG2 1 
ATOM   718  C CD1 . ILE A 1 103 ? 15.658  10.950  0.410   1.00 22.89 ? 103 ILE A CD1 1 
ATOM   719  N N   . PRO A 1 104 ? 20.162  6.984   -0.120  1.00 23.36 ? 104 PRO A N   1 
ATOM   720  C CA  . PRO A 1 104 ? 20.746  5.825   0.561   1.00 23.25 ? 104 PRO A CA  1 
ATOM   721  C C   . PRO A 1 104 ? 20.611  5.973   2.077   1.00 23.05 ? 104 PRO A C   1 
ATOM   722  O O   . PRO A 1 104 ? 20.629  7.084   2.609   1.00 24.04 ? 104 PRO A O   1 
ATOM   723  C CB  . PRO A 1 104 ? 22.202  5.842   0.088   1.00 24.08 ? 104 PRO A CB  1 
ATOM   724  C CG  . PRO A 1 104 ? 22.471  7.299   -0.134  1.00 24.81 ? 104 PRO A CG  1 
ATOM   725  C CD  . PRO A 1 104 ? 21.196  7.767   -0.819  1.00 23.85 ? 104 PRO A CD  1 
ATOM   726  N N   . MET A 1 105 ? 20.445  4.855   2.768   1.00 22.92 ? 105 MET A N   1 
ATOM   727  C CA  . MET A 1 105 ? 20.321  4.887   4.217   1.00 23.84 ? 105 MET A CA  1 
ATOM   728  C C   . MET A 1 105 ? 21.429  4.028   4.809   1.00 23.57 ? 105 MET A C   1 
ATOM   729  O O   . MET A 1 105 ? 21.457  2.816   4.613   1.00 21.80 ? 105 MET A O   1 
ATOM   730  C CB  . MET A 1 105 ? 18.959  4.347   4.658   1.00 24.15 ? 105 MET A CB  1 
ATOM   731  C CG  . MET A 1 105 ? 17.764  5.099   4.105   1.00 24.91 ? 105 MET A CG  1 
ATOM   732  S SD  . MET A 1 105 ? 16.242  4.429   4.796   1.00 24.15 ? 105 MET A SD  1 
ATOM   733  C CE  . MET A 1 105 ? 15.142  5.717   4.545   1.00 29.22 ? 105 MET A CE  1 
ATOM   734  N N   . SER A 1 106 ? 22.350  4.663   5.527   1.00 24.35 ? 106 SER A N   1 
ATOM   735  C CA  . SER A 1 106 ? 23.461  3.947   6.141   1.00 22.12 ? 106 SER A CA  1 
ATOM   736  C C   . SER A 1 106 ? 23.287  3.816   7.650   1.00 23.00 ? 106 SER A C   1 
ATOM   737  O O   . SER A 1 106 ? 23.403  4.797   8.378   1.00 21.31 ? 106 SER A O   1 
ATOM   738  C CB  . SER A 1 106 ? 24.778  4.671   5.862   1.00 21.92 ? 106 SER A CB  1 
ATOM   739  O OG  . SER A 1 106 ? 25.059  4.704   4.479   1.00 22.86 ? 106 SER A OG  1 
ATOM   740  N N   . ALA A 1 107 ? 22.995  2.603   8.111   1.00 22.58 ? 107 ALA A N   1 
ATOM   741  C CA  . ALA A 1 107 ? 22.845  2.349   9.538   1.00 21.17 ? 107 ALA A CA  1 
ATOM   742  C C   . ALA A 1 107 ? 24.222  1.864   9.977   1.00 22.60 ? 107 ALA A C   1 
ATOM   743  O O   . ALA A 1 107 ? 24.666  0.786   9.564   1.00 18.12 ? 107 ALA A O   1 
ATOM   744  C CB  . ALA A 1 107 ? 21.791  1.269   9.778   1.00 23.75 ? 107 ALA A CB  1 
ATOM   745  N N   . THR A 1 108 ? 24.901  2.670   10.791  1.00 21.96 ? 108 THR A N   1 
ATOM   746  C CA  . THR A 1 108 ? 26.246  2.339   11.249  1.00 24.00 ? 108 THR A CA  1 
ATOM   747  C C   . THR A 1 108 ? 26.347  2.047   12.735  1.00 23.73 ? 108 THR A C   1 
ATOM   748  O O   . THR A 1 108 ? 25.547  2.530   13.537  1.00 23.37 ? 108 THR A O   1 
ATOM   749  C CB  . THR A 1 108 ? 27.242  3.477   10.915  1.00 25.41 ? 108 THR A CB  1 
ATOM   750  O OG1 . THR A 1 108 ? 26.816  4.689   11.543  1.00 26.04 ? 108 THR A OG1 1 
ATOM   751  C CG2 . THR A 1 108 ? 27.313  3.695   9.413   1.00 28.08 ? 108 THR A CG2 1 
ATOM   752  N N   . ALA A 1 109 ? 27.346  1.256   13.104  1.00 25.60 ? 109 ALA A N   1 
ATOM   753  C CA  . ALA A 1 109 ? 27.541  0.908   14.505  1.00 28.77 ? 109 ALA A CA  1 
ATOM   754  C C   . ALA A 1 109 ? 28.122  2.094   15.267  1.00 30.32 ? 109 ALA A C   1 
ATOM   755  O O   . ALA A 1 109 ? 28.786  2.932   14.619  1.00 30.82 ? 109 ALA A O   1 
ATOM   756  C CB  . ALA A 1 109 ? 28.466  -0.292  14.618  1.00 28.84 ? 109 ALA A CB  1 
ATOM   757  O OXT . ALA A 1 109 ? 27.918  2.160   16.501  1.00 32.11 ? 109 ALA A OXT 1 
ATOM   758  N N   . LEU B 1 3   ? -6.964  -11.812 10.974  1.00 35.58 ? 3   LEU B N   1 
ATOM   759  C CA  . LEU B 1 3   ? -6.874  -11.465 9.527   1.00 34.78 ? 3   LEU B CA  1 
ATOM   760  C C   . LEU B 1 3   ? -6.997  -9.961  9.313   1.00 33.15 ? 3   LEU B C   1 
ATOM   761  O O   . LEU B 1 3   ? -8.010  -9.362  9.667   1.00 34.43 ? 3   LEU B O   1 
ATOM   762  C CB  . LEU B 1 3   ? -7.982  -12.170 8.742   1.00 36.03 ? 3   LEU B CB  1 
ATOM   763  C CG  . LEU B 1 3   ? -7.768  -12.376 7.238   1.00 37.20 ? 3   LEU B CG  1 
ATOM   764  C CD1 . LEU B 1 3   ? -9.036  -12.948 6.633   1.00 39.33 ? 3   LEU B CD1 1 
ATOM   765  C CD2 . LEU B 1 3   ? -7.416  -11.071 6.553   1.00 39.98 ? 3   LEU B CD2 1 
ATOM   766  N N   . THR B 1 4   ? -5.970  -9.361  8.718   1.00 29.45 ? 4   THR B N   1 
ATOM   767  C CA  . THR B 1 4   ? -5.966  -7.927  8.442   1.00 27.19 ? 4   THR B CA  1 
ATOM   768  C C   . THR B 1 4   ? -5.688  -7.647  6.965   1.00 25.84 ? 4   THR B C   1 
ATOM   769  O O   . THR B 1 4   ? -5.136  -8.487  6.256   1.00 23.79 ? 4   THR B O   1 
ATOM   770  C CB  . THR B 1 4   ? -4.882  -7.186  9.267   1.00 27.05 ? 4   THR B CB  1 
ATOM   771  O OG1 . THR B 1 4   ? -3.588  -7.717  8.944   1.00 28.11 ? 4   THR B OG1 1 
ATOM   772  C CG2 . THR B 1 4   ? -5.133  -7.346  10.750  1.00 24.97 ? 4   THR B CG2 1 
ATOM   773  N N   . ALA B 1 5   ? -6.078  -6.460  6.510   1.00 24.72 ? 5   ALA B N   1 
ATOM   774  C CA  . ALA B 1 5   ? -5.852  -6.051  5.127   1.00 23.35 ? 5   ALA B CA  1 
ATOM   775  C C   . ALA B 1 5   ? -5.090  -4.735  5.146   1.00 22.75 ? 5   ALA B C   1 
ATOM   776  O O   . ALA B 1 5   ? -5.446  -3.823  5.892   1.00 21.77 ? 5   ALA B O   1 
ATOM   777  C CB  . ALA B 1 5   ? -7.171  -5.872  4.404   1.00 23.59 ? 5   ALA B CB  1 
ATOM   778  N N   . ASP B 1 6   ? -4.054  -4.634  4.320   1.00 22.32 ? 6   ASP B N   1 
ATOM   779  C CA  . ASP B 1 6   ? -3.250  -3.419  4.265   1.00 23.29 ? 6   ASP B CA  1 
ATOM   780  C C   . ASP B 1 6   ? -2.962  -2.937  2.846   1.00 22.27 ? 6   ASP B C   1 
ATOM   781  O O   . ASP B 1 6   ? -2.271  -3.616  2.080   1.00 22.61 ? 6   ASP B O   1 
ATOM   782  C CB  . ASP B 1 6   ? -1.927  -3.636  4.989   1.00 26.18 ? 6   ASP B CB  1 
ATOM   783  C CG  . ASP B 1 6   ? -1.003  -2.443  4.867   1.00 30.01 ? 6   ASP B CG  1 
ATOM   784  O OD1 . ASP B 1 6   ? -1.453  -1.314  5.149   1.00 31.21 ? 6   ASP B OD1 1 
ATOM   785  O OD2 . ASP B 1 6   ? 0.169   -2.634  4.493   1.00 35.35 ? 6   ASP B OD2 1 
ATOM   786  N N   . PRO B 1 7   ? -3.470  -1.747  2.482   1.00 22.16 ? 7   PRO B N   1 
ATOM   787  C CA  . PRO B 1 7   ? -4.285  -0.827  3.291   1.00 21.58 ? 7   PRO B CA  1 
ATOM   788  C C   . PRO B 1 7   ? -5.654  -1.397  3.659   1.00 21.75 ? 7   PRO B C   1 
ATOM   789  O O   . PRO B 1 7   ? -6.205  -2.218  2.931   1.00 22.96 ? 7   PRO B O   1 
ATOM   790  C CB  . PRO B 1 7   ? -4.418  0.401   2.395   1.00 23.45 ? 7   PRO B CB  1 
ATOM   791  C CG  . PRO B 1 7   ? -3.178  0.356   1.562   1.00 23.76 ? 7   PRO B CG  1 
ATOM   792  C CD  . PRO B 1 7   ? -3.070  -1.104  1.218   1.00 20.96 ? 7   PRO B CD  1 
ATOM   793  N N   . PRO B 1 8   ? -6.223  -0.955  4.793   1.00 23.45 ? 8   PRO B N   1 
ATOM   794  C CA  . PRO B 1 8   ? -7.533  -1.412  5.271   1.00 23.70 ? 8   PRO B CA  1 
ATOM   795  C C   . PRO B 1 8   ? -8.722  -0.813  4.508   1.00 25.19 ? 8   PRO B C   1 
ATOM   796  O O   . PRO B 1 8   ? -9.859  -1.269  4.655   1.00 25.16 ? 8   PRO B O   1 
ATOM   797  C CB  . PRO B 1 8   ? -7.518  -1.002  6.740   1.00 22.94 ? 8   PRO B CB  1 
ATOM   798  C CG  . PRO B 1 8   ? -6.759  0.279   6.696   1.00 23.97 ? 8   PRO B CG  1 
ATOM   799  C CD  . PRO B 1 8   ? -5.596  -0.061  5.785   1.00 21.55 ? 8   PRO B CD  1 
ATOM   800  N N   . ALA B 1 9   ? -8.460  0.216   3.707   1.00 23.70 ? 9   ALA B N   1 
ATOM   801  C CA  . ALA B 1 9   ? -9.510  0.855   2.922   1.00 23.25 ? 9   ALA B CA  1 
ATOM   802  C C   . ALA B 1 9   ? -9.005  1.150   1.516   1.00 23.53 ? 9   ALA B C   1 
ATOM   803  O O   . ALA B 1 9   ? -7.812  1.361   1.307   1.00 22.18 ? 9   ALA B O   1 
ATOM   804  C CB  . ALA B 1 9   ? -9.972  2.147   3.600   1.00 24.51 ? 9   ALA B CB  1 
ATOM   805  N N   . CYS B 1 10  ? -9.913  1.136   0.548   1.00 22.49 ? 10  CYS B N   1 
ATOM   806  C CA  . CYS B 1 10  ? -9.540  1.414   -0.830  1.00 23.31 ? 10  CYS B CA  1 
ATOM   807  C C   . CYS B 1 10  ? -10.127 2.733   -1.313  1.00 22.88 ? 10  CYS B C   1 
ATOM   808  O O   . CYS B 1 10  ? -11.330 2.956   -1.208  1.00 19.07 ? 10  CYS B O   1 
ATOM   809  C CB  . CYS B 1 10  ? -10.015 0.287   -1.749  1.00 23.97 ? 10  CYS B CB  1 
ATOM   810  S SG  . CYS B 1 10  ? -9.864  0.687   -3.503  1.00 25.15 ? 10  CYS B SG  1 
ATOM   811  N N   . THR B 1 11  ? -9.268  3.612   -1.824  1.00 23.43 ? 11  THR B N   1 
ATOM   812  C CA  . THR B 1 11  ? -9.723  4.893   -2.353  1.00 25.64 ? 11  THR B CA  1 
ATOM   813  C C   . THR B 1 11  ? -9.084  5.085   -3.724  1.00 24.96 ? 11  THR B C   1 
ATOM   814  O O   . THR B 1 11  ? -7.864  5.098   -3.857  1.00 25.31 ? 11  THR B O   1 
ATOM   815  C CB  . THR B 1 11  ? -9.354  6.068   -1.416  1.00 27.80 ? 11  THR B CB  1 
ATOM   816  O OG1 . THR B 1 11  ? -7.937  6.092   -1.193  1.00 32.92 ? 11  THR B OG1 1 
ATOM   817  C CG2 . THR B 1 11  ? -10.065 5.918   -0.089  1.00 29.09 ? 11  THR B CG2 1 
ATOM   818  N N   . VAL B 1 12  ? -9.920  5.225   -4.745  1.00 25.39 ? 12  VAL B N   1 
ATOM   819  C CA  . VAL B 1 12  ? -9.438  5.371   -6.111  1.00 23.74 ? 12  VAL B CA  1 
ATOM   820  C C   . VAL B 1 12  ? -10.238 6.395   -6.913  1.00 22.88 ? 12  VAL B C   1 
ATOM   821  O O   . VAL B 1 12  ? -11.370 6.725   -6.563  1.00 24.26 ? 12  VAL B O   1 
ATOM   822  C CB  . VAL B 1 12  ? -9.519  4.018   -6.856  1.00 22.39 ? 12  VAL B CB  1 
ATOM   823  C CG1 . VAL B 1 12  ? -8.758  2.956   -6.085  1.00 25.04 ? 12  VAL B CG1 1 
ATOM   824  C CG2 . VAL B 1 12  ? -10.967 3.597   -7.018  1.00 23.86 ? 12  VAL B CG2 1 
ATOM   825  N N   . PRO B 1 13  ? -9.642  6.929   -7.992  1.00 20.86 ? 13  PRO B N   1 
ATOM   826  C CA  . PRO B 1 13  ? -10.343 7.911   -8.826  1.00 20.86 ? 13  PRO B CA  1 
ATOM   827  C C   . PRO B 1 13  ? -11.524 7.210   -9.520  1.00 20.97 ? 13  PRO B C   1 
ATOM   828  O O   . PRO B 1 13  ? -11.392 6.071   -9.971  1.00 19.44 ? 13  PRO B O   1 
ATOM   829  C CB  . PRO B 1 13  ? -9.277  8.344   -9.831  1.00 22.79 ? 13  PRO B CB  1 
ATOM   830  C CG  . PRO B 1 13  ? -7.974  8.130   -9.086  1.00 22.05 ? 13  PRO B CG  1 
ATOM   831  C CD  . PRO B 1 13  ? -8.229  6.803   -8.395  1.00 21.15 ? 13  PRO B CD  1 
ATOM   832  N N   . ALA B 1 14  ? -12.663 7.889   -9.603  1.00 19.44 ? 14  ALA B N   1 
ATOM   833  C CA  . ALA B 1 14  ? -13.850 7.323   -10.232 1.00 21.56 ? 14  ALA B CA  1 
ATOM   834  C C   . ALA B 1 14  ? -13.584 6.989   -11.700 1.00 21.53 ? 14  ALA B C   1 
ATOM   835  O O   . ALA B 1 14  ? -14.211 6.090   -12.261 1.00 18.73 ? 14  ALA B O   1 
ATOM   836  C CB  . ALA B 1 14  ? -15.012 8.300   -10.117 1.00 21.88 ? 14  ALA B CB  1 
ATOM   837  N N   . ALA B 1 15  ? -12.642 7.712   -12.308 1.00 19.42 ? 15  ALA B N   1 
ATOM   838  C CA  . ALA B 1 15  ? -12.285 7.505   -13.710 1.00 20.35 ? 15  ALA B CA  1 
ATOM   839  C C   . ALA B 1 15  ? -11.436 6.262   -13.951 1.00 21.21 ? 15  ALA B C   1 
ATOM   840  O O   . ALA B 1 15  ? -11.299 5.811   -15.090 1.00 22.08 ? 15  ALA B O   1 
ATOM   841  C CB  . ALA B 1 15  ? -11.556 8.739   -14.248 1.00 20.84 ? 15  ALA B CB  1 
ATOM   842  N N   . GLY B 1 16  ? -10.853 5.712   -12.890 1.00 20.47 ? 16  GLY B N   1 
ATOM   843  C CA  . GLY B 1 16  ? -10.045 4.521   -13.052 1.00 20.30 ? 16  GLY B CA  1 
ATOM   844  C C   . GLY B 1 16  ? -8.808  4.457   -12.184 1.00 22.45 ? 16  GLY B C   1 
ATOM   845  O O   . GLY B 1 16  ? -8.235  5.490   -11.808 1.00 21.38 ? 16  GLY B O   1 
ATOM   846  N N   . VAL B 1 17  ? -8.389  3.235   -11.866 1.00 21.03 ? 17  VAL B N   1 
ATOM   847  C CA  . VAL B 1 17  ? -7.203  3.058   -11.047 1.00 21.59 ? 17  VAL B CA  1 
ATOM   848  C C   . VAL B 1 17  ? -6.954  1.621   -10.633 1.00 20.81 ? 17  VAL B C   1 
ATOM   849  O O   . VAL B 1 17  ? -7.635  0.699   -11.091 1.00 20.30 ? 17  VAL B O   1 
ATOM   850  N N   . SER B 1 18  ? -5.965  1.431   -9.769  1.00 18.26 ? 18  SER B N   1 
ATOM   851  C CA  . SER B 1 18  ? -5.622  0.109   -9.279  1.00 18.39 ? 18  SER B CA  1 
ATOM   852  C C   . SER B 1 18  ? -5.163  0.180   -7.830  1.00 19.59 ? 18  SER B C   1 
ATOM   853  O O   . SER B 1 18  ? -4.339  1.033   -7.452  1.00 18.53 ? 18  SER B O   1 
ATOM   854  C CB  . SER B 1 18  ? -4.522  -0.510  -10.147 1.00 18.63 ? 18  SER B CB  1 
ATOM   855  O OG  . SER B 1 18  ? -4.154  -1.783  -9.649  1.00 21.97 ? 18  SER B OG  1 
ATOM   856  N N   . SER B 1 19  ? -5.692  -0.722  -7.017  1.00 18.80 ? 19  SER B N   1 
ATOM   857  C CA  . SER B 1 19  ? -5.347  -0.762  -5.606  1.00 19.73 ? 19  SER B CA  1 
ATOM   858  C C   . SER B 1 19  ? -5.052  -2.188  -5.141  1.00 20.54 ? 19  SER B C   1 
ATOM   859  O O   . SER B 1 19  ? -5.885  -3.087  -5.282  1.00 18.92 ? 19  SER B O   1 
ATOM   860  C CB  . SER B 1 19  ? -6.493  -0.166  -4.784  1.00 18.97 ? 19  SER B CB  1 
ATOM   861  O OG  . SER B 1 19  ? -6.127  -0.013  -3.426  1.00 20.73 ? 19  SER B OG  1 
ATOM   862  N N   . THR B 1 20  ? -3.854  -2.385  -4.599  1.00 18.95 ? 20  THR B N   1 
ATOM   863  C CA  . THR B 1 20  ? -3.438  -3.689  -4.098  1.00 21.54 ? 20  THR B CA  1 
ATOM   864  C C   . THR B 1 20  ? -3.545  -3.689  -2.577  1.00 21.75 ? 20  THR B C   1 
ATOM   865  O O   . THR B 1 20  ? -3.093  -2.756  -1.917  1.00 22.83 ? 20  THR B O   1 
ATOM   866  C CB  . THR B 1 20  ? -1.986  -4.006  -4.502  1.00 19.62 ? 20  THR B CB  1 
ATOM   867  O OG1 . THR B 1 20  ? -1.890  -4.054  -5.925  1.00 21.65 ? 20  THR B OG1 1 
ATOM   868  C CG2 . THR B 1 20  ? -1.543  -5.339  -3.931  1.00 20.13 ? 20  THR B CG2 1 
ATOM   869  N N   . HIS B 1 21  ? -4.145  -4.740  -2.029  1.00 23.52 ? 21  HIS B N   1 
ATOM   870  C CA  . HIS B 1 21  ? -4.324  -4.860  -0.584  1.00 24.56 ? 21  HIS B CA  1 
ATOM   871  C C   . HIS B 1 21  ? -3.815  -6.215  -0.101  1.00 25.33 ? 21  HIS B C   1 
ATOM   872  O O   . HIS B 1 21  ? -4.290  -7.258  -0.541  1.00 24.18 ? 21  HIS B O   1 
ATOM   873  C CB  . HIS B 1 21  ? -5.807  -4.713  -0.242  1.00 25.34 ? 21  HIS B CB  1 
ATOM   874  C CG  . HIS B 1 21  ? -6.385  -3.394  -0.643  1.00 24.74 ? 21  HIS B CG  1 
ATOM   875  N ND1 . HIS B 1 21  ? -6.312  -2.275  0.159   1.00 25.87 ? 21  HIS B ND1 1 
ATOM   876  C CD2 . HIS B 1 21  ? -6.998  -2.999  -1.783  1.00 26.51 ? 21  HIS B CD2 1 
ATOM   877  C CE1 . HIS B 1 21  ? -6.854  -1.248  -0.471  1.00 24.07 ? 21  HIS B CE1 1 
ATOM   878  N NE2 . HIS B 1 21  ? -7.278  -1.661  -1.652  1.00 24.53 ? 21  HIS B NE2 1 
ATOM   879  N N   . LYS B 1 22  ? -2.849  -6.205  0.807   1.00 25.18 ? 22  LYS B N   1 
ATOM   880  C CA  . LYS B 1 22  ? -2.310  -7.461  1.300   1.00 25.90 ? 22  LYS B CA  1 
ATOM   881  C C   . LYS B 1 22  ? -3.060  -7.975  2.516   1.00 25.14 ? 22  LYS B C   1 
ATOM   882  O O   . LYS B 1 22  ? -3.111  -7.313  3.553   1.00 23.63 ? 22  LYS B O   1 
ATOM   883  C CB  . LYS B 1 22  ? -0.826  -7.318  1.629   1.00 29.68 ? 22  LYS B CB  1 
ATOM   884  C CG  . LYS B 1 22  ? -0.513  -6.323  2.726   1.00 35.48 ? 22  LYS B CG  1 
ATOM   885  C CD  . LYS B 1 22  ? 0.979   -6.329  3.050   1.00 40.24 ? 22  LYS B CD  1 
ATOM   886  C CE  . LYS B 1 22  ? 1.299   -5.343  4.167   1.00 43.19 ? 22  LYS B CE  1 
ATOM   887  N NZ  . LYS B 1 22  ? 2.757   -5.261  4.447   1.00 44.55 ? 22  LYS B NZ  1 
ATOM   888  N N   . LEU B 1 23  ? -3.660  -9.154  2.365   1.00 23.48 ? 23  LEU B N   1 
ATOM   889  C CA  . LEU B 1 23  ? -4.391  -9.803  3.443   1.00 22.77 ? 23  LEU B CA  1 
ATOM   890  C C   . LEU B 1 23  ? -3.357  -10.568 4.251   1.00 23.65 ? 23  LEU B C   1 
ATOM   891  O O   . LEU B 1 23  ? -2.602  -11.375 3.707   1.00 24.52 ? 23  LEU B O   1 
ATOM   892  C CB  . LEU B 1 23  ? -5.424  -10.781 2.883   1.00 24.87 ? 23  LEU B CB  1 
ATOM   893  C CG  . LEU B 1 23  ? -6.525  -10.220 1.979   1.00 24.75 ? 23  LEU B CG  1 
ATOM   894  C CD1 . LEU B 1 23  ? -7.473  -11.341 1.597   1.00 26.67 ? 23  LEU B CD1 1 
ATOM   895  C CD2 . LEU B 1 23  ? -7.273  -9.096  2.697   1.00 23.79 ? 23  LEU B CD2 1 
ATOM   896  N N   . VAL B 1 24  ? -3.313  -10.319 5.550   1.00 23.13 ? 24  VAL B N   1 
ATOM   897  C CA  . VAL B 1 24  ? -2.339  -10.991 6.390   1.00 22.35 ? 24  VAL B CA  1 
ATOM   898  C C   . VAL B 1 24  ? -3.024  -11.844 7.438   1.00 22.15 ? 24  VAL B C   1 
ATOM   899  O O   . VAL B 1 24  ? -3.915  -11.378 8.150   1.00 20.66 ? 24  VAL B O   1 
ATOM   900  C CB  . VAL B 1 24  ? -1.412  -9.965  7.081   1.00 22.37 ? 24  VAL B CB  1 
ATOM   901  C CG1 . VAL B 1 24  ? -0.506  -10.669 8.087   1.00 21.63 ? 24  VAL B CG1 1 
ATOM   902  C CG2 . VAL B 1 24  ? -0.581  -9.237  6.028   1.00 20.19 ? 24  VAL B CG2 1 
ATOM   903  N N   . ASN B 1 25  ? -2.599  -13.099 7.513   1.00 22.09 ? 25  ASN B N   1 
ATOM   904  C CA  . ASN B 1 25  ? -3.152  -14.055 8.462   1.00 23.06 ? 25  ASN B CA  1 
ATOM   905  C C   . ASN B 1 25  ? -2.199  -14.184 9.630   1.00 22.04 ? 25  ASN B C   1 
ATOM   906  O O   . ASN B 1 25  ? -1.176  -14.856 9.526   1.00 23.66 ? 25  ASN B O   1 
ATOM   907  C CB  . ASN B 1 25  ? -3.316  -15.422 7.793   1.00 24.19 ? 25  ASN B CB  1 
ATOM   908  C CG  . ASN B 1 25  ? -3.797  -16.498 8.754   1.00 25.14 ? 25  ASN B CG  1 
ATOM   909  O OD1 . ASN B 1 25  ? -3.813  -17.686 8.414   1.00 25.46 ? 25  ASN B OD1 1 
ATOM   910  N ND2 . ASN B 1 25  ? -4.198  -16.090 9.953   1.00 23.76 ? 25  ASN B ND2 1 
ATOM   911  N N   . GLY B 1 26  ? -2.532  -13.536 10.739  1.00 21.33 ? 26  GLY B N   1 
ATOM   912  C CA  . GLY B 1 26  ? -1.679  -13.608 11.909  1.00 22.20 ? 26  GLY B CA  1 
ATOM   913  C C   . GLY B 1 26  ? -1.986  -14.792 12.805  1.00 23.71 ? 26  GLY B C   1 
ATOM   914  O O   . GLY B 1 26  ? -1.435  -14.899 13.900  1.00 24.02 ? 26  GLY B O   1 
ATOM   915  N N   . GLY B 1 27  ? -2.858  -15.688 12.347  1.00 24.13 ? 27  GLY B N   1 
ATOM   916  C CA  . GLY B 1 27  ? -3.213  -16.850 13.145  1.00 22.73 ? 27  GLY B CA  1 
ATOM   917  C C   . GLY B 1 27  ? -2.221  -17.988 13.004  1.00 24.69 ? 27  GLY B C   1 
ATOM   918  O O   . GLY B 1 27  ? -1.261  -17.881 12.244  1.00 26.20 ? 27  GLY B O   1 
ATOM   919  N N   . ALA B 1 28  ? -2.460  -19.087 13.717  1.00 22.64 ? 28  ALA B N   1 
ATOM   920  C CA  . ALA B 1 28  ? -1.561  -20.238 13.678  1.00 23.59 ? 28  ALA B CA  1 
ATOM   921  C C   . ALA B 1 28  ? -2.161  -21.410 12.907  1.00 24.65 ? 28  ALA B C   1 
ATOM   922  O O   . ALA B 1 28  ? -1.799  -22.569 13.131  1.00 23.53 ? 28  ALA B O   1 
ATOM   923  C CB  . ALA B 1 28  ? -1.223  -20.673 15.097  1.00 23.31 ? 28  ALA B CB  1 
ATOM   924  N N   . GLU B 1 29  ? -3.076  -21.091 12.003  1.00 24.05 ? 29  GLU B N   1 
ATOM   925  C CA  . GLU B 1 29  ? -3.752  -22.083 11.179  1.00 26.06 ? 29  GLU B CA  1 
ATOM   926  C C   . GLU B 1 29  ? -4.003  -21.477 9.801   1.00 26.11 ? 29  GLU B C   1 
ATOM   927  O O   . GLU B 1 29  ? -4.303  -20.289 9.689   1.00 24.18 ? 29  GLU B O   1 
ATOM   928  C CB  . GLU B 1 29  ? -5.080  -22.460 11.842  1.00 28.89 ? 29  GLU B CB  1 
ATOM   929  C CG  . GLU B 1 29  ? -6.013  -23.299 11.008  1.00 33.99 ? 29  GLU B CG  1 
ATOM   930  C CD  . GLU B 1 29  ? -7.348  -23.491 11.694  1.00 34.38 ? 29  GLU B CD  1 
ATOM   931  O OE1 . GLU B 1 29  ? -8.009  -22.475 12.000  1.00 36.69 ? 29  GLU B OE1 1 
ATOM   932  O OE2 . GLU B 1 29  ? -7.733  -24.651 11.933  1.00 37.45 ? 29  GLU B OE2 1 
ATOM   933  N N   . LYS B 1 30  ? -3.867  -22.289 8.755   1.00 25.86 ? 30  LYS B N   1 
ATOM   934  C CA  . LYS B 1 30  ? -4.098  -21.814 7.399   1.00 25.57 ? 30  LYS B CA  1 
ATOM   935  C C   . LYS B 1 30  ? -5.564  -21.444 7.283   1.00 25.45 ? 30  LYS B C   1 
ATOM   936  O O   . LYS B 1 30  ? -6.428  -22.117 7.844   1.00 24.59 ? 30  LYS B O   1 
ATOM   937  C CB  . LYS B 1 30  ? -3.775  -22.904 6.368   1.00 26.61 ? 30  LYS B CB  1 
ATOM   938  C CG  . LYS B 1 30  ? -4.038  -22.478 4.927   1.00 26.50 ? 30  LYS B CG  1 
ATOM   939  C CD  . LYS B 1 30  ? -3.926  -23.631 3.922   1.00 27.99 ? 30  LYS B CD  1 
ATOM   940  C CE  . LYS B 1 30  ? -2.513  -24.170 3.822   1.00 28.87 ? 30  LYS B CE  1 
ATOM   941  N NZ  . LYS B 1 30  ? -2.389  -25.257 2.809   1.00 27.93 ? 30  LYS B NZ  1 
ATOM   942  N N   . ILE B 1 31  ? -5.850  -20.365 6.568   1.00 24.95 ? 31  ILE B N   1 
ATOM   943  C CA  . ILE B 1 31  ? -7.236  -19.960 6.395   1.00 24.42 ? 31  ILE B CA  1 
ATOM   944  C C   . ILE B 1 31  ? -7.552  -19.911 4.915   1.00 23.73 ? 31  ILE B C   1 
ATOM   945  O O   . ILE B 1 31  ? -6.653  -19.911 4.080   1.00 24.65 ? 31  ILE B O   1 
ATOM   946  C CB  . ILE B 1 31  ? -7.523  -18.565 7.005   1.00 24.65 ? 31  ILE B CB  1 
ATOM   947  C CG1 . ILE B 1 31  ? -6.704  -17.494 6.290   1.00 24.66 ? 31  ILE B CG1 1 
ATOM   948  C CG2 . ILE B 1 31  ? -7.210  -18.566 8.490   1.00 23.04 ? 31  ILE B CG2 1 
ATOM   949  C CD1 . ILE B 1 31  ? -7.084  -16.083 6.687   1.00 25.62 ? 31  ILE B CD1 1 
ATOM   950  N N   . VAL B 1 32  ? -8.839  -19.885 4.603   1.00 22.54 ? 32  VAL B N   1 
ATOM   951  C CA  . VAL B 1 32  ? -9.304  -19.809 3.232   1.00 21.12 ? 32  VAL B CA  1 
ATOM   952  C C   . VAL B 1 32  ? -10.193 -18.570 3.203   1.00 20.83 ? 32  VAL B C   1 
ATOM   953  O O   . VAL B 1 32  ? -10.691 -18.150 4.243   1.00 21.64 ? 32  VAL B O   1 
ATOM   954  C CB  . VAL B 1 32  ? -10.111 -21.085 2.848   1.00 21.72 ? 32  VAL B CB  1 
ATOM   955  C CG1 . VAL B 1 32  ? -11.188 -21.357 3.877   1.00 20.17 ? 32  VAL B CG1 1 
ATOM   956  C CG2 . VAL B 1 32  ? -10.721 -20.926 1.475   1.00 27.08 ? 32  VAL B CG2 1 
ATOM   957  N N   . PHE B 1 33  ? -10.377 -17.972 2.032   1.00 20.62 ? 33  PHE B N   1 
ATOM   958  C CA  . PHE B 1 33  ? -11.218 -16.787 1.937   1.00 21.15 ? 33  PHE B CA  1 
ATOM   959  C C   . PHE B 1 33  ? -11.991 -16.700 0.623   1.00 21.07 ? 33  PHE B C   1 
ATOM   960  O O   . PHE B 1 33  ? -11.586 -17.261 -0.397  1.00 21.22 ? 33  PHE B O   1 
ATOM   961  C CB  . PHE B 1 33  ? -10.364 -15.530 2.117   1.00 20.27 ? 33  PHE B CB  1 
ATOM   962  C CG  . PHE B 1 33  ? -9.405  -15.291 0.994   1.00 20.07 ? 33  PHE B CG  1 
ATOM   963  C CD1 . PHE B 1 33  ? -9.802  -14.595 -0.139  1.00 22.35 ? 33  PHE B CD1 1 
ATOM   964  C CD2 . PHE B 1 33  ? -8.105  -15.774 1.060   1.00 19.11 ? 33  PHE B CD2 1 
ATOM   965  C CE1 . PHE B 1 33  ? -8.915  -14.383 -1.195  1.00 22.44 ? 33  PHE B CE1 1 
ATOM   966  C CE2 . PHE B 1 33  ? -7.215  -15.569 0.013   1.00 18.72 ? 33  PHE B CE2 1 
ATOM   967  C CZ  . PHE B 1 33  ? -7.617  -14.873 -1.115  1.00 20.77 ? 33  PHE B CZ  1 
ATOM   968  N N   . LYS B 1 34  ? -13.108 -15.983 0.674   1.00 21.12 ? 34  LYS B N   1 
ATOM   969  C CA  . LYS B 1 34  ? -13.978 -15.769 -0.478  1.00 23.93 ? 34  LYS B CA  1 
ATOM   970  C C   . LYS B 1 34  ? -14.369 -14.294 -0.476  1.00 23.36 ? 34  LYS B C   1 
ATOM   971  O O   . LYS B 1 34  ? -14.899 -13.789 0.515   1.00 23.28 ? 34  LYS B O   1 
ATOM   972  C CB  . LYS B 1 34  ? -15.236 -16.639 -0.358  1.00 25.42 ? 34  LYS B CB  1 
ATOM   973  C CG  . LYS B 1 34  ? -16.339 -16.301 -1.353  1.00 28.97 ? 34  LYS B CG  1 
ATOM   974  C CD  . LYS B 1 34  ? -17.519 -17.259 -1.182  1.00 32.56 ? 34  LYS B CD  1 
ATOM   975  C CE  . LYS B 1 34  ? -18.665 -16.931 -2.130  1.00 34.56 ? 34  LYS B CE  1 
ATOM   976  N NZ  . LYS B 1 34  ? -19.789 -17.913 -1.995  1.00 37.61 ? 34  LYS B NZ  1 
ATOM   977  N N   . ILE B 1 35  ? -14.113 -13.604 -1.579  1.00 22.58 ? 35  ILE B N   1 
ATOM   978  C CA  . ILE B 1 35  ? -14.435 -12.185 -1.654  1.00 25.64 ? 35  ILE B CA  1 
ATOM   979  C C   . ILE B 1 35  ? -15.712 -11.883 -2.429  1.00 25.70 ? 35  ILE B C   1 
ATOM   980  O O   . ILE B 1 35  ? -15.934 -12.411 -3.519  1.00 25.53 ? 35  ILE B O   1 
ATOM   981  C CB  . ILE B 1 35  ? -13.270 -11.390 -2.290  1.00 25.99 ? 35  ILE B CB  1 
ATOM   982  C CG1 . ILE B 1 35  ? -11.980 -11.648 -1.505  1.00 28.14 ? 35  ILE B CG1 1 
ATOM   983  C CG2 . ILE B 1 35  ? -13.591 -9.899  -2.290  1.00 26.44 ? 35  ILE B CG2 1 
ATOM   984  C CD1 . ILE B 1 35  ? -10.787 -10.833 -1.973  1.00 26.33 ? 35  ILE B CD1 1 
ATOM   985  N N   . LYS B 1 36  ? -16.555 -11.036 -1.850  1.00 26.55 ? 36  LYS B N   1 
ATOM   986  C CA  . LYS B 1 36  ? -17.803 -10.624 -2.484  1.00 27.89 ? 36  LYS B CA  1 
ATOM   987  C C   . LYS B 1 36  ? -17.802 -9.103  -2.564  1.00 27.38 ? 36  LYS B C   1 
ATOM   988  O O   . LYS B 1 36  ? -17.673 -8.433  -1.543  1.00 28.04 ? 36  LYS B O   1 
ATOM   989  C CB  . LYS B 1 36  ? -19.007 -11.088 -1.662  1.00 28.33 ? 36  LYS B CB  1 
ATOM   990  C CG  . LYS B 1 36  ? -19.265 -12.585 -1.704  1.00 32.94 ? 36  LYS B CG  1 
ATOM   991  C CD  . LYS B 1 36  ? -20.385 -12.970 -0.735  1.00 37.42 ? 36  LYS B CD  1 
ATOM   992  C CE  . LYS B 1 36  ? -20.697 -14.462 -0.790  1.00 37.72 ? 36  LYS B CE  1 
ATOM   993  N NZ  . LYS B 1 36  ? -21.617 -14.879 0.307   1.00 38.73 ? 36  LYS B NZ  1 
ATOM   994  N N   . SER B 1 37  ? -17.935 -8.567  -3.774  1.00 27.00 ? 37  SER B N   1 
ATOM   995  C CA  . SER B 1 37  ? -17.952 -7.120  -3.988  1.00 25.53 ? 37  SER B CA  1 
ATOM   996  C C   . SER B 1 37  ? -19.370 -6.602  -4.232  1.00 26.63 ? 37  SER B C   1 
ATOM   997  O O   . SER B 1 37  ? -20.195 -7.286  -4.848  1.00 24.31 ? 37  SER B O   1 
ATOM   998  C CB  . SER B 1 37  ? -17.073 -6.754  -5.186  1.00 24.57 ? 37  SER B CB  1 
ATOM   999  O OG  . SER B 1 37  ? -17.280 -5.404  -5.580  1.00 24.04 ? 37  SER B OG  1 
ATOM   1000 N N   . SER B 1 38  ? -19.647 -5.392  -3.749  1.00 24.63 ? 38  SER B N   1 
ATOM   1001 C CA  . SER B 1 38  ? -20.961 -4.784  -3.924  1.00 23.81 ? 38  SER B CA  1 
ATOM   1002 C C   . SER B 1 38  ? -21.064 -4.156  -5.303  1.00 24.53 ? 38  SER B C   1 
ATOM   1003 O O   . SER B 1 38  ? -22.088 -3.567  -5.652  1.00 23.30 ? 38  SER B O   1 
ATOM   1004 C CB  . SER B 1 38  ? -21.213 -3.710  -2.855  1.00 24.23 ? 38  SER B CB  1 
ATOM   1005 O OG  . SER B 1 38  ? -20.264 -2.663  -2.938  1.00 21.46 ? 38  SER B OG  1 
ATOM   1006 N N   . ASN B 1 39  ? -20.002 -4.290  -6.092  1.00 24.11 ? 39  ASN B N   1 
ATOM   1007 C CA  . ASN B 1 39  ? -19.976 -3.716  -7.431  1.00 24.15 ? 39  ASN B CA  1 
ATOM   1008 C C   . ASN B 1 39  ? -19.047 -4.532  -8.310  1.00 24.98 ? 39  ASN B C   1 
ATOM   1009 O O   . ASN B 1 39  ? -17.824 -4.443  -8.188  1.00 25.21 ? 39  ASN B O   1 
ATOM   1010 C CB  . ASN B 1 39  ? -19.479 -2.268  -7.368  1.00 24.93 ? 39  ASN B CB  1 
ATOM   1011 C CG  . ASN B 1 39  ? -19.570 -1.555  -8.708  1.00 24.49 ? 39  ASN B CG  1 
ATOM   1012 O OD1 . ASN B 1 39  ? -19.412 -2.168  -9.767  1.00 22.86 ? 39  ASN B OD1 1 
ATOM   1013 N ND2 . ASN B 1 39  ? -19.813 -0.250  -8.665  1.00 23.17 ? 39  ASN B ND2 1 
ATOM   1014 N N   . ASN B 1 40  ? -19.627 -5.327  -9.199  1.00 25.42 ? 40  ASN B N   1 
ATOM   1015 C CA  . ASN B 1 40  ? -18.833 -6.155  -10.086 1.00 25.70 ? 40  ASN B CA  1 
ATOM   1016 C C   . ASN B 1 40  ? -18.819 -5.638  -11.514 1.00 25.39 ? 40  ASN B C   1 
ATOM   1017 O O   . ASN B 1 40  ? -18.350 -6.320  -12.422 1.00 26.50 ? 40  ASN B O   1 
ATOM   1018 C CB  . ASN B 1 40  ? -19.343 -7.593  -10.050 1.00 26.80 ? 40  ASN B CB  1 
ATOM   1019 C CG  . ASN B 1 40  ? -19.018 -8.284  -8.741  1.00 30.14 ? 40  ASN B CG  1 
ATOM   1020 O OD1 . ASN B 1 40  ? -17.855 -8.350  -8.339  1.00 33.05 ? 40  ASN B OD1 1 
ATOM   1021 N ND2 . ASN B 1 40  ? -20.039 -8.799  -8.067  1.00 27.88 ? 40  ASN B ND2 1 
ATOM   1022 N N   . ASN B 1 41  ? -19.336 -4.433  -11.715 1.00 23.23 ? 41  ASN B N   1 
ATOM   1023 C CA  . ASN B 1 41  ? -19.344 -3.859  -13.046 1.00 25.66 ? 41  ASN B CA  1 
ATOM   1024 C C   . ASN B 1 41  ? -18.150 -2.923  -13.230 1.00 24.65 ? 41  ASN B C   1 
ATOM   1025 O O   . ASN B 1 41  ? -17.363 -3.105  -14.155 1.00 24.05 ? 41  ASN B O   1 
ATOM   1026 C CB  . ASN B 1 41  ? -20.640 -3.094  -13.304 1.00 27.41 ? 41  ASN B CB  1 
ATOM   1027 C CG  . ASN B 1 41  ? -20.705 -2.533  -14.713 1.00 30.78 ? 41  ASN B CG  1 
ATOM   1028 O OD1 . ASN B 1 41  ? -20.833 -3.279  -15.684 1.00 30.62 ? 41  ASN B OD1 1 
ATOM   1029 N ND2 . ASN B 1 41  ? -20.596 -1.215  -14.833 1.00 30.84 ? 41  ASN B ND2 1 
ATOM   1030 N N   . GLU B 1 42  ? -18.014 -1.929  -12.354 1.00 24.44 ? 42  GLU B N   1 
ATOM   1031 C CA  . GLU B 1 42  ? -16.895 -0.984  -12.451 1.00 22.72 ? 42  GLU B CA  1 
ATOM   1032 C C   . GLU B 1 42  ? -15.617 -1.484  -11.786 1.00 23.17 ? 42  GLU B C   1 
ATOM   1033 O O   . GLU B 1 42  ? -14.601 -0.774  -11.777 1.00 23.56 ? 42  GLU B O   1 
ATOM   1034 C CB  . GLU B 1 42  ? -17.257 0.365   -11.831 1.00 24.96 ? 42  GLU B CB  1 
ATOM   1035 C CG  . GLU B 1 42  ? -18.214 1.228   -12.647 1.00 27.46 ? 42  GLU B CG  1 
ATOM   1036 C CD  . GLU B 1 42  ? -19.651 1.067   -12.217 1.00 26.45 ? 42  GLU B CD  1 
ATOM   1037 O OE1 . GLU B 1 42  ? -19.931 1.230   -11.011 1.00 24.98 ? 42  GLU B OE1 1 
ATOM   1038 O OE2 . GLU B 1 42  ? -20.502 0.785   -13.082 1.00 31.83 ? 42  GLU B OE2 1 
ATOM   1039 N N   . TYR B 1 43  ? -15.673 -2.685  -11.213 1.00 22.27 ? 43  TYR B N   1 
ATOM   1040 C CA  . TYR B 1 43  ? -14.517 -3.285  -10.548 1.00 23.15 ? 43  TYR B CA  1 
ATOM   1041 C C   . TYR B 1 43  ? -14.193 -4.701  -11.005 1.00 24.97 ? 43  TYR B C   1 
ATOM   1042 O O   . TYR B 1 43  ? -15.071 -5.485  -11.385 1.00 26.13 ? 43  TYR B O   1 
ATOM   1043 C CB  . TYR B 1 43  ? -14.726 -3.341  -9.035  1.00 21.88 ? 43  TYR B CB  1 
ATOM   1044 C CG  . TYR B 1 43  ? -14.711 -2.009  -8.327  1.00 23.16 ? 43  TYR B CG  1 
ATOM   1045 C CD1 . TYR B 1 43  ? -13.509 -1.363  -8.026  1.00 22.12 ? 43  TYR B CD1 1 
ATOM   1046 C CD2 . TYR B 1 43  ? -15.900 -1.408  -7.926  1.00 22.45 ? 43  TYR B CD2 1 
ATOM   1047 C CE1 . TYR B 1 43  ? -13.500 -0.149  -7.331  1.00 22.67 ? 43  TYR B CE1 1 
ATOM   1048 C CE2 . TYR B 1 43  ? -15.900 -0.200  -7.237  1.00 22.49 ? 43  TYR B CE2 1 
ATOM   1049 C CZ  . TYR B 1 43  ? -14.704 0.422   -6.940  1.00 22.73 ? 43  TYR B CZ  1 
ATOM   1050 O OH  . TYR B 1 43  ? -14.721 1.608   -6.236  1.00 24.85 ? 43  TYR B OH  1 
ATOM   1051 N N   . ARG B 1 44  ? -12.908 -5.014  -10.958 1.00 25.80 ? 44  ARG B N   1 
ATOM   1052 C CA  . ARG B 1 44  ? -12.404 -6.332  -11.285 1.00 26.22 ? 44  ARG B CA  1 
ATOM   1053 C C   . ARG B 1 44  ? -11.540 -6.625  -10.070 1.00 27.17 ? 44  ARG B C   1 
ATOM   1054 O O   . ARG B 1 44  ? -10.720 -5.790  -9.673  1.00 26.46 ? 44  ARG B O   1 
ATOM   1055 C CB  . ARG B 1 44  ? -11.562 -6.292  -12.559 1.00 27.38 ? 44  ARG B CB  1 
ATOM   1056 C CG  . ARG B 1 44  ? -12.381 -6.101  -13.834 1.00 30.48 ? 44  ARG B CG  1 
ATOM   1057 C CD  . ARG B 1 44  ? -13.232 -7.335  -14.138 1.00 30.47 ? 44  ARG B CD  1 
ATOM   1058 N NE  . ARG B 1 44  ? -13.969 -7.225  -15.396 1.00 31.60 ? 44  ARG B NE  1 
ATOM   1059 C CZ  . ARG B 1 44  ? -15.037 -6.456  -15.593 1.00 32.16 ? 44  ARG B CZ  1 
ATOM   1060 N NH1 . ARG B 1 44  ? -15.630 -6.443  -16.778 1.00 36.78 ? 44  ARG B NH1 1 
ATOM   1061 N NH2 . ARG B 1 44  ? -15.521 -5.705  -14.617 1.00 34.50 ? 44  ARG B NH2 1 
ATOM   1062 N N   . ILE B 1 45  ? -11.746 -7.787  -9.461  1.00 27.06 ? 45  ILE B N   1 
ATOM   1063 C CA  . ILE B 1 45  ? -10.992 -8.165  -8.279  1.00 27.38 ? 45  ILE B CA  1 
ATOM   1064 C C   . ILE B 1 45  ? -10.276 -9.492  -8.502  1.00 28.03 ? 45  ILE B C   1 
ATOM   1065 O O   . ILE B 1 45  ? -10.852 -10.435 -9.044  1.00 25.93 ? 45  ILE B O   1 
ATOM   1066 C CB  . ILE B 1 45  ? -11.928 -8.281  -7.043  1.00 30.80 ? 45  ILE B CB  1 
ATOM   1067 C CG1 . ILE B 1 45  ? -13.007 -9.338  -7.300  1.00 32.44 ? 45  ILE B CG1 1 
ATOM   1068 C CG2 . ILE B 1 45  ? -12.592 -6.927  -6.759  1.00 28.06 ? 45  ILE B CG2 1 
ATOM   1069 C CD1 . ILE B 1 45  ? -13.970 -9.537  -6.138  1.00 36.13 ? 45  ILE B CD1 1 
ATOM   1070 N N   . ALA B 1 46  ? -9.016  -9.561  -8.086  1.00 25.94 ? 46  ALA B N   1 
ATOM   1071 C CA  . ALA B 1 46  ? -8.241  -10.785 -8.252  1.00 25.96 ? 46  ALA B CA  1 
ATOM   1072 C C   . ALA B 1 46  ? -7.156  -10.887 -7.191  1.00 25.48 ? 46  ALA B C   1 
ATOM   1073 O O   . ALA B 1 46  ? -6.357  -9.967  -7.018  1.00 25.39 ? 46  ALA B O   1 
ATOM   1074 C CB  . ALA B 1 46  ? -7.617  -10.822 -9.644  1.00 26.16 ? 46  ALA B CB  1 
ATOM   1075 N N   . PRO B 1 47  ? -7.105  -12.019 -6.474  1.00 26.52 ? 47  PRO B N   1 
ATOM   1076 C CA  . PRO B 1 47  ? -7.981  -13.195 -6.588  1.00 26.04 ? 47  PRO B CA  1 
ATOM   1077 C C   . PRO B 1 47  ? -9.323  -12.987 -5.889  1.00 25.73 ? 47  PRO B C   1 
ATOM   1078 O O   . PRO B 1 47  ? -9.460  -12.087 -5.067  1.00 24.64 ? 47  PRO B O   1 
ATOM   1079 C CB  . PRO B 1 47  ? -7.176  -14.302 -5.895  1.00 26.16 ? 47  PRO B CB  1 
ATOM   1080 C CG  . PRO B 1 47  ? -5.774  -13.762 -5.825  1.00 28.58 ? 47  PRO B CG  1 
ATOM   1081 C CD  . PRO B 1 47  ? -5.978  -12.307 -5.580  1.00 24.67 ? 47  PRO B CD  1 
ATOM   1082 N N   . VAL B 1 48  ? -10.297 -13.835 -6.209  1.00 25.18 ? 48  VAL B N   1 
ATOM   1083 C CA  . VAL B 1 48  ? -11.620 -13.767 -5.600  1.00 27.75 ? 48  VAL B CA  1 
ATOM   1084 C C   . VAL B 1 48  ? -11.697 -14.811 -4.482  1.00 27.85 ? 48  VAL B C   1 
ATOM   1085 O O   . VAL B 1 48  ? -12.558 -14.741 -3.597  1.00 27.77 ? 48  VAL B O   1 
ATOM   1086 C CB  . VAL B 1 48  ? -12.733 -14.083 -6.633  1.00 30.91 ? 48  VAL B CB  1 
ATOM   1087 C CG1 . VAL B 1 48  ? -14.095 -13.904 -5.997  1.00 32.64 ? 48  VAL B CG1 1 
ATOM   1088 C CG2 . VAL B 1 48  ? -12.595 -13.181 -7.847  1.00 33.88 ? 48  VAL B CG2 1 
ATOM   1089 N N   . PHE B 1 49  ? -10.801 -15.792 -4.547  1.00 26.23 ? 49  PHE B N   1 
ATOM   1090 C CA  . PHE B 1 49  ? -10.740 -16.860 -3.555  1.00 25.84 ? 49  PHE B CA  1 
ATOM   1091 C C   . PHE B 1 49  ? -9.280  -17.190 -3.330  1.00 23.31 ? 49  PHE B C   1 
ATOM   1092 O O   . PHE B 1 49  ? -8.415  -16.752 -4.085  1.00 23.12 ? 49  PHE B O   1 
ATOM   1093 C CB  . PHE B 1 49  ? -11.431 -18.142 -4.051  1.00 28.51 ? 49  PHE B CB  1 
ATOM   1094 C CG  . PHE B 1 49  ? -12.817 -17.936 -4.571  1.00 34.41 ? 49  PHE B CG  1 
ATOM   1095 C CD1 . PHE B 1 49  ? -13.026 -17.485 -5.870  1.00 35.31 ? 49  PHE B CD1 1 
ATOM   1096 C CD2 . PHE B 1 49  ? -13.923 -18.201 -3.768  1.00 36.39 ? 49  PHE B CD2 1 
ATOM   1097 C CE1 . PHE B 1 49  ? -14.315 -17.305 -6.362  1.00 36.10 ? 49  PHE B CE1 1 
ATOM   1098 C CE2 . PHE B 1 49  ? -15.218 -18.023 -4.252  1.00 35.44 ? 49  PHE B CE2 1 
ATOM   1099 C CZ  . PHE B 1 49  ? -15.413 -17.573 -5.550  1.00 35.47 ? 49  PHE B CZ  1 
ATOM   1100 N N   . GLY B 1 50  ? -9.002  -17.980 -2.301  1.00 22.91 ? 50  GLY B N   1 
ATOM   1101 C CA  . GLY B 1 50  ? -7.627  -18.363 -2.051  1.00 23.05 ? 50  GLY B CA  1 
ATOM   1102 C C   . GLY B 1 50  ? -7.346  -18.793 -0.636  1.00 22.84 ? 50  GLY B C   1 
ATOM   1103 O O   . GLY B 1 50  ? -8.247  -18.871 0.198   1.00 23.63 ? 50  GLY B O   1 
ATOM   1104 N N   . PHE B 1 51  ? -6.076  -19.073 -0.377  1.00 22.95 ? 51  PHE B N   1 
ATOM   1105 C CA  . PHE B 1 51  ? -5.616  -19.488 0.938   1.00 24.71 ? 51  PHE B CA  1 
ATOM   1106 C C   . PHE B 1 51  ? -4.658  -18.427 1.481   1.00 23.47 ? 51  PHE B C   1 
ATOM   1107 O O   . PHE B 1 51  ? -4.093  -17.640 0.719   1.00 22.90 ? 51  PHE B O   1 
ATOM   1108 C CB  . PHE B 1 51  ? -4.832  -20.799 0.848   1.00 26.52 ? 51  PHE B CB  1 
ATOM   1109 C CG  . PHE B 1 51  ? -5.627  -21.961 0.344   1.00 28.25 ? 51  PHE B CG  1 
ATOM   1110 C CD1 . PHE B 1 51  ? -6.572  -22.580 1.155   1.00 30.65 ? 51  PHE B CD1 1 
ATOM   1111 C CD2 . PHE B 1 51  ? -5.403  -22.464 -0.929  1.00 27.96 ? 51  PHE B CD2 1 
ATOM   1112 C CE1 . PHE B 1 51  ? -7.279  -23.690 0.701   1.00 32.32 ? 51  PHE B CE1 1 
ATOM   1113 C CE2 . PHE B 1 51  ? -6.106  -23.572 -1.391  1.00 29.16 ? 51  PHE B CE2 1 
ATOM   1114 C CZ  . PHE B 1 51  ? -7.041  -24.186 -0.577  1.00 31.03 ? 51  PHE B CZ  1 
ATOM   1115 N N   . VAL B 1 52  ? -4.483  -18.417 2.796   1.00 21.52 ? 52  VAL B N   1 
ATOM   1116 C CA  . VAL B 1 52  ? -3.539  -17.505 3.437   1.00 25.09 ? 52  VAL B CA  1 
ATOM   1117 C C   . VAL B 1 52  ? -2.892  -18.309 4.556   1.00 24.48 ? 52  VAL B C   1 
ATOM   1118 O O   . VAL B 1 52  ? -3.547  -18.659 5.536   1.00 26.95 ? 52  VAL B O   1 
ATOM   1119 C CB  . VAL B 1 52  ? -4.226  -16.261 4.046   1.00 24.97 ? 52  VAL B CB  1 
ATOM   1120 C CG1 . VAL B 1 52  ? -3.160  -15.247 4.486   1.00 27.23 ? 52  VAL B CG1 1 
ATOM   1121 C CG2 . VAL B 1 52  ? -5.178  -15.634 3.033   1.00 26.17 ? 52  VAL B CG2 1 
ATOM   1122 N N   . ASP B 1 53  ? -1.612  -18.621 4.390   1.00 25.03 ? 53  ASP B N   1 
ATOM   1123 C CA  . ASP B 1 53  ? -0.868  -19.398 5.377   1.00 25.64 ? 53  ASP B CA  1 
ATOM   1124 C C   . ASP B 1 53  ? -0.647  -18.694 6.707   1.00 24.82 ? 53  ASP B C   1 
ATOM   1125 O O   . ASP B 1 53  ? -0.659  -17.469 6.788   1.00 23.79 ? 53  ASP B O   1 
ATOM   1126 C CB  . ASP B 1 53  ? 0.505   -19.790 4.829   1.00 26.89 ? 53  ASP B CB  1 
ATOM   1127 C CG  . ASP B 1 53  ? 0.421   -20.794 3.714   1.00 29.08 ? 53  ASP B CG  1 
ATOM   1128 O OD1 . ASP B 1 53  ? -0.513  -21.624 3.737   1.00 31.22 ? 53  ASP B OD1 1 
ATOM   1129 O OD2 . ASP B 1 53  ? 1.294   -20.760 2.827   1.00 29.90 ? 53  ASP B OD2 1 
ATOM   1130 N N   . PRO B 1 54  ? -0.437  -19.477 7.776   1.00 24.31 ? 54  PRO B N   1 
ATOM   1131 C CA  . PRO B 1 54  ? -0.199  -18.921 9.107   1.00 24.24 ? 54  PRO B CA  1 
ATOM   1132 C C   . PRO B 1 54  ? 0.974   -17.947 8.988   1.00 23.78 ? 54  PRO B C   1 
ATOM   1133 O O   . PRO B 1 54  ? 2.008   -18.296 8.418   1.00 23.16 ? 54  PRO B O   1 
ATOM   1134 C CB  . PRO B 1 54  ? 0.167   -20.152 9.925   1.00 21.91 ? 54  PRO B CB  1 
ATOM   1135 C CG  . PRO B 1 54  ? -0.639  -21.217 9.286   1.00 26.18 ? 54  PRO B CG  1 
ATOM   1136 C CD  . PRO B 1 54  ? -0.449  -20.950 7.820   1.00 24.90 ? 54  PRO B CD  1 
ATOM   1137 N N   . SER B 1 55  ? 0.806   -16.733 9.505   1.00 24.61 ? 55  SER B N   1 
ATOM   1138 C CA  . SER B 1 55  ? 1.859   -15.723 9.439   1.00 25.91 ? 55  SER B CA  1 
ATOM   1139 C C   . SER B 1 55  ? 2.135   -15.304 7.998   1.00 26.68 ? 55  SER B C   1 
ATOM   1140 O O   . SER B 1 55  ? 3.077   -14.555 7.725   1.00 25.38 ? 55  SER B O   1 
ATOM   1141 C CB  . SER B 1 55  ? 3.145   -16.261 10.057  1.00 27.37 ? 55  SER B CB  1 
ATOM   1142 O OG  . SER B 1 55  ? 4.216   -15.360 9.850   1.00 37.95 ? 55  SER B OG  1 
ATOM   1143 N N   . GLY B 1 56  ? 1.308   -15.787 7.075   1.00 24.91 ? 56  GLY B N   1 
ATOM   1144 C CA  . GLY B 1 56  ? 1.497   -15.453 5.677   1.00 23.55 ? 56  GLY B CA  1 
ATOM   1145 C C   . GLY B 1 56  ? 0.621   -14.321 5.181   1.00 22.03 ? 56  GLY B C   1 
ATOM   1146 O O   . GLY B 1 56  ? -0.177  -13.753 5.926   1.00 20.52 ? 56  GLY B O   1 
ATOM   1147 N N   . SER B 1 57  ? 0.772   -13.995 3.902   1.00 22.27 ? 57  SER B N   1 
ATOM   1148 C CA  . SER B 1 57  ? -0.008  -12.919 3.305   1.00 25.12 ? 57  SER B CA  1 
ATOM   1149 C C   . SER B 1 57  ? -0.399  -13.261 1.872   1.00 23.90 ? 57  SER B C   1 
ATOM   1150 O O   . SER B 1 57  ? 0.227   -14.100 1.231   1.00 24.59 ? 57  SER B O   1 
ATOM   1151 C CB  . SER B 1 57  ? 0.801   -11.622 3.309   1.00 25.18 ? 57  SER B CB  1 
ATOM   1152 O OG  . SER B 1 57  ? 2.011   -11.809 2.600   1.00 29.08 ? 57  SER B OG  1 
ATOM   1153 N N   . LYS B 1 58  ? -1.431  -12.585 1.382   1.00 24.53 ? 58  LYS B N   1 
ATOM   1154 C CA  . LYS B 1 58  ? -1.925  -12.786 0.028   1.00 25.21 ? 58  LYS B CA  1 
ATOM   1155 C C   . LYS B 1 58  ? -2.335  -11.425 -0.512  1.00 24.11 ? 58  LYS B C   1 
ATOM   1156 O O   . LYS B 1 58  ? -3.009  -10.658 0.173   1.00 25.49 ? 58  LYS B O   1 
ATOM   1157 C CB  . LYS B 1 58  ? -3.136  -13.723 0.046   1.00 26.63 ? 58  LYS B CB  1 
ATOM   1158 C CG  . LYS B 1 58  ? -3.744  -14.011 -1.322  1.00 28.12 ? 58  LYS B CG  1 
ATOM   1159 C CD  . LYS B 1 58  ? -2.870  -14.951 -2.121  1.00 31.34 ? 58  LYS B CD  1 
ATOM   1160 C CE  . LYS B 1 58  ? -3.570  -15.431 -3.376  1.00 33.61 ? 58  LYS B CE  1 
ATOM   1161 N NZ  . LYS B 1 58  ? -2.799  -16.524 -4.036  1.00 35.12 ? 58  LYS B NZ  1 
ATOM   1162 N N   . ASP B 1 59  ? -1.914  -11.107 -1.726  1.00 23.91 ? 59  ASP B N   1 
ATOM   1163 C CA  . ASP B 1 59  ? -2.285  -9.833  -2.311  1.00 26.18 ? 59  ASP B CA  1 
ATOM   1164 C C   . ASP B 1 59  ? -3.558  -9.972  -3.120  1.00 26.32 ? 59  ASP B C   1 
ATOM   1165 O O   . ASP B 1 59  ? -3.750  -10.949 -3.840  1.00 28.52 ? 59  ASP B O   1 
ATOM   1166 C CB  . ASP B 1 59  ? -1.188  -9.289  -3.227  1.00 28.32 ? 59  ASP B CB  1 
ATOM   1167 C CG  . ASP B 1 59  ? 0.057   -8.879  -2.468  1.00 29.81 ? 59  ASP B CG  1 
ATOM   1168 O OD1 . ASP B 1 59  ? -0.067  -8.433  -1.308  1.00 31.33 ? 59  ASP B OD1 1 
ATOM   1169 O OD2 . ASP B 1 59  ? 1.159   -8.992  -3.038  1.00 29.48 ? 59  ASP B OD2 1 
ATOM   1170 N N   . VAL B 1 60  ? -4.433  -8.985  -2.978  1.00 26.30 ? 60  VAL B N   1 
ATOM   1171 C CA  . VAL B 1 60  ? -5.676  -8.954  -3.724  1.00 25.62 ? 60  VAL B CA  1 
ATOM   1172 C C   . VAL B 1 60  ? -5.599  -7.635  -4.483  1.00 24.84 ? 60  VAL B C   1 
ATOM   1173 O O   . VAL B 1 60  ? -5.393  -6.575  -3.888  1.00 22.55 ? 60  VAL B O   1 
ATOM   1174 C CB  . VAL B 1 60  ? -6.905  -8.979  -2.782  1.00 25.91 ? 60  VAL B CB  1 
ATOM   1175 C CG1 . VAL B 1 60  ? -6.817  -7.855  -1.784  1.00 28.90 ? 60  VAL B CG1 1 
ATOM   1176 C CG2 . VAL B 1 60  ? -8.192  -8.864  -3.591  1.00 28.35 ? 60  VAL B CG2 1 
ATOM   1177 N N   . VAL B 1 61  ? -5.725  -7.706  -5.800  1.00 23.12 ? 61  VAL B N   1 
ATOM   1178 C CA  . VAL B 1 61  ? -5.653  -6.506  -6.618  1.00 22.28 ? 61  VAL B CA  1 
ATOM   1179 C C   . VAL B 1 61  ? -7.028  -6.041  -7.055  1.00 20.67 ? 61  VAL B C   1 
ATOM   1180 O O   . VAL B 1 61  ? -7.801  -6.803  -7.631  1.00 20.48 ? 61  VAL B O   1 
ATOM   1181 C CB  . VAL B 1 61  ? -4.798  -6.733  -7.886  1.00 23.22 ? 61  VAL B CB  1 
ATOM   1182 C CG1 . VAL B 1 61  ? -4.823  -5.476  -8.765  1.00 22.29 ? 61  VAL B CG1 1 
ATOM   1183 C CG2 . VAL B 1 61  ? -3.374  -7.081  -7.495  1.00 24.92 ? 61  VAL B CG2 1 
ATOM   1184 N N   . ILE B 1 62  ? -7.329  -4.783  -6.765  1.00 20.19 ? 62  ILE B N   1 
ATOM   1185 C CA  . ILE B 1 62  ? -8.598  -4.195  -7.156  1.00 20.94 ? 62  ILE B CA  1 
ATOM   1186 C C   . ILE B 1 62  ? -8.343  -3.281  -8.345  1.00 20.71 ? 62  ILE B C   1 
ATOM   1187 O O   . ILE B 1 62  ? -7.552  -2.334  -8.253  1.00 20.06 ? 62  ILE B O   1 
ATOM   1188 C CB  . ILE B 1 62  ? -9.222  -3.323  -6.044  1.00 22.28 ? 62  ILE B CB  1 
ATOM   1189 C CG1 . ILE B 1 62  ? -9.693  -4.182  -4.867  1.00 21.67 ? 62  ILE B CG1 1 
ATOM   1190 C CG2 . ILE B 1 62  ? -10.384 -2.547  -6.617  1.00 20.88 ? 62  ILE B CG2 1 
ATOM   1191 C CD1 . ILE B 1 62  ? -8.571  -4.829  -4.092  1.00 28.06 ? 62  ILE B CD1 1 
ATOM   1192 N N   . THR B 1 63  ? -9.002  -3.569  -9.458  1.00 17.91 ? 63  THR B N   1 
ATOM   1193 C CA  . THR B 1 63  ? -8.855  -2.746  -10.645 1.00 18.63 ? 63  THR B CA  1 
ATOM   1194 C C   . THR B 1 63  ? -10.159 -1.988  -10.821 1.00 18.85 ? 63  THR B C   1 
ATOM   1195 O O   . THR B 1 63  ? -11.243 -2.572  -10.763 1.00 20.39 ? 63  THR B O   1 
ATOM   1196 C CB  . THR B 1 63  ? -8.567  -3.602  -11.899 1.00 17.92 ? 63  THR B CB  1 
ATOM   1197 O OG1 . THR B 1 63  ? -7.417  -4.426  -11.663 1.00 18.16 ? 63  THR B OG1 1 
ATOM   1198 C CG2 . THR B 1 63  ? -8.293  -2.706  -13.106 1.00 18.17 ? 63  THR B CG2 1 
ATOM   1199 N N   . ARG B 1 64  ? -10.061 -0.678  -10.995 1.00 18.80 ? 64  ARG B N   1 
ATOM   1200 C CA  . ARG B 1 64  ? -11.251 0.149   -11.176 1.00 21.20 ? 64  ARG B CA  1 
ATOM   1201 C C   . ARG B 1 64  ? -11.287 0.760   -12.570 1.00 21.40 ? 64  ARG B C   1 
ATOM   1202 O O   . ARG B 1 64  ? -10.296 1.318   -13.045 1.00 20.33 ? 64  ARG B O   1 
ATOM   1203 C CB  . ARG B 1 64  ? -11.292 1.263   -10.120 1.00 23.10 ? 64  ARG B CB  1 
ATOM   1204 C CG  . ARG B 1 64  ? -12.177 2.463   -10.469 1.00 22.38 ? 64  ARG B CG  1 
ATOM   1205 C CD  . ARG B 1 64  ? -13.634 2.269   -10.078 1.00 19.60 ? 64  ARG B CD  1 
ATOM   1206 N NE  . ARG B 1 64  ? -14.445 3.427   -10.457 1.00 19.85 ? 64  ARG B NE  1 
ATOM   1207 C CZ  . ARG B 1 64  ? -15.703 3.633   -10.072 1.00 19.24 ? 64  ARG B CZ  1 
ATOM   1208 N NH1 . ARG B 1 64  ? -16.320 2.755   -9.283  1.00 16.82 ? 64  ARG B NH1 1 
ATOM   1209 N NH2 . ARG B 1 64  ? -16.349 4.716   -10.490 1.00 16.55 ? 64  ARG B NH2 1 
ATOM   1210 N N   . THR B 1 65  ? -12.441 0.638   -13.221 1.00 21.22 ? 65  THR B N   1 
ATOM   1211 C CA  . THR B 1 65  ? -12.640 1.198   -14.544 1.00 20.54 ? 65  THR B CA  1 
ATOM   1212 C C   . THR B 1 65  ? -13.530 2.427   -14.382 1.00 22.40 ? 65  THR B C   1 
ATOM   1213 O O   . THR B 1 65  ? -14.159 2.616   -13.336 1.00 23.76 ? 65  THR B O   1 
ATOM   1214 C CB  . THR B 1 65  ? -13.325 0.185   -15.487 1.00 21.83 ? 65  THR B CB  1 
ATOM   1215 O OG1 . THR B 1 65  ? -14.566 -0.229  -14.917 1.00 22.37 ? 65  THR B OG1 1 
ATOM   1216 C CG2 . THR B 1 65  ? -12.438 -1.031  -15.699 1.00 23.58 ? 65  THR B CG2 1 
ATOM   1217 N N   . ALA B 1 66  ? -13.582 3.259   -15.416 1.00 22.96 ? 66  ALA B N   1 
ATOM   1218 C CA  . ALA B 1 66  ? -14.375 4.483   -15.383 1.00 21.70 ? 66  ALA B CA  1 
ATOM   1219 C C   . ALA B 1 66  ? -15.828 4.270   -14.969 1.00 22.24 ? 66  ALA B C   1 
ATOM   1220 O O   . ALA B 1 66  ? -16.501 3.343   -15.428 1.00 23.10 ? 66  ALA B O   1 
ATOM   1221 C CB  . ALA B 1 66  ? -14.313 5.174   -16.735 1.00 20.82 ? 66  ALA B CB  1 
ATOM   1222 N N   . GLY B 1 67  ? -16.306 5.146   -14.097 1.00 21.54 ? 67  GLY B N   1 
ATOM   1223 C CA  . GLY B 1 67  ? -17.673 5.053   -13.620 1.00 20.62 ? 67  GLY B CA  1 
ATOM   1224 C C   . GLY B 1 67  ? -17.973 6.257   -12.755 1.00 21.40 ? 67  GLY B C   1 
ATOM   1225 O O   . GLY B 1 67  ? -17.079 7.066   -12.466 1.00 21.49 ? 67  GLY B O   1 
ATOM   1226 N N   . ALA B 1 68  ? -19.226 6.388   -12.345 1.00 20.64 ? 68  ALA B N   1 
ATOM   1227 C CA  . ALA B 1 68  ? -19.629 7.505   -11.508 1.00 21.58 ? 68  ALA B CA  1 
ATOM   1228 C C   . ALA B 1 68  ? -19.069 7.308   -10.113 1.00 21.97 ? 68  ALA B C   1 
ATOM   1229 O O   . ALA B 1 68  ? -18.951 6.175   -9.648  1.00 22.39 ? 68  ALA B O   1 
ATOM   1230 C CB  . ALA B 1 68  ? -21.144 7.593   -11.449 1.00 22.70 ? 68  ALA B CB  1 
ATOM   1231 N N   . PRO B 1 69  ? -18.683 8.406   -9.438  1.00 22.67 ? 69  PRO B N   1 
ATOM   1232 C CA  . PRO B 1 69  ? -18.145 8.277   -8.080  1.00 22.55 ? 69  PRO B CA  1 
ATOM   1233 C C   . PRO B 1 69  ? -19.176 7.542   -7.234  1.00 22.08 ? 69  PRO B C   1 
ATOM   1234 O O   . PRO B 1 69  ? -20.373 7.802   -7.341  1.00 20.06 ? 69  PRO B O   1 
ATOM   1235 C CB  . PRO B 1 69  ? -17.922 9.731   -7.640  1.00 21.61 ? 69  PRO B CB  1 
ATOM   1236 C CG  . PRO B 1 69  ? -18.627 10.568  -8.661  1.00 23.39 ? 69  PRO B CG  1 
ATOM   1237 C CD  . PRO B 1 69  ? -18.533 9.783   -9.930  1.00 22.48 ? 69  PRO B CD  1 
ATOM   1238 N N   . LYS B 1 70  ? -18.715 6.616   -6.404  1.00 20.89 ? 70  LYS B N   1 
ATOM   1239 C CA  . LYS B 1 70  ? -19.642 5.840   -5.598  1.00 22.05 ? 70  LYS B CA  1 
ATOM   1240 C C   . LYS B 1 70  ? -18.937 5.153   -4.442  1.00 22.98 ? 70  LYS B C   1 
ATOM   1241 O O   . LYS B 1 70  ? -17.718 4.937   -4.475  1.00 21.43 ? 70  LYS B O   1 
ATOM   1242 C CB  . LYS B 1 70  ? -20.315 4.796   -6.499  1.00 19.98 ? 70  LYS B CB  1 
ATOM   1243 C CG  . LYS B 1 70  ? -21.334 3.887   -5.824  1.00 23.05 ? 70  LYS B CG  1 
ATOM   1244 C CD  . LYS B 1 70  ? -21.934 2.926   -6.860  1.00 24.16 ? 70  LYS B CD  1 
ATOM   1245 C CE  . LYS B 1 70  ? -23.023 2.049   -6.261  1.00 24.41 ? 70  LYS B CE  1 
ATOM   1246 N NZ  . LYS B 1 70  ? -23.491 1.057   -7.260  1.00 29.76 ? 70  LYS B NZ  1 
ATOM   1247 N N   . GLU B 1 71  ? -19.714 4.826   -3.411  1.00 22.22 ? 71  GLU B N   1 
ATOM   1248 C CA  . GLU B 1 71  ? -19.188 4.138   -2.242  1.00 23.08 ? 71  GLU B CA  1 
ATOM   1249 C C   . GLU B 1 71  ? -19.615 2.679   -2.327  1.00 24.01 ? 71  GLU B C   1 
ATOM   1250 O O   . GLU B 1 71  ? -20.810 2.372   -2.389  1.00 22.68 ? 71  GLU B O   1 
ATOM   1251 C CB  . GLU B 1 71  ? -19.726 4.769   -0.954  1.00 24.09 ? 71  GLU B CB  1 
ATOM   1252 C CG  . GLU B 1 71  ? -19.225 6.191   -0.688  1.00 27.96 ? 71  GLU B CG  1 
ATOM   1253 C CD  . GLU B 1 71  ? -17.701 6.294   -0.679  1.00 29.59 ? 71  GLU B CD  1 
ATOM   1254 O OE1 . GLU B 1 71  ? -17.037 5.365   -0.174  1.00 28.38 ? 71  GLU B OE1 1 
ATOM   1255 O OE2 . GLU B 1 71  ? -17.164 7.315   -1.165  1.00 31.19 ? 71  GLU B OE2 1 
ATOM   1256 N N   . ASP B 1 72  ? -18.630 1.789   -2.347  1.00 22.95 ? 72  ASP B N   1 
ATOM   1257 C CA  . ASP B 1 72  ? -18.875 0.360   -2.432  1.00 22.94 ? 72  ASP B CA  1 
ATOM   1258 C C   . ASP B 1 72  ? -18.070 -0.354  -1.362  1.00 24.96 ? 72  ASP B C   1 
ATOM   1259 O O   . ASP B 1 72  ? -17.377 0.278   -0.558  1.00 23.79 ? 72  ASP B O   1 
ATOM   1260 C CB  . ASP B 1 72  ? -18.466 -0.175  -3.812  1.00 23.30 ? 72  ASP B CB  1 
ATOM   1261 C CG  . ASP B 1 72  ? -19.502 0.109   -4.882  1.00 22.44 ? 72  ASP B CG  1 
ATOM   1262 O OD1 . ASP B 1 72  ? -20.672 -0.267  -4.668  1.00 25.71 ? 72  ASP B OD1 1 
ATOM   1263 O OD2 . ASP B 1 72  ? -19.153 0.692   -5.935  1.00 20.17 ? 72  ASP B OD2 1 
ATOM   1264 N N   . LYS B 1 73  ? -18.159 -1.677  -1.344  1.00 24.14 ? 73  LYS B N   1 
ATOM   1265 C CA  . LYS B 1 73  ? -17.396 -2.424  -0.368  1.00 24.54 ? 73  LYS B CA  1 
ATOM   1266 C C   . LYS B 1 73  ? -17.020 -3.810  -0.840  1.00 24.76 ? 73  LYS B C   1 
ATOM   1267 O O   . LYS B 1 73  ? -17.681 -4.408  -1.689  1.00 21.93 ? 73  LYS B O   1 
ATOM   1268 C CB  . LYS B 1 73  ? -18.153 -2.516  0.961   1.00 27.46 ? 73  LYS B CB  1 
ATOM   1269 C CG  . LYS B 1 73  ? -19.442 -3.306  0.931   1.00 29.40 ? 73  LYS B CG  1 
ATOM   1270 C CD  . LYS B 1 73  ? -20.175 -3.133  2.257   1.00 34.66 ? 73  LYS B CD  1 
ATOM   1271 C CE  . LYS B 1 73  ? -21.483 -3.909  2.306   1.00 38.06 ? 73  LYS B CE  1 
ATOM   1272 N NZ  . LYS B 1 73  ? -22.157 -3.739  3.630   1.00 38.09 ? 73  LYS B NZ  1 
ATOM   1273 N N   . LEU B 1 74  ? -15.919 -4.298  -0.294  1.00 24.12 ? 74  LEU B N   1 
ATOM   1274 C CA  . LEU B 1 74  ? -15.440 -5.620  -0.612  1.00 27.43 ? 74  LEU B CA  1 
ATOM   1275 C C   . LEU B 1 74  ? -15.613 -6.370  0.699   1.00 26.64 ? 74  LEU B C   1 
ATOM   1276 O O   . LEU B 1 74  ? -15.059 -5.971  1.725   1.00 27.32 ? 74  LEU B O   1 
ATOM   1277 C CB  . LEU B 1 74  ? -13.969 -5.561  -1.014  1.00 25.77 ? 74  LEU B CB  1 
ATOM   1278 C CG  . LEU B 1 74  ? -13.499 -6.504  -2.115  1.00 28.88 ? 74  LEU B CG  1 
ATOM   1279 C CD1 . LEU B 1 74  ? -14.280 -6.225  -3.399  1.00 26.85 ? 74  LEU B CD1 1 
ATOM   1280 C CD2 . LEU B 1 74  ? -12.006 -6.323  -2.342  1.00 26.29 ? 74  LEU B CD2 1 
ATOM   1281 N N   . VAL B 1 75  ? -16.420 -7.422  0.682   1.00 25.53 ? 75  VAL B N   1 
ATOM   1282 C CA  . VAL B 1 75  ? -16.630 -8.199  1.889   1.00 25.10 ? 75  VAL B CA  1 
ATOM   1283 C C   . VAL B 1 75  ? -15.772 -9.445  1.791   1.00 25.06 ? 75  VAL B C   1 
ATOM   1284 O O   . VAL B 1 75  ? -15.887 -10.217 0.837   1.00 24.87 ? 75  VAL B O   1 
ATOM   1285 C CB  . VAL B 1 75  ? -18.102 -8.594  2.055   1.00 26.29 ? 75  VAL B CB  1 
ATOM   1286 C CG1 . VAL B 1 75  ? -18.280 -9.372  3.346   1.00 26.44 ? 75  VAL B CG1 1 
ATOM   1287 C CG2 . VAL B 1 75  ? -18.972 -7.344  2.060   1.00 25.95 ? 75  VAL B CG2 1 
ATOM   1288 N N   . VAL B 1 76  ? -14.901 -9.632  2.774   1.00 23.98 ? 76  VAL B N   1 
ATOM   1289 C CA  . VAL B 1 76  ? -14.008 -10.779 2.773   1.00 22.60 ? 76  VAL B CA  1 
ATOM   1290 C C   . VAL B 1 76  ? -14.376 -11.799 3.837   1.00 21.63 ? 76  VAL B C   1 
ATOM   1291 O O   . VAL B 1 76  ? -14.167 -11.584 5.033   1.00 22.05 ? 76  VAL B O   1 
ATOM   1292 C CB  . VAL B 1 76  ? -12.539 -10.339 2.972   1.00 21.96 ? 76  VAL B CB  1 
ATOM   1293 C CG1 . VAL B 1 76  ? -11.614 -11.550 2.933   1.00 24.01 ? 76  VAL B CG1 1 
ATOM   1294 C CG2 . VAL B 1 76  ? -12.150 -9.357  1.891   1.00 23.83 ? 76  VAL B CG2 1 
ATOM   1295 N N   . HIS B 1 77  ? -14.945 -12.908 3.379   1.00 19.45 ? 77  HIS B N   1 
ATOM   1296 C CA  . HIS B 1 77  ? -15.346 -14.008 4.250   1.00 19.82 ? 77  HIS B CA  1 
ATOM   1297 C C   . HIS B 1 77  ? -14.138 -14.925 4.443   1.00 19.09 ? 77  HIS B C   1 
ATOM   1298 O O   . HIS B 1 77  ? -13.447 -15.241 3.478   1.00 19.73 ? 77  HIS B O   1 
ATOM   1299 C CB  . HIS B 1 77  ? -16.484 -14.795 3.586   1.00 20.15 ? 77  HIS B CB  1 
ATOM   1300 C CG  . HIS B 1 77  ? -17.690 -13.965 3.278   1.00 21.33 ? 77  HIS B CG  1 
ATOM   1301 N ND1 . HIS B 1 77  ? -18.695 -13.741 4.193   1.00 23.28 ? 77  HIS B ND1 1 
ATOM   1302 C CD2 . HIS B 1 77  ? -18.040 -13.281 2.161   1.00 20.79 ? 77  HIS B CD2 1 
ATOM   1303 C CE1 . HIS B 1 77  ? -19.612 -12.957 3.655   1.00 24.01 ? 77  HIS B CE1 1 
ATOM   1304 N NE2 . HIS B 1 77  ? -19.237 -12.663 2.423   1.00 21.04 ? 77  HIS B NE2 1 
ATOM   1305 N N   . PHE B 1 78  ? -13.884 -15.357 5.675   1.00 19.39 ? 78  PHE B N   1 
ATOM   1306 C CA  . PHE B 1 78  ? -12.754 -16.242 5.941   1.00 20.94 ? 78  PHE B CA  1 
ATOM   1307 C C   . PHE B 1 78  ? -13.118 -17.349 6.928   1.00 22.49 ? 78  PHE B C   1 
ATOM   1308 O O   . PHE B 1 78  ? -14.046 -17.207 7.733   1.00 23.16 ? 78  PHE B O   1 
ATOM   1309 C CB  . PHE B 1 78  ? -11.564 -15.434 6.475   1.00 21.56 ? 78  PHE B CB  1 
ATOM   1310 C CG  . PHE B 1 78  ? -11.861 -14.700 7.741   1.00 21.13 ? 78  PHE B CG  1 
ATOM   1311 C CD1 . PHE B 1 78  ? -11.695 -15.319 8.971   1.00 23.33 ? 78  PHE B CD1 1 
ATOM   1312 C CD2 . PHE B 1 78  ? -12.367 -13.404 7.699   1.00 21.33 ? 78  PHE B CD2 1 
ATOM   1313 C CE1 . PHE B 1 78  ? -12.031 -14.664 10.149  1.00 24.64 ? 78  PHE B CE1 1 
ATOM   1314 C CE2 . PHE B 1 78  ? -12.709 -12.739 8.865   1.00 22.65 ? 78  PHE B CE2 1 
ATOM   1315 C CZ  . PHE B 1 78  ? -12.541 -13.370 10.095  1.00 26.04 ? 78  PHE B CZ  1 
ATOM   1316 N N   . ALA B 1 79  ? -12.377 -18.449 6.858   1.00 22.50 ? 79  ALA B N   1 
ATOM   1317 C CA  . ALA B 1 79  ? -12.604 -19.599 7.724   1.00 22.47 ? 79  ALA B CA  1 
ATOM   1318 C C   . ALA B 1 79  ? -11.357 -20.469 7.739   1.00 22.74 ? 79  ALA B C   1 
ATOM   1319 O O   . ALA B 1 79  ? -10.437 -20.263 6.947   1.00 23.17 ? 79  ALA B O   1 
ATOM   1320 C CB  . ALA B 1 79  ? -13.795 -20.409 7.214   1.00 22.56 ? 79  ALA B CB  1 
ATOM   1321 N N   . SER B 1 80  ? -11.328 -21.439 8.649   1.00 23.81 ? 80  SER B N   1 
ATOM   1322 C CA  . SER B 1 80  ? -10.193 -22.348 8.754   1.00 24.77 ? 80  SER B CA  1 
ATOM   1323 C C   . SER B 1 80  ? -10.142 -23.211 7.506   1.00 25.17 ? 80  SER B C   1 
ATOM   1324 O O   . SER B 1 80  ? -11.171 -23.726 7.066   1.00 24.53 ? 80  SER B O   1 
ATOM   1325 C CB  . SER B 1 80  ? -10.368 -23.245 9.973   1.00 26.85 ? 80  SER B CB  1 
ATOM   1326 O OG  . SER B 1 80  ? -10.953 -22.503 11.030  1.00 35.04 ? 80  SER B OG  1 
ATOM   1327 N N   . ALA B 1 81  ? -8.955  -23.375 6.931   1.00 24.17 ? 81  ALA B N   1 
ATOM   1328 C CA  . ALA B 1 81  ? -8.826  -24.192 5.734   1.00 24.97 ? 81  ALA B CA  1 
ATOM   1329 C C   . ALA B 1 81  ? -9.007  -25.652 6.100   1.00 27.13 ? 81  ALA B C   1 
ATOM   1330 O O   . ALA B 1 81  ? -8.436  -26.125 7.077   1.00 27.32 ? 81  ALA B O   1 
ATOM   1331 C CB  . ALA B 1 81  ? -7.466  -23.991 5.099   1.00 25.45 ? 81  ALA B CB  1 
ATOM   1332 N N   . PRO B 1 82  ? -9.820  -26.385 5.326   1.00 29.64 ? 82  PRO B N   1 
ATOM   1333 C CA  . PRO B 1 82  ? -10.033 -27.803 5.616   1.00 32.36 ? 82  PRO B CA  1 
ATOM   1334 C C   . PRO B 1 82  ? -8.706  -28.538 5.510   1.00 33.10 ? 82  PRO B C   1 
ATOM   1335 O O   . PRO B 1 82  ? -7.794  -28.096 4.802   1.00 33.49 ? 82  PRO B O   1 
ATOM   1336 C CB  . PRO B 1 82  ? -11.013 -28.236 4.528   1.00 31.21 ? 82  PRO B CB  1 
ATOM   1337 C CG  . PRO B 1 82  ? -11.792 -26.990 4.269   1.00 32.38 ? 82  PRO B CG  1 
ATOM   1338 C CD  . PRO B 1 82  ? -10.713 -25.931 4.248   1.00 29.97 ? 82  PRO B CD  1 
ATOM   1339 N N   . ALA B 1 83  ? -8.595  -29.658 6.213   1.00 34.72 ? 83  ALA B N   1 
ATOM   1340 C CA  . ALA B 1 83  ? -7.367  -30.439 6.171   1.00 35.71 ? 83  ALA B CA  1 
ATOM   1341 C C   . ALA B 1 83  ? -7.088  -30.912 4.742   1.00 34.96 ? 83  ALA B C   1 
ATOM   1342 O O   . ALA B 1 83  ? -7.961  -31.485 4.096   1.00 33.79 ? 83  ALA B O   1 
ATOM   1343 C CB  . ALA B 1 83  ? -7.484  -31.636 7.114   1.00 36.39 ? 83  ALA B CB  1 
ATOM   1344 N N   . ASP B 1 84  ? -5.880  -30.641 4.249   1.00 36.08 ? 84  ASP B N   1 
ATOM   1345 C CA  . ASP B 1 84  ? -5.455  -31.065 2.912   1.00 36.14 ? 84  ASP B CA  1 
ATOM   1346 C C   . ASP B 1 84  ? -6.061  -30.318 1.720   1.00 35.89 ? 84  ASP B C   1 
ATOM   1347 O O   . ASP B 1 84  ? -5.737  -30.626 0.572   1.00 35.49 ? 84  ASP B O   1 
ATOM   1348 C CB  . ASP B 1 84  ? -5.731  -32.562 2.742   1.00 38.09 ? 84  ASP B CB  1 
ATOM   1349 C CG  . ASP B 1 84  ? -4.970  -33.411 3.738   1.00 39.16 ? 84  ASP B CG  1 
ATOM   1350 O OD1 . ASP B 1 84  ? -5.466  -34.502 4.088   1.00 41.21 ? 84  ASP B OD1 1 
ATOM   1351 O OD2 . ASP B 1 84  ? -3.869  -32.994 4.161   1.00 38.48 ? 84  ASP B OD2 1 
ATOM   1352 N N   . ALA B 1 85  ? -6.927  -29.344 1.981   1.00 33.92 ? 85  ALA B N   1 
ATOM   1353 C CA  . ALA B 1 85  ? -7.569  -28.596 0.900   1.00 33.31 ? 85  ALA B CA  1 
ATOM   1354 C C   . ALA B 1 85  ? -6.569  -28.005 -0.094  1.00 32.92 ? 85  ALA B C   1 
ATOM   1355 O O   . ALA B 1 85  ? -5.470  -27.600 0.285   1.00 32.74 ? 85  ALA B O   1 
ATOM   1356 C CB  . ALA B 1 85  ? -8.444  -27.487 1.481   1.00 32.15 ? 85  ALA B CB  1 
ATOM   1357 N N   . THR B 1 86  ? -6.965  -27.965 -1.367  1.00 31.62 ? 86  THR B N   1 
ATOM   1358 C CA  . THR B 1 86  ? -6.134  -27.414 -2.437  1.00 29.37 ? 86  THR B CA  1 
ATOM   1359 C C   . THR B 1 86  ? -6.934  -26.461 -3.326  1.00 28.69 ? 86  THR B C   1 
ATOM   1360 O O   . THR B 1 86  ? -6.367  -25.635 -4.040  1.00 26.15 ? 86  THR B O   1 
ATOM   1361 C CB  . THR B 1 86  ? -5.530  -28.535 -3.318  1.00 30.18 ? 86  THR B CB  1 
ATOM   1362 O OG1 . THR B 1 86  ? -6.562  -29.456 -3.696  1.00 30.39 ? 86  THR B OG1 1 
ATOM   1363 C CG2 . THR B 1 86  ? -4.429  -29.277 -2.559  1.00 28.16 ? 86  THR B CG2 1 
ATOM   1364 N N   . ASP B 1 87  ? -8.258  -26.586 -3.281  1.00 28.17 ? 87  ASP B N   1 
ATOM   1365 C CA  . ASP B 1 87  ? -9.138  -25.728 -4.066  1.00 28.46 ? 87  ASP B CA  1 
ATOM   1366 C C   . ASP B 1 87  ? -9.961  -24.867 -3.109  1.00 27.52 ? 87  ASP B C   1 
ATOM   1367 O O   . ASP B 1 87  ? -10.993 -25.302 -2.596  1.00 25.82 ? 87  ASP B O   1 
ATOM   1368 C CB  . ASP B 1 87  ? -10.056 -26.578 -4.951  1.00 30.14 ? 87  ASP B CB  1 
ATOM   1369 C CG  . ASP B 1 87  ? -11.017 -25.741 -5.774  1.00 32.23 ? 87  ASP B CG  1 
ATOM   1370 O OD1 . ASP B 1 87  ? -10.731 -24.550 -6.020  1.00 36.24 ? 87  ASP B OD1 1 
ATOM   1371 O OD2 . ASP B 1 87  ? -12.055 -26.281 -6.194  1.00 34.74 ? 87  ASP B OD2 1 
ATOM   1372 N N   . ALA B 1 88  ? -9.484  -23.646 -2.870  1.00 25.38 ? 88  ALA B N   1 
ATOM   1373 C CA  . ALA B 1 88  ? -10.136 -22.706 -1.964  1.00 23.60 ? 88  ALA B CA  1 
ATOM   1374 C C   . ALA B 1 88  ? -11.571 -22.351 -2.358  1.00 24.45 ? 88  ALA B C   1 
ATOM   1375 O O   . ALA B 1 88  ? -12.403 -22.060 -1.498  1.00 25.04 ? 88  ALA B O   1 
ATOM   1376 C CB  . ALA B 1 88  ? -9.297  -21.429 -1.858  1.00 23.11 ? 88  ALA B CB  1 
ATOM   1377 N N   . GLN B 1 89  ? -11.866 -22.361 -3.650  1.00 24.18 ? 89  GLN B N   1 
ATOM   1378 C CA  . GLN B 1 89  ? -13.211 -22.024 -4.097  1.00 25.23 ? 89  GLN B CA  1 
ATOM   1379 C C   . GLN B 1 89  ? -14.173 -23.093 -3.603  1.00 25.87 ? 89  GLN B C   1 
ATOM   1380 O O   . GLN B 1 89  ? -15.184 -22.793 -2.966  1.00 25.91 ? 89  GLN B O   1 
ATOM   1381 C CB  . GLN B 1 89  ? -13.263 -21.953 -5.616  1.00 26.13 ? 89  GLN B CB  1 
ATOM   1382 C CG  . GLN B 1 89  ? -14.451 -21.178 -6.150  1.00 24.90 ? 89  GLN B CG  1 
ATOM   1383 C CD  . GLN B 1 89  ? -14.512 -21.191 -7.655  1.00 25.52 ? 89  GLN B CD  1 
ATOM   1384 O OE1 . GLN B 1 89  ? -15.265 -20.431 -8.263  1.00 29.03 ? 89  GLN B OE1 1 
ATOM   1385 N NE2 . GLN B 1 89  ? -13.730 -22.069 -8.270  1.00 25.14 ? 89  GLN B NE2 1 
ATOM   1386 N N   . ALA B 1 90  ? -13.829 -24.343 -3.891  1.00 25.05 ? 90  ALA B N   1 
ATOM   1387 C CA  . ALA B 1 90  ? -14.626 -25.492 -3.489  1.00 25.71 ? 90  ALA B CA  1 
ATOM   1388 C C   . ALA B 1 90  ? -14.713 -25.588 -1.975  1.00 24.11 ? 90  ALA B C   1 
ATOM   1389 O O   . ALA B 1 90  ? -15.803 -25.654 -1.408  1.00 25.07 ? 90  ALA B O   1 
ATOM   1390 C CB  . ALA B 1 90  ? -14.012 -26.768 -4.054  1.00 26.31 ? 90  ALA B CB  1 
ATOM   1391 N N   . ALA B 1 91  ? -13.558 -25.587 -1.320  1.00 24.00 ? 91  ALA B N   1 
ATOM   1392 C CA  . ALA B 1 91  ? -13.508 -25.700 0.131   1.00 24.12 ? 91  ALA B CA  1 
ATOM   1393 C C   . ALA B 1 91  ? -14.436 -24.746 0.878   1.00 23.99 ? 91  ALA B C   1 
ATOM   1394 O O   . ALA B 1 91  ? -15.201 -25.173 1.740   1.00 24.24 ? 91  ALA B O   1 
ATOM   1395 C CB  . ALA B 1 91  ? -12.075 -25.509 0.621   1.00 24.90 ? 91  ALA B CB  1 
ATOM   1396 N N   . PHE B 1 92  ? -14.375 -23.461 0.544   1.00 24.67 ? 92  PHE B N   1 
ATOM   1397 C CA  . PHE B 1 92  ? -15.185 -22.460 1.230   1.00 25.26 ? 92  PHE B CA  1 
ATOM   1398 C C   . PHE B 1 92  ? -16.681 -22.729 1.229   1.00 26.76 ? 92  PHE B C   1 
ATOM   1399 O O   . PHE B 1 92  ? -17.386 -22.390 2.178   1.00 26.34 ? 92  PHE B O   1 
ATOM   1400 C CB  . PHE B 1 92  ? -14.926 -21.065 0.656   1.00 25.42 ? 92  PHE B CB  1 
ATOM   1401 C CG  . PHE B 1 92  ? -15.137 -19.969 1.656   1.00 27.35 ? 92  PHE B CG  1 
ATOM   1402 C CD1 . PHE B 1 92  ? -16.419 -19.577 2.024   1.00 27.10 ? 92  PHE B CD1 1 
ATOM   1403 C CD2 . PHE B 1 92  ? -14.049 -19.385 2.297   1.00 28.95 ? 92  PHE B CD2 1 
ATOM   1404 C CE1 . PHE B 1 92  ? -16.614 -18.624 3.025   1.00 28.73 ? 92  PHE B CE1 1 
ATOM   1405 C CE2 . PHE B 1 92  ? -14.233 -18.431 3.301   1.00 28.90 ? 92  PHE B CE2 1 
ATOM   1406 C CZ  . PHE B 1 92  ? -15.513 -18.051 3.665   1.00 29.97 ? 92  PHE B CZ  1 
ATOM   1407 N N   . VAL B 1 93  ? -17.174 -23.343 0.166   1.00 28.53 ? 93  VAL B N   1 
ATOM   1408 C CA  . VAL B 1 93  ? -18.595 -23.633 0.095   1.00 30.74 ? 93  VAL B CA  1 
ATOM   1409 C C   . VAL B 1 93  ? -19.017 -24.738 1.048   1.00 29.37 ? 93  VAL B C   1 
ATOM   1410 O O   . VAL B 1 93  ? -20.201 -24.894 1.345   1.00 30.66 ? 93  VAL B O   1 
ATOM   1411 C CB  . VAL B 1 93  ? -18.979 -23.975 -1.332  1.00 31.15 ? 93  VAL B CB  1 
ATOM   1412 C CG1 . VAL B 1 93  ? -20.100 -24.983 -1.371  1.00 36.42 ? 93  VAL B CG1 1 
ATOM   1413 C CG2 . VAL B 1 93  ? -19.398 -22.713 -2.010  1.00 37.34 ? 93  VAL B CG2 1 
ATOM   1414 N N   . ALA B 1 94  ? -18.036 -25.483 1.540   1.00 28.01 ? 94  ALA B N   1 
ATOM   1415 C CA  . ALA B 1 94  ? -18.279 -26.578 2.470   1.00 25.37 ? 94  ALA B CA  1 
ATOM   1416 C C   . ALA B 1 94  ? -17.924 -26.179 3.908   1.00 27.29 ? 94  ALA B C   1 
ATOM   1417 O O   . ALA B 1 94  ? -17.878 -27.026 4.798   1.00 25.91 ? 94  ALA B O   1 
ATOM   1418 C CB  . ALA B 1 94  ? -17.460 -27.785 2.047   1.00 26.01 ? 94  ALA B CB  1 
ATOM   1419 N N   . VAL B 1 95  ? -17.678 -24.890 4.134   1.00 28.01 ? 95  VAL B N   1 
ATOM   1420 C CA  . VAL B 1 95  ? -17.317 -24.399 5.462   1.00 29.60 ? 95  VAL B CA  1 
ATOM   1421 C C   . VAL B 1 95  ? -18.262 -23.309 5.973   1.00 30.73 ? 95  VAL B C   1 
ATOM   1422 O O   . VAL B 1 95  ? -18.935 -22.632 5.193   1.00 31.34 ? 95  VAL B O   1 
ATOM   1423 C CB  . VAL B 1 95  ? -15.876 -23.816 5.465   1.00 30.29 ? 95  VAL B CB  1 
ATOM   1424 C CG1 . VAL B 1 95  ? -15.468 -23.431 6.872   1.00 33.07 ? 95  VAL B CG1 1 
ATOM   1425 C CG2 . VAL B 1 95  ? -14.899 -24.824 4.898   1.00 32.53 ? 95  VAL B CG2 1 
ATOM   1426 N N   . ALA B 1 96  ? -18.315 -23.155 7.292   1.00 31.30 ? 96  ALA B N   1 
ATOM   1427 C CA  . ALA B 1 96  ? -19.130 -22.124 7.913   1.00 30.95 ? 96  ALA B CA  1 
ATOM   1428 C C   . ALA B 1 96  ? -18.128 -21.015 8.216   1.00 31.46 ? 96  ALA B C   1 
ATOM   1429 O O   . ALA B 1 96  ? -17.169 -21.226 8.954   1.00 31.25 ? 96  ALA B O   1 
ATOM   1430 C CB  . ALA B 1 96  ? -19.757 -22.647 9.201   1.00 32.73 ? 96  ALA B CB  1 
ATOM   1431 N N   . PRO B 1 97  ? -18.322 -19.822 7.631   1.00 31.85 ? 97  PRO B N   1 
ATOM   1432 C CA  . PRO B 1 97  ? -17.383 -18.726 7.886   1.00 30.97 ? 97  PRO B CA  1 
ATOM   1433 C C   . PRO B 1 97  ? -17.140 -18.392 9.360   1.00 31.25 ? 97  PRO B C   1 
ATOM   1434 O O   . PRO B 1 97  ? -18.049 -18.461 10.189  1.00 31.45 ? 97  PRO B O   1 
ATOM   1435 C CB  . PRO B 1 97  ? -17.975 -17.559 7.090   1.00 31.82 ? 97  PRO B CB  1 
ATOM   1436 C CG  . PRO B 1 97  ? -19.425 -17.926 6.909   1.00 33.05 ? 97  PRO B CG  1 
ATOM   1437 C CD  . PRO B 1 97  ? -19.378 -19.411 6.690   1.00 32.23 ? 97  PRO B CD  1 
ATOM   1438 N N   . ALA B 1 98  ? -15.894 -18.044 9.673   1.00 28.88 ? 98  ALA B N   1 
ATOM   1439 C CA  . ALA B 1 98  ? -15.490 -17.695 11.028  1.00 29.18 ? 98  ALA B CA  1 
ATOM   1440 C C   . ALA B 1 98  ? -15.747 -16.217 11.287  1.00 29.22 ? 98  ALA B C   1 
ATOM   1441 O O   . ALA B 1 98  ? -15.749 -15.755 12.429  1.00 29.20 ? 98  ALA B O   1 
ATOM   1442 C CB  . ALA B 1 98  ? -14.026 -17.998 11.218  1.00 26.99 ? 98  ALA B CB  1 
ATOM   1443 N N   . GLY B 1 99  ? -15.962 -15.479 10.207  1.00 29.33 ? 99  GLY B N   1 
ATOM   1444 C CA  . GLY B 1 99  ? -16.216 -14.061 10.321  1.00 27.38 ? 99  GLY B CA  1 
ATOM   1445 C C   . GLY B 1 99  ? -15.930 -13.398 8.997   1.00 27.49 ? 99  GLY B C   1 
ATOM   1446 O O   . GLY B 1 99  ? -15.708 -14.074 7.990   1.00 25.98 ? 99  GLY B O   1 
ATOM   1447 N N   . THR B 1 100 ? -15.929 -12.070 8.995   1.00 27.93 ? 100 THR B N   1 
ATOM   1448 C CA  . THR B 1 100 ? -15.667 -11.323 7.780   1.00 26.63 ? 100 THR B CA  1 
ATOM   1449 C C   . THR B 1 100 ? -15.021 -9.983  8.089   1.00 26.63 ? 100 THR B C   1 
ATOM   1450 O O   . THR B 1 100 ? -15.192 -9.434  9.178   1.00 25.34 ? 100 THR B O   1 
ATOM   1451 C CB  . THR B 1 100 ? -16.973 -11.041 7.011   1.00 29.24 ? 100 THR B CB  1 
ATOM   1452 O OG1 . THR B 1 100 ? -16.664 -10.598 5.686   1.00 34.53 ? 100 THR B OG1 1 
ATOM   1453 C CG2 . THR B 1 100 ? -17.767 -9.954  7.701   1.00 27.69 ? 100 THR B CG2 1 
ATOM   1454 N N   . VAL B 1 101 ? -14.254 -9.479  7.133   1.00 24.64 ? 101 VAL B N   1 
ATOM   1455 C CA  . VAL B 1 101 ? -13.641 -8.168  7.265   1.00 26.08 ? 101 VAL B CA  1 
ATOM   1456 C C   . VAL B 1 101 ? -14.065 -7.457  5.999   1.00 24.96 ? 101 VAL B C   1 
ATOM   1457 O O   . VAL B 1 101 ? -14.040 -8.037  4.911   1.00 25.15 ? 101 VAL B O   1 
ATOM   1458 C CB  . VAL B 1 101 ? -12.104 -8.211  7.322   1.00 26.94 ? 101 VAL B CB  1 
ATOM   1459 C CG1 . VAL B 1 101 ? -11.649 -8.832  8.636   1.00 26.11 ? 101 VAL B CG1 1 
ATOM   1460 C CG2 . VAL B 1 101 ? -11.560 -8.986  6.128   1.00 28.95 ? 101 VAL B CG2 1 
ATOM   1461 N N   . THR B 1 102 ? -14.490 -6.212  6.138   1.00 23.43 ? 102 THR B N   1 
ATOM   1462 C CA  . THR B 1 102 ? -14.915 -5.464  4.973   1.00 24.07 ? 102 THR B CA  1 
ATOM   1463 C C   . THR B 1 102 ? -13.973 -4.304  4.689   1.00 24.04 ? 102 THR B C   1 
ATOM   1464 O O   . THR B 1 102 ? -13.602 -3.553  5.592   1.00 23.52 ? 102 THR B O   1 
ATOM   1465 C CB  . THR B 1 102 ? -16.347 -4.943  5.155   1.00 23.53 ? 102 THR B CB  1 
ATOM   1466 O OG1 . THR B 1 102 ? -17.233 -6.058  5.308   1.00 23.76 ? 102 THR B OG1 1 
ATOM   1467 C CG2 . THR B 1 102 ? -16.791 -4.135  3.935   1.00 25.43 ? 102 THR B CG2 1 
ATOM   1468 N N   . ILE B 1 103 ? -13.560 -4.198  3.432   1.00 24.64 ? 103 ILE B N   1 
ATOM   1469 C CA  . ILE B 1 103 ? -12.684 -3.117  2.989   1.00 24.15 ? 103 ILE B CA  1 
ATOM   1470 C C   . ILE B 1 103 ? -13.531 -2.180  2.133   1.00 25.26 ? 103 ILE B C   1 
ATOM   1471 O O   . ILE B 1 103 ? -14.034 -2.568  1.072   1.00 25.20 ? 103 ILE B O   1 
ATOM   1472 C CB  . ILE B 1 103 ? -11.496 -3.642  2.143   1.00 25.74 ? 103 ILE B CB  1 
ATOM   1473 C CG1 . ILE B 1 103 ? -10.866 -2.493  1.348   1.00 24.04 ? 103 ILE B CG1 1 
ATOM   1474 C CG2 . ILE B 1 103 ? -11.959 -4.732  1.208   1.00 30.05 ? 103 ILE B CG2 1 
ATOM   1475 C CD1 . ILE B 1 103 ? -9.761  -2.927  0.413   1.00 28.90 ? 103 ILE B CD1 1 
ATOM   1476 N N   . PRO B 1 104 ? -13.734 -0.941  2.600   1.00 24.86 ? 104 PRO B N   1 
ATOM   1477 C CA  . PRO B 1 104 ? -14.538 -0.004  1.812   1.00 25.53 ? 104 PRO B CA  1 
ATOM   1478 C C   . PRO B 1 104 ? -13.829 0.396   0.520   1.00 25.01 ? 104 PRO B C   1 
ATOM   1479 O O   . PRO B 1 104 ? -12.605 0.494   0.473   1.00 25.71 ? 104 PRO B O   1 
ATOM   1480 C CB  . PRO B 1 104 ? -14.735 1.174   2.769   1.00 24.24 ? 104 PRO B CB  1 
ATOM   1481 C CG  . PRO B 1 104 ? -13.503 1.133   3.609   1.00 24.57 ? 104 PRO B CG  1 
ATOM   1482 C CD  . PRO B 1 104 ? -13.341 -0.342  3.890   1.00 25.86 ? 104 PRO B CD  1 
ATOM   1483 N N   . MET B 1 105 ? -14.609 0.599   -0.532  1.00 24.58 ? 105 MET B N   1 
ATOM   1484 C CA  . MET B 1 105 ? -14.058 0.998   -1.817  1.00 24.40 ? 105 MET B CA  1 
ATOM   1485 C C   . MET B 1 105 ? -14.669 2.336   -2.176  1.00 24.20 ? 105 MET B C   1 
ATOM   1486 O O   . MET B 1 105 ? -15.848 2.413   -2.505  1.00 22.75 ? 105 MET B O   1 
ATOM   1487 C CB  . MET B 1 105 ? -14.398 -0.033  -2.897  1.00 22.95 ? 105 MET B CB  1 
ATOM   1488 C CG  . MET B 1 105 ? -13.950 -1.445  -2.571  1.00 24.53 ? 105 MET B CG  1 
ATOM   1489 S SD  . MET B 1 105 ? -13.705 -2.393  -4.086  1.00 24.76 ? 105 MET B SD  1 
ATOM   1490 C CE  . MET B 1 105 ? -12.271 -1.488  -4.636  1.00 30.93 ? 105 MET B CE  1 
ATOM   1491 N N   . SER B 1 106 ? -13.863 3.392   -2.106  1.00 24.64 ? 106 SER B N   1 
ATOM   1492 C CA  . SER B 1 106 ? -14.339 4.725   -2.419  1.00 23.56 ? 106 SER B CA  1 
ATOM   1493 C C   . SER B 1 106 ? -13.841 5.170   -3.782  1.00 24.76 ? 106 SER B C   1 
ATOM   1494 O O   . SER B 1 106 ? -12.639 5.178   -4.043  1.00 26.90 ? 106 SER B O   1 
ATOM   1495 C CB  . SER B 1 106 ? -13.883 5.724   -1.347  1.00 24.33 ? 106 SER B CB  1 
ATOM   1496 O OG  . SER B 1 106 ? -14.422 5.392   -0.074  1.00 25.96 ? 106 SER B OG  1 
ATOM   1497 N N   . ALA B 1 107 ? -14.777 5.517   -4.655  1.00 23.18 ? 107 ALA B N   1 
ATOM   1498 C CA  . ALA B 1 107 ? -14.446 5.984   -5.992  1.00 22.76 ? 107 ALA B CA  1 
ATOM   1499 C C   . ALA B 1 107 ? -14.810 7.451   -5.964  1.00 21.79 ? 107 ALA B C   1 
ATOM   1500 O O   . ALA B 1 107 ? -15.985 7.797   -5.961  1.00 21.73 ? 107 ALA B O   1 
ATOM   1501 C CB  . ALA B 1 107 ? -15.275 5.243   -7.040  1.00 22.12 ? 107 ALA B CB  1 
ATOM   1502 N N   . THR B 1 108 ? -13.793 8.306   -5.917  1.00 21.64 ? 108 THR B N   1 
ATOM   1503 C CA  . THR B 1 108 ? -13.998 9.746   -5.843  1.00 22.27 ? 108 THR B CA  1 
ATOM   1504 C C   . THR B 1 108 ? -13.620 10.482  -7.127  1.00 21.89 ? 108 THR B C   1 
ATOM   1505 O O   . THR B 1 108 ? -12.687 10.103  -7.833  1.00 21.80 ? 108 THR B O   1 
ATOM   1506 C CB  . THR B 1 108 ? -13.212 10.340  -4.650  1.00 22.36 ? 108 THR B CB  1 
ATOM   1507 O OG1 . THR B 1 108 ? -11.829 9.984   -4.759  1.00 22.10 ? 108 THR B OG1 1 
ATOM   1508 C CG2 . THR B 1 108 ? -13.753 9.785   -3.341  1.00 25.86 ? 108 THR B CG2 1 
ATOM   1509 N N   . ALA B 1 109 ? -14.359 11.545  -7.415  1.00 23.38 ? 109 ALA B N   1 
ATOM   1510 C CA  . ALA B 1 109 ? -14.145 12.327  -8.624  1.00 26.34 ? 109 ALA B CA  1 
ATOM   1511 C C   . ALA B 1 109 ? -12.687 12.747  -8.794  1.00 28.01 ? 109 ALA B C   1 
ATOM   1512 O O   . ALA B 1 109 ? -12.050 13.121  -7.785  1.00 29.00 ? 109 ALA B O   1 
ATOM   1513 C CB  . ALA B 1 109 ? -15.048 13.550  -8.605  1.00 24.58 ? 109 ALA B CB  1 
ATOM   1514 O OXT . ALA B 1 109 ? -12.204 12.690  -9.946  1.00 29.53 ? 109 ALA B OXT 1 
HETATM 1515 O O   . HOH C 2 .   ? 16.193  8.078   -11.696 1.00 26.95 ? 110 HOH A O   1 
HETATM 1516 O O   . HOH C 2 .   ? 8.802   7.620   10.648  1.00 27.24 ? 111 HOH A O   1 
HETATM 1517 O O   . HOH C 2 .   ? 8.682   22.749  -13.898 1.00 22.18 ? 112 HOH A O   1 
HETATM 1518 O O   . HOH C 2 .   ? 14.660  -0.580  18.644  1.00 40.21 ? 113 HOH A O   1 
HETATM 1519 O O   . HOH C 2 .   ? 1.104   15.939  1.316   1.00 27.50 ? 114 HOH A O   1 
HETATM 1520 O O   . HOH C 2 .   ? 23.740  9.454   12.572  1.00 29.78 ? 115 HOH A O   1 
HETATM 1521 O O   . HOH C 2 .   ? 13.650  -5.502  13.453  1.00 35.26 ? 116 HOH A O   1 
HETATM 1522 O O   . HOH C 2 .   ? 19.564  -3.168  9.500   1.00 21.16 ? 117 HOH A O   1 
HETATM 1523 O O   . HOH C 2 .   ? 17.208  1.869   20.201  1.00 38.74 ? 118 HOH A O   1 
HETATM 1524 O O   . HOH C 2 .   ? -0.723  22.783  -12.651 1.00 46.11 ? 119 HOH A O   1 
HETATM 1525 O O   . HOH C 2 .   ? -0.567  20.308  -1.572  1.00 30.58 ? 120 HOH A O   1 
HETATM 1526 O O   . HOH C 2 .   ? 1.442   13.135  3.130   1.00 28.34 ? 121 HOH A O   1 
HETATM 1527 O O   . HOH C 2 .   ? 25.899  -6.009  10.448  1.00 25.41 ? 122 HOH A O   1 
HETATM 1528 O O   . HOH C 2 .   ? 4.650   21.342  -0.380  1.00 27.43 ? 123 HOH A O   1 
HETATM 1529 O O   . HOH C 2 .   ? 11.350  17.159  11.189  1.00 37.05 ? 124 HOH A O   1 
HETATM 1530 O O   . HOH C 2 .   ? 10.949  -0.474  12.952  1.00 23.56 ? 125 HOH A O   1 
HETATM 1531 O O   . HOH C 2 .   ? 4.430   26.492  -2.319  1.00 27.32 ? 126 HOH A O   1 
HETATM 1532 O O   . HOH C 2 .   ? 2.643   7.388   6.318   1.00 34.04 ? 127 HOH A O   1 
HETATM 1533 O O   . HOH C 2 .   ? 6.343   24.324  0.866   1.00 24.72 ? 128 HOH A O   1 
HETATM 1534 O O   . HOH C 2 .   ? 10.615  -5.870  2.526   1.00 58.10 ? 129 HOH A O   1 
HETATM 1535 O O   . HOH C 2 .   ? 5.754   15.606  7.261   1.00 31.45 ? 130 HOH A O   1 
HETATM 1536 O O   . HOH C 2 .   ? 19.342  -6.593  11.931  1.00 26.99 ? 131 HOH A O   1 
HETATM 1537 O O   . HOH C 2 .   ? 1.332   29.485  -3.877  1.00 40.55 ? 132 HOH A O   1 
HETATM 1538 O O   . HOH C 2 .   ? 21.029  4.735   19.102  1.00 27.70 ? 133 HOH A O   1 
HETATM 1539 O O   . HOH C 2 .   ? 19.954  17.981  -2.124  1.00 35.98 ? 134 HOH A O   1 
HETATM 1540 O O   . HOH C 2 .   ? 16.183  -6.410  15.501  1.00 39.05 ? 135 HOH A O   1 
HETATM 1541 O O   . HOH C 2 .   ? 12.267  -5.440  4.420   1.00 27.46 ? 136 HOH A O   1 
HETATM 1542 O O   . HOH C 2 .   ? 20.074  0.226   6.787   1.00 22.00 ? 137 HOH A O   1 
HETATM 1543 O O   . HOH C 2 .   ? 14.572  13.366  12.638  1.00 21.92 ? 138 HOH A O   1 
HETATM 1544 O O   . HOH C 2 .   ? 17.086  -8.345  17.457  1.00 31.90 ? 139 HOH A O   1 
HETATM 1545 O O   . HOH C 2 .   ? 25.417  -3.891  3.881   1.00 32.86 ? 140 HOH A O   1 
HETATM 1546 O O   . HOH C 2 .   ? 14.096  -3.396  15.136  1.00 26.79 ? 141 HOH A O   1 
HETATM 1547 O O   . HOH C 2 .   ? 8.190   25.861  2.788   1.00 52.61 ? 142 HOH A O   1 
HETATM 1548 O O   . HOH C 2 .   ? 4.505   28.818  -0.369  1.00 52.52 ? 143 HOH A O   1 
HETATM 1549 O O   . HOH C 2 .   ? 22.953  2.984   1.626   1.00 46.73 ? 144 HOH A O   1 
HETATM 1550 O O   . HOH C 2 .   ? 5.816   29.294  -2.655  1.00 41.03 ? 145 HOH A O   1 
HETATM 1551 O O   . HOH C 2 .   ? 31.718  6.007   20.666  1.00 48.03 ? 146 HOH A O   1 
HETATM 1552 O O   . HOH C 2 .   ? 3.044   10.321  -14.967 1.00 37.72 ? 147 HOH A O   1 
HETATM 1553 O O   . HOH C 2 .   ? 20.876  11.358  8.035   1.00 20.06 ? 148 HOH A O   1 
HETATM 1554 O O   . HOH C 2 .   ? 18.674  -0.591  -11.902 1.00 41.81 ? 149 HOH A O   1 
HETATM 1555 O O   . HOH C 2 .   ? 16.527  6.534   -8.025  1.00 23.72 ? 150 HOH A O   1 
HETATM 1556 O O   . HOH C 2 .   ? 0.141   15.776  -15.764 1.00 42.56 ? 151 HOH A O   1 
HETATM 1557 O O   . HOH C 2 .   ? 26.936  -2.751  5.905   1.00 36.18 ? 152 HOH A O   1 
HETATM 1558 O O   . HOH C 2 .   ? -3.095  19.474  -2.683  1.00 44.22 ? 153 HOH A O   1 
HETATM 1559 O O   . HOH C 2 .   ? 13.782  -7.470  16.409  1.00 42.20 ? 154 HOH A O   1 
HETATM 1560 O O   . HOH C 2 .   ? 25.708  -5.329  5.977   1.00 29.53 ? 155 HOH A O   1 
HETATM 1561 O O   . HOH C 2 .   ? 30.591  4.271   16.800  1.00 42.59 ? 156 HOH A O   1 
HETATM 1562 O O   . HOH C 2 .   ? 6.473   13.237  8.686   1.00 36.46 ? 157 HOH A O   1 
HETATM 1563 O O   . HOH C 2 .   ? 0.795   6.039   5.201   1.00 46.73 ? 158 HOH A O   1 
HETATM 1564 O O   . HOH C 2 .   ? -0.031  7.462   -15.673 1.00 32.19 ? 159 HOH A O   1 
HETATM 1565 O O   . HOH C 2 .   ? 11.266  9.803   14.178  1.00 16.09 ? 160 HOH A O   1 
HETATM 1566 O O   . HOH C 2 .   ? -1.969  13.023  0.595   1.00 29.96 ? 161 HOH A O   1 
HETATM 1567 O O   . HOH C 2 .   ? 5.901   17.693  -16.783 1.00 37.72 ? 162 HOH A O   1 
HETATM 1568 O O   . HOH C 2 .   ? -10.046 10.955  -2.428  1.00 33.69 ? 163 HOH A O   1 
HETATM 1569 O O   . HOH C 2 .   ? 0.208   21.924  -10.197 1.00 28.45 ? 164 HOH A O   1 
HETATM 1570 O O   . HOH C 2 .   ? -7.507  12.377  -7.740  1.00 42.99 ? 165 HOH A O   1 
HETATM 1571 O O   . HOH C 2 .   ? 32.789  5.223   18.010  1.00 46.26 ? 166 HOH A O   1 
HETATM 1572 O O   . HOH C 2 .   ? -1.145  28.556  -4.162  1.00 36.31 ? 167 HOH A O   1 
HETATM 1573 O O   . HOH C 2 .   ? 28.678  -2.604  3.014   1.00 26.69 ? 168 HOH A O   1 
HETATM 1574 O O   . HOH C 2 .   ? 18.363  0.571   -9.822  1.00 42.58 ? 169 HOH A O   1 
HETATM 1575 O O   . HOH C 2 .   ? 18.791  -8.109  15.651  1.00 37.44 ? 170 HOH A O   1 
HETATM 1576 O O   . HOH C 2 .   ? 2.396   9.023   8.503   1.00 43.82 ? 171 HOH A O   1 
HETATM 1577 O O   . HOH C 2 .   ? -5.139  10.070  -10.192 1.00 30.94 ? 172 HOH A O   1 
HETATM 1578 O O   . HOH C 2 .   ? -2.432  26.197  -3.584  1.00 38.37 ? 173 HOH A O   1 
HETATM 1579 O O   . HOH C 2 .   ? -0.787  30.082  -1.317  1.00 38.45 ? 174 HOH A O   1 
HETATM 1580 O O   . HOH C 2 .   ? 6.848   -7.621  0.463   1.00 50.90 ? 175 HOH A O   1 
HETATM 1581 O O   . HOH C 2 .   ? 28.201  3.852   5.564   1.00 34.84 ? 176 HOH A O   1 
HETATM 1582 O O   . HOH C 2 .   ? 14.912  3.412   17.693  1.00 25.79 ? 177 HOH A O   1 
HETATM 1583 O O   . HOH C 2 .   ? -7.668  12.892  -5.023  1.00 34.84 ? 178 HOH A O   1 
HETATM 1584 O O   . HOH C 2 .   ? 20.114  22.706  3.961   1.00 43.16 ? 179 HOH A O   1 
HETATM 1585 O O   . HOH C 2 .   ? 23.856  5.245   19.561  1.00 43.15 ? 180 HOH A O   1 
HETATM 1586 O O   . HOH C 2 .   ? 6.055   -1.200  7.135   1.00 43.24 ? 181 HOH A O   1 
HETATM 1587 O O   . HOH C 2 .   ? 26.599  4.218   20.484  1.00 31.16 ? 182 HOH A O   1 
HETATM 1588 O O   . HOH C 2 .   ? -9.401  20.392  -5.047  1.00 48.50 ? 183 HOH A O   1 
HETATM 1589 O O   . HOH D 2 .   ? -17.432 8.349   -3.824  1.00 25.89 ? 110 HOH B O   1 
HETATM 1590 O O   . HOH D 2 .   ? -16.723 -11.485 11.841  1.00 28.85 ? 111 HOH B O   1 
HETATM 1591 O O   . HOH D 2 .   ? -2.346  -2.111  -7.601  1.00 22.35 ? 112 HOH B O   1 
HETATM 1592 O O   . HOH D 2 .   ? -15.591 8.702   -14.050 1.00 20.49 ? 113 HOH B O   1 
HETATM 1593 O O   . HOH D 2 .   ? -17.123 2.789   0.886   1.00 22.85 ? 114 HOH B O   1 
HETATM 1594 O O   . HOH D 2 .   ? -10.190 -8.849  -15.120 1.00 31.06 ? 115 HOH B O   1 
HETATM 1595 O O   . HOH D 2 .   ? -6.058  3.231   0.491   1.00 40.18 ? 116 HOH B O   1 
HETATM 1596 O O   . HOH D 2 .   ? -16.433 12.416  -5.295  1.00 26.32 ? 117 HOH B O   1 
HETATM 1597 O O   . HOH D 2 .   ? -6.136  -10.954 -13.300 1.00 31.34 ? 118 HOH B O   1 
HETATM 1598 O O   . HOH D 2 .   ? -18.948 -20.297 -0.644  1.00 22.02 ? 119 HOH B O   1 
HETATM 1599 O O   . HOH D 2 .   ? -6.465  2.622   -2.413  1.00 31.13 ? 120 HOH B O   1 
HETATM 1600 O O   . HOH D 2 .   ? -19.135 3.498   -9.683  1.00 23.01 ? 121 HOH B O   1 
HETATM 1601 O O   . HOH D 2 .   ? -10.035 -15.911 -8.053  1.00 32.01 ? 122 HOH B O   1 
HETATM 1602 O O   . HOH D 2 .   ? -8.022  -8.552  -12.584 1.00 27.24 ? 123 HOH B O   1 
HETATM 1603 O O   . HOH D 2 .   ? -22.390 6.116   -3.145  1.00 26.41 ? 124 HOH B O   1 
HETATM 1604 O O   . HOH D 2 .   ? -2.125  -12.647 -5.524  1.00 31.46 ? 125 HOH B O   1 
HETATM 1605 O O   . HOH D 2 .   ? -4.213  -19.299 -2.778  1.00 27.43 ? 126 HOH B O   1 
HETATM 1606 O O   . HOH D 2 .   ? -23.216 -16.974 -0.351  1.00 43.88 ? 127 HOH B O   1 
HETATM 1607 O O   . HOH D 2 .   ? -22.989 -9.622  -8.786  1.00 42.80 ? 128 HOH B O   1 
HETATM 1608 O O   . HOH D 2 .   ? -12.589 4.138   1.431   1.00 24.13 ? 129 HOH B O   1 
HETATM 1609 O O   . HOH D 2 .   ? -20.058 -20.585 3.096   1.00 39.68 ? 130 HOH B O   1 
HETATM 1610 O O   . HOH D 2 .   ? 0.343   -8.207  -6.833  1.00 30.87 ? 131 HOH B O   1 
HETATM 1611 O O   . HOH D 2 .   ? -22.626 0.107   -2.814  1.00 32.23 ? 132 HOH B O   1 
HETATM 1612 O O   . HOH D 2 .   ? -14.329 -3.180  -14.722 1.00 30.50 ? 133 HOH B O   1 
HETATM 1613 O O   . HOH D 2 .   ? -12.467 -9.133  -17.330 1.00 57.32 ? 134 HOH B O   1 
HETATM 1614 O O   . HOH D 2 .   ? -12.124 10.446  -11.601 1.00 39.42 ? 135 HOH B O   1 
HETATM 1615 O O   . HOH D 2 .   ? -21.174 4.507   -12.652 1.00 25.12 ? 136 HOH B O   1 
HETATM 1616 O O   . HOH D 2 .   ? -17.365 2.544   -5.752  1.00 20.29 ? 137 HOH B O   1 
HETATM 1617 O O   . HOH D 2 .   ? 0.192   -27.724 4.379   1.00 47.18 ? 138 HOH B O   1 
HETATM 1618 O O   . HOH D 2 .   ? -12.257 -26.154 8.007   1.00 39.99 ? 139 HOH B O   1 
HETATM 1619 O O   . HOH D 2 .   ? -1.186  -10.132 -6.708  1.00 34.26 ? 140 HOH B O   1 
HETATM 1620 O O   . HOH D 2 .   ? -3.285  -9.945  10.619  1.00 35.67 ? 141 HOH B O   1 
HETATM 1621 O O   . HOH D 2 .   ? -12.699 -16.393 -10.012 1.00 34.56 ? 142 HOH B O   1 
HETATM 1622 O O   . HOH D 2 .   ? -3.327  0.404   -2.097  1.00 35.83 ? 143 HOH B O   1 
HETATM 1623 O O   . HOH D 2 .   ? -10.462 -19.224 -7.897  1.00 38.84 ? 144 HOH B O   1 
HETATM 1624 O O   . HOH D 2 .   ? -6.681  2.536   3.984   1.00 32.15 ? 145 HOH B O   1 
HETATM 1625 O O   . HOH D 2 .   ? -22.580 8.357   -0.714  1.00 27.32 ? 146 HOH B O   1 
HETATM 1626 O O   . HOH D 2 .   ? 4.081   -9.274  0.100   1.00 40.58 ? 147 HOH B O   1 
HETATM 1627 O O   . HOH D 2 .   ? -1.926  -0.396  -4.494  1.00 24.31 ? 148 HOH B O   1 
HETATM 1628 O O   . HOH D 2 .   ? -10.315 -27.409 9.647   1.00 33.99 ? 149 HOH B O   1 
HETATM 1629 O O   . HOH D 2 .   ? -7.597  -6.743  -10.618 1.00 23.78 ? 150 HOH B O   1 
HETATM 1630 O O   . HOH D 2 .   ? -4.372  -19.085 15.929  1.00 22.99 ? 151 HOH B O   1 
HETATM 1631 O O   . HOH D 2 .   ? 2.755   -13.992 -0.542  1.00 45.75 ? 152 HOH B O   1 
HETATM 1632 O O   . HOH D 2 .   ? -3.286  -29.231 5.169   1.00 37.60 ? 153 HOH B O   1 
HETATM 1633 O O   . HOH D 2 .   ? -19.939 -16.024 12.551  1.00 48.22 ? 154 HOH B O   1 
HETATM 1634 O O   . HOH D 2 .   ? -16.674 -17.049 15.615  1.00 48.60 ? 155 HOH B O   1 
HETATM 1635 O O   . HOH D 2 .   ? -3.224  -25.066 9.010   1.00 30.45 ? 156 HOH B O   1 
HETATM 1636 O O   . HOH D 2 .   ? -4.137  -23.584 -4.005  1.00 38.78 ? 157 HOH B O   1 
HETATM 1637 O O   . HOH D 2 .   ? -1.650  -32.306 5.597   1.00 41.12 ? 158 HOH B O   1 
HETATM 1638 O O   . HOH D 2 .   ? -21.405 -21.194 -1.492  1.00 28.22 ? 159 HOH B O   1 
HETATM 1639 O O   . HOH D 2 .   ? -7.492  -14.876 13.636  1.00 32.79 ? 160 HOH B O   1 
HETATM 1640 O O   . HOH D 2 .   ? -3.060  -24.794 12.946  1.00 31.81 ? 161 HOH B O   1 
HETATM 1641 O O   . HOH D 2 .   ? -10.451 -24.539 13.007  1.00 39.44 ? 162 HOH B O   1 
HETATM 1642 O O   . HOH D 2 .   ? -19.940 8.595   -3.802  1.00 36.35 ? 163 HOH B O   1 
HETATM 1643 O O   . HOH D 2 .   ? -6.890  -13.619 -13.126 1.00 44.49 ? 164 HOH B O   1 
HETATM 1644 O O   . HOH D 2 .   ? -16.869 -20.526 -2.708  1.00 27.46 ? 165 HOH B O   1 
HETATM 1645 O O   . HOH D 2 .   ? -19.575 -12.220 10.926  1.00 49.24 ? 166 HOH B O   1 
HETATM 1646 O O   . HOH D 2 .   ? -21.932 -14.298 11.587  1.00 55.14 ? 167 HOH B O   1 
HETATM 1647 O O   . HOH D 2 .   ? -4.008  -13.367 -8.323  1.00 39.64 ? 168 HOH B O   1 
HETATM 1648 O O   . HOH D 2 .   ? -5.163  -26.433 7.807   1.00 30.55 ? 169 HOH B O   1 
HETATM 1649 O O   . HOH D 2 .   ? -19.081 -10.443 -5.813  1.00 32.80 ? 170 HOH B O   1 
HETATM 1650 O O   . HOH D 2 .   ? -4.505  -27.148 2.835   1.00 33.20 ? 171 HOH B O   1 
HETATM 1651 O O   . HOH D 2 .   ? -7.814  -22.822 -4.870  1.00 23.73 ? 172 HOH B O   1 
HETATM 1652 O O   . HOH D 2 .   ? -6.381  -20.637 -4.483  1.00 30.57 ? 173 HOH B O   1 
HETATM 1653 O O   . HOH D 2 .   ? -9.355  -29.041 -2.205  1.00 28.15 ? 174 HOH B O   1 
HETATM 1654 O O   . HOH D 2 .   ? -19.212 -29.473 5.480   1.00 22.05 ? 175 HOH B O   1 
HETATM 1655 O O   . HOH D 2 .   ? 0.426   -3.097  0.967   1.00 46.09 ? 176 HOH B O   1 
HETATM 1656 O O   . HOH D 2 .   ? -22.642 -5.545  -9.459  1.00 43.85 ? 177 HOH B O   1 
HETATM 1657 O O   . HOH D 2 .   ? -6.834  -12.279 13.693  1.00 33.69 ? 178 HOH B O   1 
HETATM 1658 O O   . HOH D 2 .   ? -12.499 7.759   0.424   1.00 47.79 ? 179 HOH B O   1 
HETATM 1659 O O   . HOH D 2 .   ? -20.057 -14.505 6.466   1.00 37.72 ? 180 HOH B O   1 
HETATM 1660 O O   . HOH D 2 .   ? -13.994 -17.238 15.399  1.00 40.10 ? 181 HOH B O   1 
HETATM 1661 O O   . HOH D 2 .   ? 0.158   -17.491 2.361   1.00 35.68 ? 182 HOH B O   1 
HETATM 1662 O O   . HOH D 2 .   ? -8.147  7.526   -13.496 1.00 23.30 ? 183 HOH B O   1 
HETATM 1663 O O   . HOH D 2 .   ? -24.452 -5.148  3.204   1.00 28.29 ? 184 HOH B O   1 
HETATM 1664 O O   . HOH D 2 .   ? -16.580 -11.421 -6.383  1.00 44.79 ? 185 HOH B O   1 
HETATM 1665 O O   . HOH D 2 .   ? -10.532 -19.118 10.372  1.00 36.62 ? 186 HOH B O   1 
HETATM 1666 O O   . HOH D 2 .   ? -0.131  0.400   -8.517  1.00 40.40 ? 187 HOH B O   1 
HETATM 1667 O O   . HOH D 2 .   ? -21.904 10.021  -8.537  1.00 29.22 ? 188 HOH B O   1 
HETATM 1668 O O   . HOH D 2 .   ? -19.265 -8.656  -13.651 1.00 40.93 ? 189 HOH B O   1 
HETATM 1669 O O   . HOH D 2 .   ? -6.402  -16.296 11.582  1.00 27.45 ? 190 HOH B O   1 
HETATM 1670 O O   . HOH D 2 .   ? -10.717 -15.831 14.217  1.00 44.51 ? 191 HOH B O   1 
HETATM 1671 O O   . HOH D 2 .   ? -24.458 -5.186  -1.317  1.00 44.51 ? 192 HOH B O   1 
# 
loop_
_pdbx_poly_seq_scheme.asym_id 
_pdbx_poly_seq_scheme.entity_id 
_pdbx_poly_seq_scheme.seq_id 
_pdbx_poly_seq_scheme.mon_id 
_pdbx_poly_seq_scheme.ndb_seq_num 
_pdbx_poly_seq_scheme.pdb_seq_num 
_pdbx_poly_seq_scheme.auth_seq_num 
_pdbx_poly_seq_scheme.pdb_mon_id 
_pdbx_poly_seq_scheme.auth_mon_id 
_pdbx_poly_seq_scheme.pdb_strand_id 
_pdbx_poly_seq_scheme.pdb_ins_code 
_pdbx_poly_seq_scheme.hetero 
A 1 1   MET 1   1   ?   ?   ?   A . n 
A 1 2   SER 2   2   ?   ?   ?   A . n 
A 1 3   LEU 3   3   3   LEU LEU A . n 
A 1 4   THR 4   4   4   THR THR A . n 
A 1 5   ALA 5   5   5   ALA ALA A . n 
A 1 6   ASP 6   6   6   ASP ASP A . n 
A 1 7   PRO 7   7   7   PRO PRO A . n 
A 1 8   PRO 8   8   8   PRO PRO A . n 
A 1 9   ALA 9   9   9   ALA ALA A . n 
A 1 10  CYS 10  10  10  CYS CYS A . n 
A 1 11  THR 11  11  11  THR THR A . n 
A 1 12  VAL 12  12  12  VAL VAL A . n 
A 1 13  PRO 13  13  13  PRO PRO A . n 
A 1 14  ALA 14  14  14  ALA ALA A . n 
A 1 15  ALA 15  15  15  ALA ALA A . n 
A 1 16  GLY 16  16  16  GLY GLY A . n 
A 1 17  VAL 17  17  17  VAL VAL A . n 
A 1 18  SER 18  18  18  SER SER A . n 
A 1 19  SER 19  19  19  SER SER A . n 
A 1 20  THR 20  20  20  THR THR A . n 
A 1 21  HIS 21  21  21  HIS HIS A . n 
A 1 22  LYS 22  22  22  LYS LYS A . n 
A 1 23  LEU 23  23  23  LEU LEU A . n 
A 1 24  VAL 24  24  24  VAL VAL A . n 
A 1 25  ASN 25  25  25  ASN ASN A . n 
A 1 26  GLY 26  26  26  GLY GLY A . n 
A 1 27  GLY 27  27  27  GLY GLY A . n 
A 1 28  ALA 28  28  28  ALA ALA A . n 
A 1 29  GLU 29  29  29  GLU GLU A . n 
A 1 30  LYS 30  30  30  LYS LYS A . n 
A 1 31  ILE 31  31  31  ILE ILE A . n 
A 1 32  VAL 32  32  32  VAL VAL A . n 
A 1 33  PHE 33  33  33  PHE PHE A . n 
A 1 34  LYS 34  34  34  LYS LYS A . n 
A 1 35  ILE 35  35  35  ILE ILE A . n 
A 1 36  LYS 36  36  36  LYS LYS A . n 
A 1 37  SER 37  37  37  SER SER A . n 
A 1 38  SER 38  38  38  SER SER A . n 
A 1 39  ASN 39  39  39  ASN ASN A . n 
A 1 40  ASN 40  40  40  ASN ASN A . n 
A 1 41  ASN 41  41  41  ASN ASN A . n 
A 1 42  GLU 42  42  42  GLU GLU A . n 
A 1 43  TYR 43  43  43  TYR TYR A . n 
A 1 44  ARG 44  44  44  ARG ARG A . n 
A 1 45  ILE 45  45  45  ILE ILE A . n 
A 1 46  ALA 46  46  46  ALA ALA A . n 
A 1 47  PRO 47  47  47  PRO PRO A . n 
A 1 48  VAL 48  48  48  VAL VAL A . n 
A 1 49  PHE 49  49  49  PHE PHE A . n 
A 1 50  GLY 50  50  50  GLY GLY A . n 
A 1 51  PHE 51  51  51  PHE PHE A . n 
A 1 52  VAL 52  52  52  VAL VAL A . n 
A 1 53  ASP 53  53  53  ASP ASP A . n 
A 1 54  PRO 54  54  54  PRO PRO A . n 
A 1 55  SER 55  55  55  SER SER A . n 
A 1 56  GLY 56  56  56  GLY GLY A . n 
A 1 57  SER 57  57  57  SER SER A . n 
A 1 58  LYS 58  58  58  LYS LYS A . n 
A 1 59  ASP 59  59  59  ASP ASP A . n 
A 1 60  VAL 60  60  60  VAL VAL A . n 
A 1 61  VAL 61  61  61  VAL VAL A . n 
A 1 62  ILE 62  62  62  ILE ILE A . n 
A 1 63  THR 63  63  63  THR THR A . n 
A 1 64  ARG 64  64  64  ARG ARG A . n 
A 1 65  THR 65  65  65  THR THR A . n 
A 1 66  ALA 66  66  66  ALA ALA A . n 
A 1 67  GLY 67  67  67  GLY GLY A . n 
A 1 68  ALA 68  68  68  ALA ALA A . n 
A 1 69  PRO 69  69  69  PRO PRO A . n 
A 1 70  LYS 70  70  70  LYS LYS A . n 
A 1 71  GLU 71  71  71  GLU GLU A . n 
A 1 72  ASP 72  72  72  ASP ASP A . n 
A 1 73  LYS 73  73  73  LYS LYS A . n 
A 1 74  LEU 74  74  74  LEU LEU A . n 
A 1 75  VAL 75  75  75  VAL VAL A . n 
A 1 76  VAL 76  76  76  VAL VAL A . n 
A 1 77  HIS 77  77  77  HIS HIS A . n 
A 1 78  PHE 78  78  78  PHE PHE A . n 
A 1 79  ALA 79  79  79  ALA ALA A . n 
A 1 80  SER 80  80  80  SER SER A . n 
A 1 81  ALA 81  81  81  ALA ALA A . n 
A 1 82  PRO 82  82  82  PRO PRO A . n 
A 1 83  ALA 83  83  83  ALA ALA A . n 
A 1 84  ASP 84  84  84  ASP ASP A . n 
A 1 85  ALA 85  85  85  ALA ALA A . n 
A 1 86  THR 86  86  86  THR THR A . n 
A 1 87  ASP 87  87  87  ASP ASP A . n 
A 1 88  ALA 88  88  88  ALA ALA A . n 
A 1 89  GLN 89  89  89  GLN GLN A . n 
A 1 90  ALA 90  90  90  ALA ALA A . n 
A 1 91  ALA 91  91  91  ALA ALA A . n 
A 1 92  PHE 92  92  92  PHE PHE A . n 
A 1 93  VAL 93  93  93  VAL VAL A . n 
A 1 94  ALA 94  94  94  ALA ALA A . n 
A 1 95  VAL 95  95  95  VAL VAL A . n 
A 1 96  ALA 96  96  96  ALA ALA A . n 
A 1 97  PRO 97  97  97  PRO PRO A . n 
A 1 98  ALA 98  98  98  ALA ALA A . n 
A 1 99  GLY 99  99  99  GLY GLY A . n 
A 1 100 THR 100 100 100 THR THR A . n 
A 1 101 VAL 101 101 101 VAL VAL A . n 
A 1 102 THR 102 102 102 THR THR A . n 
A 1 103 ILE 103 103 103 ILE ILE A . n 
A 1 104 PRO 104 104 104 PRO PRO A . n 
A 1 105 MET 105 105 105 MET MET A . n 
A 1 106 SER 106 106 106 SER SER A . n 
A 1 107 ALA 107 107 107 ALA ALA A . n 
A 1 108 THR 108 108 108 THR THR A . n 
A 1 109 ALA 109 109 109 ALA ALA A . n 
B 1 1   MET 1   1   ?   ?   ?   B . n 
B 1 2   SER 2   2   ?   ?   ?   B . n 
B 1 3   LEU 3   3   3   LEU LEU B . n 
B 1 4   THR 4   4   4   THR THR B . n 
B 1 5   ALA 5   5   5   ALA ALA B . n 
B 1 6   ASP 6   6   6   ASP ASP B . n 
B 1 7   PRO 7   7   7   PRO PRO B . n 
B 1 8   PRO 8   8   8   PRO PRO B . n 
B 1 9   ALA 9   9   9   ALA ALA B . n 
B 1 10  CYS 10  10  10  CYS CYS B . n 
B 1 11  THR 11  11  11  THR THR B . n 
B 1 12  VAL 12  12  12  VAL VAL B . n 
B 1 13  PRO 13  13  13  PRO PRO B . n 
B 1 14  ALA 14  14  14  ALA ALA B . n 
B 1 15  ALA 15  15  15  ALA ALA B . n 
B 1 16  GLY 16  16  16  GLY GLY B . n 
B 1 17  VAL 17  17  17  VAL VAL B . n 
B 1 18  SER 18  18  18  SER SER B . n 
B 1 19  SER 19  19  19  SER SER B . n 
B 1 20  THR 20  20  20  THR THR B . n 
B 1 21  HIS 21  21  21  HIS HIS B . n 
B 1 22  LYS 22  22  22  LYS LYS B . n 
B 1 23  LEU 23  23  23  LEU LEU B . n 
B 1 24  VAL 24  24  24  VAL VAL B . n 
B 1 25  ASN 25  25  25  ASN ASN B . n 
B 1 26  GLY 26  26  26  GLY GLY B . n 
B 1 27  GLY 27  27  27  GLY GLY B . n 
B 1 28  ALA 28  28  28  ALA ALA B . n 
B 1 29  GLU 29  29  29  GLU GLU B . n 
B 1 30  LYS 30  30  30  LYS LYS B . n 
B 1 31  ILE 31  31  31  ILE ILE B . n 
B 1 32  VAL 32  32  32  VAL VAL B . n 
B 1 33  PHE 33  33  33  PHE PHE B . n 
B 1 34  LYS 34  34  34  LYS LYS B . n 
B 1 35  ILE 35  35  35  ILE ILE B . n 
B 1 36  LYS 36  36  36  LYS LYS B . n 
B 1 37  SER 37  37  37  SER SER B . n 
B 1 38  SER 38  38  38  SER SER B . n 
B 1 39  ASN 39  39  39  ASN ASN B . n 
B 1 40  ASN 40  40  40  ASN ASN B . n 
B 1 41  ASN 41  41  41  ASN ASN B . n 
B 1 42  GLU 42  42  42  GLU GLU B . n 
B 1 43  TYR 43  43  43  TYR TYR B . n 
B 1 44  ARG 44  44  44  ARG ARG B . n 
B 1 45  ILE 45  45  45  ILE ILE B . n 
B 1 46  ALA 46  46  46  ALA ALA B . n 
B 1 47  PRO 47  47  47  PRO PRO B . n 
B 1 48  VAL 48  48  48  VAL VAL B . n 
B 1 49  PHE 49  49  49  PHE PHE B . n 
B 1 50  GLY 50  50  50  GLY GLY B . n 
B 1 51  PHE 51  51  51  PHE PHE B . n 
B 1 52  VAL 52  52  52  VAL VAL B . n 
B 1 53  ASP 53  53  53  ASP ASP B . n 
B 1 54  PRO 54  54  54  PRO PRO B . n 
B 1 55  SER 55  55  55  SER SER B . n 
B 1 56  GLY 56  56  56  GLY GLY B . n 
B 1 57  SER 57  57  57  SER SER B . n 
B 1 58  LYS 58  58  58  LYS LYS B . n 
B 1 59  ASP 59  59  59  ASP ASP B . n 
B 1 60  VAL 60  60  60  VAL VAL B . n 
B 1 61  VAL 61  61  61  VAL VAL B . n 
B 1 62  ILE 62  62  62  ILE ILE B . n 
B 1 63  THR 63  63  63  THR THR B . n 
B 1 64  ARG 64  64  64  ARG ARG B . n 
B 1 65  THR 65  65  65  THR THR B . n 
B 1 66  ALA 66  66  66  ALA ALA B . n 
B 1 67  GLY 67  67  67  GLY GLY B . n 
B 1 68  ALA 68  68  68  ALA ALA B . n 
B 1 69  PRO 69  69  69  PRO PRO B . n 
B 1 70  LYS 70  70  70  LYS LYS B . n 
B 1 71  GLU 71  71  71  GLU GLU B . n 
B 1 72  ASP 72  72  72  ASP ASP B . n 
B 1 73  LYS 73  73  73  LYS LYS B . n 
B 1 74  LEU 74  74  74  LEU LEU B . n 
B 1 75  VAL 75  75  75  VAL VAL B . n 
B 1 76  VAL 76  76  76  VAL VAL B . n 
B 1 77  HIS 77  77  77  HIS HIS B . n 
B 1 78  PHE 78  78  78  PHE PHE B . n 
B 1 79  ALA 79  79  79  ALA ALA B . n 
B 1 80  SER 80  80  80  SER SER B . n 
B 1 81  ALA 81  81  81  ALA ALA B . n 
B 1 82  PRO 82  82  82  PRO PRO B . n 
B 1 83  ALA 83  83  83  ALA ALA B . n 
B 1 84  ASP 84  84  84  ASP ASP B . n 
B 1 85  ALA 85  85  85  ALA ALA B . n 
B 1 86  THR 86  86  86  THR THR B . n 
B 1 87  ASP 87  87  87  ASP ASP B . n 
B 1 88  ALA 88  88  88  ALA ALA B . n 
B 1 89  GLN 89  89  89  GLN GLN B . n 
B 1 90  ALA 90  90  90  ALA ALA B . n 
B 1 91  ALA 91  91  91  ALA ALA B . n 
B 1 92  PHE 92  92  92  PHE PHE B . n 
B 1 93  VAL 93  93  93  VAL VAL B . n 
B 1 94  ALA 94  94  94  ALA ALA B . n 
B 1 95  VAL 95  95  95  VAL VAL B . n 
B 1 96  ALA 96  96  96  ALA ALA B . n 
B 1 97  PRO 97  97  97  PRO PRO B . n 
B 1 98  ALA 98  98  98  ALA ALA B . n 
B 1 99  GLY 99  99  99  GLY GLY B . n 
B 1 100 THR 100 100 100 THR THR B . n 
B 1 101 VAL 101 101 101 VAL VAL B . n 
B 1 102 THR 102 102 102 THR THR B . n 
B 1 103 ILE 103 103 103 ILE ILE B . n 
B 1 104 PRO 104 104 104 PRO PRO B . n 
B 1 105 MET 105 105 105 MET MET B . n 
B 1 106 SER 106 106 106 SER SER B . n 
B 1 107 ALA 107 107 107 ALA ALA B . n 
B 1 108 THR 108 108 108 THR THR B . n 
B 1 109 ALA 109 109 109 ALA ALA B . n 
# 
_pdbx_SG_project.id                    1 
_pdbx_SG_project.project_name          'PSI, Protein Structure Initiative' 
_pdbx_SG_project.full_name_of_center   'Southeast Collaboratory for Structural Genomics' 
_pdbx_SG_project.initial_of_center     SECSG 
# 
loop_
_pdbx_nonpoly_scheme.asym_id 
_pdbx_nonpoly_scheme.entity_id 
_pdbx_nonpoly_scheme.mon_id 
_pdbx_nonpoly_scheme.ndb_seq_num 
_pdbx_nonpoly_scheme.pdb_seq_num 
_pdbx_nonpoly_scheme.auth_seq_num 
_pdbx_nonpoly_scheme.pdb_mon_id 
_pdbx_nonpoly_scheme.auth_mon_id 
_pdbx_nonpoly_scheme.pdb_strand_id 
_pdbx_nonpoly_scheme.pdb_ins_code 
C 2 HOH 1  110 1   HOH HOH A . 
C 2 HOH 2  111 2   HOH HOH A . 
C 2 HOH 3  112 5   HOH HOH A . 
C 2 HOH 4  113 8   HOH HOH A . 
C 2 HOH 5  114 12  HOH HOH A . 
C 2 HOH 6  115 16  HOH HOH A . 
C 2 HOH 7  116 18  HOH HOH A . 
C 2 HOH 8  117 21  HOH HOH A . 
C 2 HOH 9  118 22  HOH HOH A . 
C 2 HOH 10 119 26  HOH HOH A . 
C 2 HOH 11 120 27  HOH HOH A . 
C 2 HOH 12 121 28  HOH HOH A . 
C 2 HOH 13 122 29  HOH HOH A . 
C 2 HOH 14 123 32  HOH HOH A . 
C 2 HOH 15 124 33  HOH HOH A . 
C 2 HOH 16 125 35  HOH HOH A . 
C 2 HOH 17 126 39  HOH HOH A . 
C 2 HOH 18 127 41  HOH HOH A . 
C 2 HOH 19 128 52  HOH HOH A . 
C 2 HOH 20 129 56  HOH HOH A . 
C 2 HOH 21 130 57  HOH HOH A . 
C 2 HOH 22 131 63  HOH HOH A . 
C 2 HOH 23 132 66  HOH HOH A . 
C 2 HOH 24 133 67  HOH HOH A . 
C 2 HOH 25 134 70  HOH HOH A . 
C 2 HOH 26 135 74  HOH HOH A . 
C 2 HOH 27 136 76  HOH HOH A . 
C 2 HOH 28 137 79  HOH HOH A . 
C 2 HOH 29 138 81  HOH HOH A . 
C 2 HOH 30 139 85  HOH HOH A . 
C 2 HOH 31 140 88  HOH HOH A . 
C 2 HOH 32 141 90  HOH HOH A . 
C 2 HOH 33 142 96  HOH HOH A . 
C 2 HOH 34 143 97  HOH HOH A . 
C 2 HOH 35 144 101 HOH HOH A . 
C 2 HOH 36 145 102 HOH HOH A . 
C 2 HOH 37 146 106 HOH HOH A . 
C 2 HOH 38 147 108 HOH HOH A . 
C 2 HOH 39 148 112 HOH HOH A . 
C 2 HOH 40 149 114 HOH HOH A . 
C 2 HOH 41 150 116 HOH HOH A . 
C 2 HOH 42 151 122 HOH HOH A . 
C 2 HOH 43 152 126 HOH HOH A . 
C 2 HOH 44 153 127 HOH HOH A . 
C 2 HOH 45 154 130 HOH HOH A . 
C 2 HOH 46 155 132 HOH HOH A . 
C 2 HOH 47 156 134 HOH HOH A . 
C 2 HOH 48 157 135 HOH HOH A . 
C 2 HOH 49 158 136 HOH HOH A . 
C 2 HOH 50 159 138 HOH HOH A . 
C 2 HOH 51 160 139 HOH HOH A . 
C 2 HOH 52 161 148 HOH HOH A . 
C 2 HOH 53 162 149 HOH HOH A . 
C 2 HOH 54 163 150 HOH HOH A . 
C 2 HOH 55 164 151 HOH HOH A . 
C 2 HOH 56 165 152 HOH HOH A . 
C 2 HOH 57 166 153 HOH HOH A . 
C 2 HOH 58 167 156 HOH HOH A . 
C 2 HOH 59 168 168 HOH HOH A . 
C 2 HOH 60 169 170 HOH HOH A . 
C 2 HOH 61 170 173 HOH HOH A . 
C 2 HOH 62 171 175 HOH HOH A . 
C 2 HOH 63 172 176 HOH HOH A . 
C 2 HOH 64 173 178 HOH HOH A . 
C 2 HOH 65 174 180 HOH HOH A . 
C 2 HOH 66 175 181 HOH HOH A . 
C 2 HOH 67 176 182 HOH HOH A . 
C 2 HOH 68 177 194 HOH HOH A . 
C 2 HOH 69 178 197 HOH HOH A . 
C 2 HOH 70 179 205 HOH HOH A . 
C 2 HOH 71 180 206 HOH HOH A . 
C 2 HOH 72 181 208 HOH HOH A . 
C 2 HOH 73 182 209 HOH HOH A . 
C 2 HOH 74 183 211 HOH HOH A . 
D 2 HOH 1  110 4   HOH HOH B . 
D 2 HOH 2  111 6   HOH HOH B . 
D 2 HOH 3  112 7   HOH HOH B . 
D 2 HOH 4  113 11  HOH HOH B . 
D 2 HOH 5  114 13  HOH HOH B . 
D 2 HOH 6  115 15  HOH HOH B . 
D 2 HOH 7  116 17  HOH HOH B . 
D 2 HOH 8  117 25  HOH HOH B . 
D 2 HOH 9  118 30  HOH HOH B . 
D 2 HOH 10 119 34  HOH HOH B . 
D 2 HOH 11 120 37  HOH HOH B . 
D 2 HOH 12 121 44  HOH HOH B . 
D 2 HOH 13 122 49  HOH HOH B . 
D 2 HOH 14 123 50  HOH HOH B . 
D 2 HOH 15 124 51  HOH HOH B . 
D 2 HOH 16 125 53  HOH HOH B . 
D 2 HOH 17 126 54  HOH HOH B . 
D 2 HOH 18 127 58  HOH HOH B . 
D 2 HOH 19 128 60  HOH HOH B . 
D 2 HOH 20 129 61  HOH HOH B . 
D 2 HOH 21 130 62  HOH HOH B . 
D 2 HOH 22 131 64  HOH HOH B . 
D 2 HOH 23 132 68  HOH HOH B . 
D 2 HOH 24 133 71  HOH HOH B . 
D 2 HOH 25 134 73  HOH HOH B . 
D 2 HOH 26 135 75  HOH HOH B . 
D 2 HOH 27 136 80  HOH HOH B . 
D 2 HOH 28 137 83  HOH HOH B . 
D 2 HOH 29 138 84  HOH HOH B . 
D 2 HOH 30 139 87  HOH HOH B . 
D 2 HOH 31 140 92  HOH HOH B . 
D 2 HOH 32 141 93  HOH HOH B . 
D 2 HOH 33 142 94  HOH HOH B . 
D 2 HOH 34 143 100 HOH HOH B . 
D 2 HOH 35 144 104 HOH HOH B . 
D 2 HOH 36 145 105 HOH HOH B . 
D 2 HOH 37 146 109 HOH HOH B . 
D 2 HOH 38 147 115 HOH HOH B . 
D 2 HOH 39 148 117 HOH HOH B . 
D 2 HOH 40 149 118 HOH HOH B . 
D 2 HOH 41 150 119 HOH HOH B . 
D 2 HOH 42 151 120 HOH HOH B . 
D 2 HOH 43 152 123 HOH HOH B . 
D 2 HOH 44 153 124 HOH HOH B . 
D 2 HOH 45 154 125 HOH HOH B . 
D 2 HOH 46 155 128 HOH HOH B . 
D 2 HOH 47 156 129 HOH HOH B . 
D 2 HOH 48 157 133 HOH HOH B . 
D 2 HOH 49 158 141 HOH HOH B . 
D 2 HOH 50 159 142 HOH HOH B . 
D 2 HOH 51 160 145 HOH HOH B . 
D 2 HOH 52 161 146 HOH HOH B . 
D 2 HOH 53 162 154 HOH HOH B . 
D 2 HOH 54 163 155 HOH HOH B . 
D 2 HOH 55 164 158 HOH HOH B . 
D 2 HOH 56 165 159 HOH HOH B . 
D 2 HOH 57 166 161 HOH HOH B . 
D 2 HOH 58 167 162 HOH HOH B . 
D 2 HOH 59 168 163 HOH HOH B . 
D 2 HOH 60 169 166 HOH HOH B . 
D 2 HOH 61 170 167 HOH HOH B . 
D 2 HOH 62 171 169 HOH HOH B . 
D 2 HOH 63 172 171 HOH HOH B . 
D 2 HOH 64 173 172 HOH HOH B . 
D 2 HOH 65 174 174 HOH HOH B . 
D 2 HOH 66 175 177 HOH HOH B . 
D 2 HOH 67 176 183 HOH HOH B . 
D 2 HOH 68 177 184 HOH HOH B . 
D 2 HOH 69 178 185 HOH HOH B . 
D 2 HOH 70 179 186 HOH HOH B . 
D 2 HOH 71 180 187 HOH HOH B . 
D 2 HOH 72 181 188 HOH HOH B . 
D 2 HOH 73 182 190 HOH HOH B . 
D 2 HOH 74 183 193 HOH HOH B . 
D 2 HOH 75 184 195 HOH HOH B . 
D 2 HOH 76 185 196 HOH HOH B . 
D 2 HOH 77 186 199 HOH HOH B . 
D 2 HOH 78 187 200 HOH HOH B . 
D 2 HOH 79 188 202 HOH HOH B . 
D 2 HOH 80 189 203 HOH HOH B . 
D 2 HOH 81 190 207 HOH HOH B . 
D 2 HOH 82 191 210 HOH HOH B . 
D 2 HOH 83 192 212 HOH HOH B . 
# 
loop_
_pdbx_struct_assembly.id 
_pdbx_struct_assembly.details 
_pdbx_struct_assembly.method_details 
_pdbx_struct_assembly.oligomeric_details 
_pdbx_struct_assembly.oligomeric_count 
1 author_defined_assembly ? monomeric 1 
2 author_defined_assembly ? monomeric 1 
# 
loop_
_pdbx_struct_assembly_gen.assembly_id 
_pdbx_struct_assembly_gen.oper_expression 
_pdbx_struct_assembly_gen.asym_id_list 
1 1 A,C 
2 1 B,D 
# 
_pdbx_struct_oper_list.id                   1 
_pdbx_struct_oper_list.type                 'identity operation' 
_pdbx_struct_oper_list.name                 1_555 
_pdbx_struct_oper_list.symmetry_operation   x,y,z 
_pdbx_struct_oper_list.matrix[1][1]         1.0000000000 
_pdbx_struct_oper_list.matrix[1][2]         0.0000000000 
_pdbx_struct_oper_list.matrix[1][3]         0.0000000000 
_pdbx_struct_oper_list.vector[1]            0.0000000000 
_pdbx_struct_oper_list.matrix[2][1]         0.0000000000 
_pdbx_struct_oper_list.matrix[2][2]         1.0000000000 
_pdbx_struct_oper_list.matrix[2][3]         0.0000000000 
_pdbx_struct_oper_list.vector[2]            0.0000000000 
_pdbx_struct_oper_list.matrix[3][1]         0.0000000000 
_pdbx_struct_oper_list.matrix[3][2]         0.0000000000 
_pdbx_struct_oper_list.matrix[3][3]         1.0000000000 
_pdbx_struct_oper_list.vector[3]            0.0000000000 
# 
loop_
_pdbx_audit_revision_history.ordinal 
_pdbx_audit_revision_history.data_content_type 
_pdbx_audit_revision_history.major_revision 
_pdbx_audit_revision_history.minor_revision 
_pdbx_audit_revision_history.revision_date 
1 'Structure model' 1 0 2003-12-23 
2 'Structure model' 1 1 2008-04-29 
3 'Structure model' 1 2 2011-07-13 
4 'Structure model' 1 3 2017-10-11 
5 'Structure model' 1 4 2023-08-23 
# 
_pdbx_audit_revision_details.ordinal             1 
_pdbx_audit_revision_details.revision_ordinal    1 
_pdbx_audit_revision_details.data_content_type   'Structure model' 
_pdbx_audit_revision_details.provider            repository 
_pdbx_audit_revision_details.type                'Initial release' 
_pdbx_audit_revision_details.description         ? 
_pdbx_audit_revision_details.details             ? 
# 
loop_
_pdbx_audit_revision_group.ordinal 
_pdbx_audit_revision_group.revision_ordinal 
_pdbx_audit_revision_group.data_content_type 
_pdbx_audit_revision_group.group 
1 2 'Structure model' 'Version format compliance' 
2 3 'Structure model' 'Version format compliance' 
3 4 'Structure model' 'Refinement description'    
4 5 'Structure model' 'Data collection'           
5 5 'Structure model' 'Database references'       
6 5 'Structure model' 'Refinement description'    
# 
loop_
_pdbx_audit_revision_category.ordinal 
_pdbx_audit_revision_category.revision_ordinal 
_pdbx_audit_revision_category.data_content_type 
_pdbx_audit_revision_category.category 
1 4 'Structure model' software                      
2 5 'Structure model' chem_comp_atom                
3 5 'Structure model' chem_comp_bond                
4 5 'Structure model' database_2                    
5 5 'Structure model' pdbx_initial_refinement_model 
# 
loop_
_pdbx_audit_revision_item.ordinal 
_pdbx_audit_revision_item.revision_ordinal 
_pdbx_audit_revision_item.data_content_type 
_pdbx_audit_revision_item.item 
1 5 'Structure model' '_database_2.pdbx_DOI'                
2 5 'Structure model' '_database_2.pdbx_database_accession' 
# 
loop_
_software.name 
_software.classification 
_software.version 
_software.citation_id 
_software.pdbx_ordinal 
SCALEPACK 'data scaling' .   ? 1 
MOLREP    phasing        .   ? 2 
CNS       refinement     1.1 ? 3 
# 
loop_
_pdbx_validate_torsion.id 
_pdbx_validate_torsion.PDB_model_num 
_pdbx_validate_torsion.auth_comp_id 
_pdbx_validate_torsion.auth_asym_id 
_pdbx_validate_torsion.auth_seq_id 
_pdbx_validate_torsion.PDB_ins_code 
_pdbx_validate_torsion.label_alt_id 
_pdbx_validate_torsion.phi 
_pdbx_validate_torsion.psi 
1 1 VAL A 17 ? ? 170.96 -169.69 
2 1 ALA A 83 ? ? 11.28  -89.83  
3 1 VAL B 17 ? ? 172.92 -173.10 
4 1 ASP B 84 ? ? 73.15  -0.20   
# 
loop_
_pdbx_unobs_or_zero_occ_atoms.id 
_pdbx_unobs_or_zero_occ_atoms.PDB_model_num 
_pdbx_unobs_or_zero_occ_atoms.polymer_flag 
_pdbx_unobs_or_zero_occ_atoms.occupancy_flag 
_pdbx_unobs_or_zero_occ_atoms.auth_asym_id 
_pdbx_unobs_or_zero_occ_atoms.auth_comp_id 
_pdbx_unobs_or_zero_occ_atoms.auth_seq_id 
_pdbx_unobs_or_zero_occ_atoms.PDB_ins_code 
_pdbx_unobs_or_zero_occ_atoms.auth_atom_id 
_pdbx_unobs_or_zero_occ_atoms.label_alt_id 
_pdbx_unobs_or_zero_occ_atoms.label_asym_id 
_pdbx_unobs_or_zero_occ_atoms.label_comp_id 
_pdbx_unobs_or_zero_occ_atoms.label_seq_id 
_pdbx_unobs_or_zero_occ_atoms.label_atom_id 
1 1 Y 1 A VAL 17 ? CB  ? A VAL 17 CB  
2 1 Y 1 A VAL 17 ? CG1 ? A VAL 17 CG1 
3 1 Y 1 A VAL 17 ? CG2 ? A VAL 17 CG2 
4 1 Y 1 B VAL 17 ? CB  ? B VAL 17 CB  
5 1 Y 1 B VAL 17 ? CG1 ? B VAL 17 CG1 
6 1 Y 1 B VAL 17 ? CG2 ? B VAL 17 CG2 
# 
loop_
_pdbx_unobs_or_zero_occ_residues.id 
_pdbx_unobs_or_zero_occ_residues.PDB_model_num 
_pdbx_unobs_or_zero_occ_residues.polymer_flag 
_pdbx_unobs_or_zero_occ_residues.occupancy_flag 
_pdbx_unobs_or_zero_occ_residues.auth_asym_id 
_pdbx_unobs_or_zero_occ_residues.auth_comp_id 
_pdbx_unobs_or_zero_occ_residues.auth_seq_id 
_pdbx_unobs_or_zero_occ_residues.PDB_ins_code 
_pdbx_unobs_or_zero_occ_residues.label_asym_id 
_pdbx_unobs_or_zero_occ_residues.label_comp_id 
_pdbx_unobs_or_zero_occ_residues.label_seq_id 
1 1 Y 1 A MET 1 ? A MET 1 
2 1 Y 1 A SER 2 ? A SER 2 
3 1 Y 1 B MET 1 ? B MET 1 
4 1 Y 1 B SER 2 ? B SER 2 
# 
loop_
_chem_comp_atom.comp_id 
_chem_comp_atom.atom_id 
_chem_comp_atom.type_symbol 
_chem_comp_atom.pdbx_aromatic_flag 
_chem_comp_atom.pdbx_stereo_config 
_chem_comp_atom.pdbx_ordinal 
ALA N    N N N 1   
ALA CA   C N S 2   
ALA C    C N N 3   
ALA O    O N N 4   
ALA CB   C N N 5   
ALA OXT  O N N 6   
ALA H    H N N 7   
ALA H2   H N N 8   
ALA HA   H N N 9   
ALA HB1  H N N 10  
ALA HB2  H N N 11  
ALA HB3  H N N 12  
ALA HXT  H N N 13  
ARG N    N N N 14  
ARG CA   C N S 15  
ARG C    C N N 16  
ARG O    O N N 17  
ARG CB   C N N 18  
ARG CG   C N N 19  
ARG CD   C N N 20  
ARG NE   N N N 21  
ARG CZ   C N N 22  
ARG NH1  N N N 23  
ARG NH2  N N N 24  
ARG OXT  O N N 25  
ARG H    H N N 26  
ARG H2   H N N 27  
ARG HA   H N N 28  
ARG HB2  H N N 29  
ARG HB3  H N N 30  
ARG HG2  H N N 31  
ARG HG3  H N N 32  
ARG HD2  H N N 33  
ARG HD3  H N N 34  
ARG HE   H N N 35  
ARG HH11 H N N 36  
ARG HH12 H N N 37  
ARG HH21 H N N 38  
ARG HH22 H N N 39  
ARG HXT  H N N 40  
ASN N    N N N 41  
ASN CA   C N S 42  
ASN C    C N N 43  
ASN O    O N N 44  
ASN CB   C N N 45  
ASN CG   C N N 46  
ASN OD1  O N N 47  
ASN ND2  N N N 48  
ASN OXT  O N N 49  
ASN H    H N N 50  
ASN H2   H N N 51  
ASN HA   H N N 52  
ASN HB2  H N N 53  
ASN HB3  H N N 54  
ASN HD21 H N N 55  
ASN HD22 H N N 56  
ASN HXT  H N N 57  
ASP N    N N N 58  
ASP CA   C N S 59  
ASP C    C N N 60  
ASP O    O N N 61  
ASP CB   C N N 62  
ASP CG   C N N 63  
ASP OD1  O N N 64  
ASP OD2  O N N 65  
ASP OXT  O N N 66  
ASP H    H N N 67  
ASP H2   H N N 68  
ASP HA   H N N 69  
ASP HB2  H N N 70  
ASP HB3  H N N 71  
ASP HD2  H N N 72  
ASP HXT  H N N 73  
CYS N    N N N 74  
CYS CA   C N R 75  
CYS C    C N N 76  
CYS O    O N N 77  
CYS CB   C N N 78  
CYS SG   S N N 79  
CYS OXT  O N N 80  
CYS H    H N N 81  
CYS H2   H N N 82  
CYS HA   H N N 83  
CYS HB2  H N N 84  
CYS HB3  H N N 85  
CYS HG   H N N 86  
CYS HXT  H N N 87  
GLN N    N N N 88  
GLN CA   C N S 89  
GLN C    C N N 90  
GLN O    O N N 91  
GLN CB   C N N 92  
GLN CG   C N N 93  
GLN CD   C N N 94  
GLN OE1  O N N 95  
GLN NE2  N N N 96  
GLN OXT  O N N 97  
GLN H    H N N 98  
GLN H2   H N N 99  
GLN HA   H N N 100 
GLN HB2  H N N 101 
GLN HB3  H N N 102 
GLN HG2  H N N 103 
GLN HG3  H N N 104 
GLN HE21 H N N 105 
GLN HE22 H N N 106 
GLN HXT  H N N 107 
GLU N    N N N 108 
GLU CA   C N S 109 
GLU C    C N N 110 
GLU O    O N N 111 
GLU CB   C N N 112 
GLU CG   C N N 113 
GLU CD   C N N 114 
GLU OE1  O N N 115 
GLU OE2  O N N 116 
GLU OXT  O N N 117 
GLU H    H N N 118 
GLU H2   H N N 119 
GLU HA   H N N 120 
GLU HB2  H N N 121 
GLU HB3  H N N 122 
GLU HG2  H N N 123 
GLU HG3  H N N 124 
GLU HE2  H N N 125 
GLU HXT  H N N 126 
GLY N    N N N 127 
GLY CA   C N N 128 
GLY C    C N N 129 
GLY O    O N N 130 
GLY OXT  O N N 131 
GLY H    H N N 132 
GLY H2   H N N 133 
GLY HA2  H N N 134 
GLY HA3  H N N 135 
GLY HXT  H N N 136 
HIS N    N N N 137 
HIS CA   C N S 138 
HIS C    C N N 139 
HIS O    O N N 140 
HIS CB   C N N 141 
HIS CG   C Y N 142 
HIS ND1  N Y N 143 
HIS CD2  C Y N 144 
HIS CE1  C Y N 145 
HIS NE2  N Y N 146 
HIS OXT  O N N 147 
HIS H    H N N 148 
HIS H2   H N N 149 
HIS HA   H N N 150 
HIS HB2  H N N 151 
HIS HB3  H N N 152 
HIS HD1  H N N 153 
HIS HD2  H N N 154 
HIS HE1  H N N 155 
HIS HE2  H N N 156 
HIS HXT  H N N 157 
HOH O    O N N 158 
HOH H1   H N N 159 
HOH H2   H N N 160 
ILE N    N N N 161 
ILE CA   C N S 162 
ILE C    C N N 163 
ILE O    O N N 164 
ILE CB   C N S 165 
ILE CG1  C N N 166 
ILE CG2  C N N 167 
ILE CD1  C N N 168 
ILE OXT  O N N 169 
ILE H    H N N 170 
ILE H2   H N N 171 
ILE HA   H N N 172 
ILE HB   H N N 173 
ILE HG12 H N N 174 
ILE HG13 H N N 175 
ILE HG21 H N N 176 
ILE HG22 H N N 177 
ILE HG23 H N N 178 
ILE HD11 H N N 179 
ILE HD12 H N N 180 
ILE HD13 H N N 181 
ILE HXT  H N N 182 
LEU N    N N N 183 
LEU CA   C N S 184 
LEU C    C N N 185 
LEU O    O N N 186 
LEU CB   C N N 187 
LEU CG   C N N 188 
LEU CD1  C N N 189 
LEU CD2  C N N 190 
LEU OXT  O N N 191 
LEU H    H N N 192 
LEU H2   H N N 193 
LEU HA   H N N 194 
LEU HB2  H N N 195 
LEU HB3  H N N 196 
LEU HG   H N N 197 
LEU HD11 H N N 198 
LEU HD12 H N N 199 
LEU HD13 H N N 200 
LEU HD21 H N N 201 
LEU HD22 H N N 202 
LEU HD23 H N N 203 
LEU HXT  H N N 204 
LYS N    N N N 205 
LYS CA   C N S 206 
LYS C    C N N 207 
LYS O    O N N 208 
LYS CB   C N N 209 
LYS CG   C N N 210 
LYS CD   C N N 211 
LYS CE   C N N 212 
LYS NZ   N N N 213 
LYS OXT  O N N 214 
LYS H    H N N 215 
LYS H2   H N N 216 
LYS HA   H N N 217 
LYS HB2  H N N 218 
LYS HB3  H N N 219 
LYS HG2  H N N 220 
LYS HG3  H N N 221 
LYS HD2  H N N 222 
LYS HD3  H N N 223 
LYS HE2  H N N 224 
LYS HE3  H N N 225 
LYS HZ1  H N N 226 
LYS HZ2  H N N 227 
LYS HZ3  H N N 228 
LYS HXT  H N N 229 
MET N    N N N 230 
MET CA   C N S 231 
MET C    C N N 232 
MET O    O N N 233 
MET CB   C N N 234 
MET CG   C N N 235 
MET SD   S N N 236 
MET CE   C N N 237 
MET OXT  O N N 238 
MET H    H N N 239 
MET H2   H N N 240 
MET HA   H N N 241 
MET HB2  H N N 242 
MET HB3  H N N 243 
MET HG2  H N N 244 
MET HG3  H N N 245 
MET HE1  H N N 246 
MET HE2  H N N 247 
MET HE3  H N N 248 
MET HXT  H N N 249 
PHE N    N N N 250 
PHE CA   C N S 251 
PHE C    C N N 252 
PHE O    O N N 253 
PHE CB   C N N 254 
PHE CG   C Y N 255 
PHE CD1  C Y N 256 
PHE CD2  C Y N 257 
PHE CE1  C Y N 258 
PHE CE2  C Y N 259 
PHE CZ   C Y N 260 
PHE OXT  O N N 261 
PHE H    H N N 262 
PHE H2   H N N 263 
PHE HA   H N N 264 
PHE HB2  H N N 265 
PHE HB3  H N N 266 
PHE HD1  H N N 267 
PHE HD2  H N N 268 
PHE HE1  H N N 269 
PHE HE2  H N N 270 
PHE HZ   H N N 271 
PHE HXT  H N N 272 
PRO N    N N N 273 
PRO CA   C N S 274 
PRO C    C N N 275 
PRO O    O N N 276 
PRO CB   C N N 277 
PRO CG   C N N 278 
PRO CD   C N N 279 
PRO OXT  O N N 280 
PRO H    H N N 281 
PRO HA   H N N 282 
PRO HB2  H N N 283 
PRO HB3  H N N 284 
PRO HG2  H N N 285 
PRO HG3  H N N 286 
PRO HD2  H N N 287 
PRO HD3  H N N 288 
PRO HXT  H N N 289 
SER N    N N N 290 
SER CA   C N S 291 
SER C    C N N 292 
SER O    O N N 293 
SER CB   C N N 294 
SER OG   O N N 295 
SER OXT  O N N 296 
SER H    H N N 297 
SER H2   H N N 298 
SER HA   H N N 299 
SER HB2  H N N 300 
SER HB3  H N N 301 
SER HG   H N N 302 
SER HXT  H N N 303 
THR N    N N N 304 
THR CA   C N S 305 
THR C    C N N 306 
THR O    O N N 307 
THR CB   C N R 308 
THR OG1  O N N 309 
THR CG2  C N N 310 
THR OXT  O N N 311 
THR H    H N N 312 
THR H2   H N N 313 
THR HA   H N N 314 
THR HB   H N N 315 
THR HG1  H N N 316 
THR HG21 H N N 317 
THR HG22 H N N 318 
THR HG23 H N N 319 
THR HXT  H N N 320 
TYR N    N N N 321 
TYR CA   C N S 322 
TYR C    C N N 323 
TYR O    O N N 324 
TYR CB   C N N 325 
TYR CG   C Y N 326 
TYR CD1  C Y N 327 
TYR CD2  C Y N 328 
TYR CE1  C Y N 329 
TYR CE2  C Y N 330 
TYR CZ   C Y N 331 
TYR OH   O N N 332 
TYR OXT  O N N 333 
TYR H    H N N 334 
TYR H2   H N N 335 
TYR HA   H N N 336 
TYR HB2  H N N 337 
TYR HB3  H N N 338 
TYR HD1  H N N 339 
TYR HD2  H N N 340 
TYR HE1  H N N 341 
TYR HE2  H N N 342 
TYR HH   H N N 343 
TYR HXT  H N N 344 
VAL N    N N N 345 
VAL CA   C N S 346 
VAL C    C N N 347 
VAL O    O N N 348 
VAL CB   C N N 349 
VAL CG1  C N N 350 
VAL CG2  C N N 351 
VAL OXT  O N N 352 
VAL H    H N N 353 
VAL H2   H N N 354 
VAL HA   H N N 355 
VAL HB   H N N 356 
VAL HG11 H N N 357 
VAL HG12 H N N 358 
VAL HG13 H N N 359 
VAL HG21 H N N 360 
VAL HG22 H N N 361 
VAL HG23 H N N 362 
VAL HXT  H N N 363 
# 
loop_
_chem_comp_bond.comp_id 
_chem_comp_bond.atom_id_1 
_chem_comp_bond.atom_id_2 
_chem_comp_bond.value_order 
_chem_comp_bond.pdbx_aromatic_flag 
_chem_comp_bond.pdbx_stereo_config 
_chem_comp_bond.pdbx_ordinal 
ALA N   CA   sing N N 1   
ALA N   H    sing N N 2   
ALA N   H2   sing N N 3   
ALA CA  C    sing N N 4   
ALA CA  CB   sing N N 5   
ALA CA  HA   sing N N 6   
ALA C   O    doub N N 7   
ALA C   OXT  sing N N 8   
ALA CB  HB1  sing N N 9   
ALA CB  HB2  sing N N 10  
ALA CB  HB3  sing N N 11  
ALA OXT HXT  sing N N 12  
ARG N   CA   sing N N 13  
ARG N   H    sing N N 14  
ARG N   H2   sing N N 15  
ARG CA  C    sing N N 16  
ARG CA  CB   sing N N 17  
ARG CA  HA   sing N N 18  
ARG C   O    doub N N 19  
ARG C   OXT  sing N N 20  
ARG CB  CG   sing N N 21  
ARG CB  HB2  sing N N 22  
ARG CB  HB3  sing N N 23  
ARG CG  CD   sing N N 24  
ARG CG  HG2  sing N N 25  
ARG CG  HG3  sing N N 26  
ARG CD  NE   sing N N 27  
ARG CD  HD2  sing N N 28  
ARG CD  HD3  sing N N 29  
ARG NE  CZ   sing N N 30  
ARG NE  HE   sing N N 31  
ARG CZ  NH1  sing N N 32  
ARG CZ  NH2  doub N N 33  
ARG NH1 HH11 sing N N 34  
ARG NH1 HH12 sing N N 35  
ARG NH2 HH21 sing N N 36  
ARG NH2 HH22 sing N N 37  
ARG OXT HXT  sing N N 38  
ASN N   CA   sing N N 39  
ASN N   H    sing N N 40  
ASN N   H2   sing N N 41  
ASN CA  C    sing N N 42  
ASN CA  CB   sing N N 43  
ASN CA  HA   sing N N 44  
ASN C   O    doub N N 45  
ASN C   OXT  sing N N 46  
ASN CB  CG   sing N N 47  
ASN CB  HB2  sing N N 48  
ASN CB  HB3  sing N N 49  
ASN CG  OD1  doub N N 50  
ASN CG  ND2  sing N N 51  
ASN ND2 HD21 sing N N 52  
ASN ND2 HD22 sing N N 53  
ASN OXT HXT  sing N N 54  
ASP N   CA   sing N N 55  
ASP N   H    sing N N 56  
ASP N   H2   sing N N 57  
ASP CA  C    sing N N 58  
ASP CA  CB   sing N N 59  
ASP CA  HA   sing N N 60  
ASP C   O    doub N N 61  
ASP C   OXT  sing N N 62  
ASP CB  CG   sing N N 63  
ASP CB  HB2  sing N N 64  
ASP CB  HB3  sing N N 65  
ASP CG  OD1  doub N N 66  
ASP CG  OD2  sing N N 67  
ASP OD2 HD2  sing N N 68  
ASP OXT HXT  sing N N 69  
CYS N   CA   sing N N 70  
CYS N   H    sing N N 71  
CYS N   H2   sing N N 72  
CYS CA  C    sing N N 73  
CYS CA  CB   sing N N 74  
CYS CA  HA   sing N N 75  
CYS C   O    doub N N 76  
CYS C   OXT  sing N N 77  
CYS CB  SG   sing N N 78  
CYS CB  HB2  sing N N 79  
CYS CB  HB3  sing N N 80  
CYS SG  HG   sing N N 81  
CYS OXT HXT  sing N N 82  
GLN N   CA   sing N N 83  
GLN N   H    sing N N 84  
GLN N   H2   sing N N 85  
GLN CA  C    sing N N 86  
GLN CA  CB   sing N N 87  
GLN CA  HA   sing N N 88  
GLN C   O    doub N N 89  
GLN C   OXT  sing N N 90  
GLN CB  CG   sing N N 91  
GLN CB  HB2  sing N N 92  
GLN CB  HB3  sing N N 93  
GLN CG  CD   sing N N 94  
GLN CG  HG2  sing N N 95  
GLN CG  HG3  sing N N 96  
GLN CD  OE1  doub N N 97  
GLN CD  NE2  sing N N 98  
GLN NE2 HE21 sing N N 99  
GLN NE2 HE22 sing N N 100 
GLN OXT HXT  sing N N 101 
GLU N   CA   sing N N 102 
GLU N   H    sing N N 103 
GLU N   H2   sing N N 104 
GLU CA  C    sing N N 105 
GLU CA  CB   sing N N 106 
GLU CA  HA   sing N N 107 
GLU C   O    doub N N 108 
GLU C   OXT  sing N N 109 
GLU CB  CG   sing N N 110 
GLU CB  HB2  sing N N 111 
GLU CB  HB3  sing N N 112 
GLU CG  CD   sing N N 113 
GLU CG  HG2  sing N N 114 
GLU CG  HG3  sing N N 115 
GLU CD  OE1  doub N N 116 
GLU CD  OE2  sing N N 117 
GLU OE2 HE2  sing N N 118 
GLU OXT HXT  sing N N 119 
GLY N   CA   sing N N 120 
GLY N   H    sing N N 121 
GLY N   H2   sing N N 122 
GLY CA  C    sing N N 123 
GLY CA  HA2  sing N N 124 
GLY CA  HA3  sing N N 125 
GLY C   O    doub N N 126 
GLY C   OXT  sing N N 127 
GLY OXT HXT  sing N N 128 
HIS N   CA   sing N N 129 
HIS N   H    sing N N 130 
HIS N   H2   sing N N 131 
HIS CA  C    sing N N 132 
HIS CA  CB   sing N N 133 
HIS CA  HA   sing N N 134 
HIS C   O    doub N N 135 
HIS C   OXT  sing N N 136 
HIS CB  CG   sing N N 137 
HIS CB  HB2  sing N N 138 
HIS CB  HB3  sing N N 139 
HIS CG  ND1  sing Y N 140 
HIS CG  CD2  doub Y N 141 
HIS ND1 CE1  doub Y N 142 
HIS ND1 HD1  sing N N 143 
HIS CD2 NE2  sing Y N 144 
HIS CD2 HD2  sing N N 145 
HIS CE1 NE2  sing Y N 146 
HIS CE1 HE1  sing N N 147 
HIS NE2 HE2  sing N N 148 
HIS OXT HXT  sing N N 149 
HOH O   H1   sing N N 150 
HOH O   H2   sing N N 151 
ILE N   CA   sing N N 152 
ILE N   H    sing N N 153 
ILE N   H2   sing N N 154 
ILE CA  C    sing N N 155 
ILE CA  CB   sing N N 156 
ILE CA  HA   sing N N 157 
ILE C   O    doub N N 158 
ILE C   OXT  sing N N 159 
ILE CB  CG1  sing N N 160 
ILE CB  CG2  sing N N 161 
ILE CB  HB   sing N N 162 
ILE CG1 CD1  sing N N 163 
ILE CG1 HG12 sing N N 164 
ILE CG1 HG13 sing N N 165 
ILE CG2 HG21 sing N N 166 
ILE CG2 HG22 sing N N 167 
ILE CG2 HG23 sing N N 168 
ILE CD1 HD11 sing N N 169 
ILE CD1 HD12 sing N N 170 
ILE CD1 HD13 sing N N 171 
ILE OXT HXT  sing N N 172 
LEU N   CA   sing N N 173 
LEU N   H    sing N N 174 
LEU N   H2   sing N N 175 
LEU CA  C    sing N N 176 
LEU CA  CB   sing N N 177 
LEU CA  HA   sing N N 178 
LEU C   O    doub N N 179 
LEU C   OXT  sing N N 180 
LEU CB  CG   sing N N 181 
LEU CB  HB2  sing N N 182 
LEU CB  HB3  sing N N 183 
LEU CG  CD1  sing N N 184 
LEU CG  CD2  sing N N 185 
LEU CG  HG   sing N N 186 
LEU CD1 HD11 sing N N 187 
LEU CD1 HD12 sing N N 188 
LEU CD1 HD13 sing N N 189 
LEU CD2 HD21 sing N N 190 
LEU CD2 HD22 sing N N 191 
LEU CD2 HD23 sing N N 192 
LEU OXT HXT  sing N N 193 
LYS N   CA   sing N N 194 
LYS N   H    sing N N 195 
LYS N   H2   sing N N 196 
LYS CA  C    sing N N 197 
LYS CA  CB   sing N N 198 
LYS CA  HA   sing N N 199 
LYS C   O    doub N N 200 
LYS C   OXT  sing N N 201 
LYS CB  CG   sing N N 202 
LYS CB  HB2  sing N N 203 
LYS CB  HB3  sing N N 204 
LYS CG  CD   sing N N 205 
LYS CG  HG2  sing N N 206 
LYS CG  HG3  sing N N 207 
LYS CD  CE   sing N N 208 
LYS CD  HD2  sing N N 209 
LYS CD  HD3  sing N N 210 
LYS CE  NZ   sing N N 211 
LYS CE  HE2  sing N N 212 
LYS CE  HE3  sing N N 213 
LYS NZ  HZ1  sing N N 214 
LYS NZ  HZ2  sing N N 215 
LYS NZ  HZ3  sing N N 216 
LYS OXT HXT  sing N N 217 
MET N   CA   sing N N 218 
MET N   H    sing N N 219 
MET N   H2   sing N N 220 
MET CA  C    sing N N 221 
MET CA  CB   sing N N 222 
MET CA  HA   sing N N 223 
MET C   O    doub N N 224 
MET C   OXT  sing N N 225 
MET CB  CG   sing N N 226 
MET CB  HB2  sing N N 227 
MET CB  HB3  sing N N 228 
MET CG  SD   sing N N 229 
MET CG  HG2  sing N N 230 
MET CG  HG3  sing N N 231 
MET SD  CE   sing N N 232 
MET CE  HE1  sing N N 233 
MET CE  HE2  sing N N 234 
MET CE  HE3  sing N N 235 
MET OXT HXT  sing N N 236 
PHE N   CA   sing N N 237 
PHE N   H    sing N N 238 
PHE N   H2   sing N N 239 
PHE CA  C    sing N N 240 
PHE CA  CB   sing N N 241 
PHE CA  HA   sing N N 242 
PHE C   O    doub N N 243 
PHE C   OXT  sing N N 244 
PHE CB  CG   sing N N 245 
PHE CB  HB2  sing N N 246 
PHE CB  HB3  sing N N 247 
PHE CG  CD1  doub Y N 248 
PHE CG  CD2  sing Y N 249 
PHE CD1 CE1  sing Y N 250 
PHE CD1 HD1  sing N N 251 
PHE CD2 CE2  doub Y N 252 
PHE CD2 HD2  sing N N 253 
PHE CE1 CZ   doub Y N 254 
PHE CE1 HE1  sing N N 255 
PHE CE2 CZ   sing Y N 256 
PHE CE2 HE2  sing N N 257 
PHE CZ  HZ   sing N N 258 
PHE OXT HXT  sing N N 259 
PRO N   CA   sing N N 260 
PRO N   CD   sing N N 261 
PRO N   H    sing N N 262 
PRO CA  C    sing N N 263 
PRO CA  CB   sing N N 264 
PRO CA  HA   sing N N 265 
PRO C   O    doub N N 266 
PRO C   OXT  sing N N 267 
PRO CB  CG   sing N N 268 
PRO CB  HB2  sing N N 269 
PRO CB  HB3  sing N N 270 
PRO CG  CD   sing N N 271 
PRO CG  HG2  sing N N 272 
PRO CG  HG3  sing N N 273 
PRO CD  HD2  sing N N 274 
PRO CD  HD3  sing N N 275 
PRO OXT HXT  sing N N 276 
SER N   CA   sing N N 277 
SER N   H    sing N N 278 
SER N   H2   sing N N 279 
SER CA  C    sing N N 280 
SER CA  CB   sing N N 281 
SER CA  HA   sing N N 282 
SER C   O    doub N N 283 
SER C   OXT  sing N N 284 
SER CB  OG   sing N N 285 
SER CB  HB2  sing N N 286 
SER CB  HB3  sing N N 287 
SER OG  HG   sing N N 288 
SER OXT HXT  sing N N 289 
THR N   CA   sing N N 290 
THR N   H    sing N N 291 
THR N   H2   sing N N 292 
THR CA  C    sing N N 293 
THR CA  CB   sing N N 294 
THR CA  HA   sing N N 295 
THR C   O    doub N N 296 
THR C   OXT  sing N N 297 
THR CB  OG1  sing N N 298 
THR CB  CG2  sing N N 299 
THR CB  HB   sing N N 300 
THR OG1 HG1  sing N N 301 
THR CG2 HG21 sing N N 302 
THR CG2 HG22 sing N N 303 
THR CG2 HG23 sing N N 304 
THR OXT HXT  sing N N 305 
TYR N   CA   sing N N 306 
TYR N   H    sing N N 307 
TYR N   H2   sing N N 308 
TYR CA  C    sing N N 309 
TYR CA  CB   sing N N 310 
TYR CA  HA   sing N N 311 
TYR C   O    doub N N 312 
TYR C   OXT  sing N N 313 
TYR CB  CG   sing N N 314 
TYR CB  HB2  sing N N 315 
TYR CB  HB3  sing N N 316 
TYR CG  CD1  doub Y N 317 
TYR CG  CD2  sing Y N 318 
TYR CD1 CE1  sing Y N 319 
TYR CD1 HD1  sing N N 320 
TYR CD2 CE2  doub Y N 321 
TYR CD2 HD2  sing N N 322 
TYR CE1 CZ   doub Y N 323 
TYR CE1 HE1  sing N N 324 
TYR CE2 CZ   sing Y N 325 
TYR CE2 HE2  sing N N 326 
TYR CZ  OH   sing N N 327 
TYR OH  HH   sing N N 328 
TYR OXT HXT  sing N N 329 
VAL N   CA   sing N N 330 
VAL N   H    sing N N 331 
VAL N   H2   sing N N 332 
VAL CA  C    sing N N 333 
VAL CA  CB   sing N N 334 
VAL CA  HA   sing N N 335 
VAL C   O    doub N N 336 
VAL C   OXT  sing N N 337 
VAL CB  CG1  sing N N 338 
VAL CB  CG2  sing N N 339 
VAL CB  HB   sing N N 340 
VAL CG1 HG11 sing N N 341 
VAL CG1 HG12 sing N N 342 
VAL CG1 HG13 sing N N 343 
VAL CG2 HG21 sing N N 344 
VAL CG2 HG22 sing N N 345 
VAL CG2 HG23 sing N N 346 
VAL OXT HXT  sing N N 347 
# 
_pdbx_entity_nonpoly.entity_id   2 
_pdbx_entity_nonpoly.name        water 
_pdbx_entity_nonpoly.comp_id     HOH 
# 
_pdbx_initial_refinement_model.id               1 
_pdbx_initial_refinement_model.entity_id_list   ? 
_pdbx_initial_refinement_model.type             'experimental model' 
_pdbx_initial_refinement_model.source_name      PDB 
_pdbx_initial_refinement_model.accession_code   1M1S 
_pdbx_initial_refinement_model.details          'Homology model (Swiss Model)based on PDB Entry 1M1S' 
# 
